data_9C3C
#
_entry.id   9C3C
#
_cell.length_a   1.00
_cell.length_b   1.00
_cell.length_c   1.00
_cell.angle_alpha   90.00
_cell.angle_beta   90.00
_cell.angle_gamma   90.00
#
_symmetry.space_group_name_H-M   'P 1'
#
loop_
_entity.id
_entity.type
_entity.pdbx_description
1 polymer Alpha-dystroglycan
2 polymer Beta-dystroglycan
3 polymer Dystrophin
4 polymer Alpha-sarcoglycan
5 polymer Beta-sarcoglycan
6 polymer 'Sarcoglycan delta'
7 polymer Gamma-sarcoglycan
8 polymer Sarcospan
9 polymer Dystrobrevin
10 branched beta-D-mannopyranose-(1-4)-2-acetamido-2-deoxy-beta-D-glucopyranose-(1-4)-2-acetamido-2-deoxy-beta-D-glucopyranose
11 branched 2-acetamido-2-deoxy-beta-D-glucopyranose-(1-4)-2-acetamido-2-deoxy-beta-D-glucopyranose
12 non-polymer 2-acetamido-2-deoxy-beta-D-glucopyranose
#
loop_
_entity_poly.entity_id
_entity_poly.type
_entity_poly.pdbx_seq_one_letter_code
_entity_poly.pdbx_strand_id
1 'polypeptide(L)'
;HWPSEPSEAVRDWENQLEASMHSVLSDLHEALPTVVGIPDGTAVVGRSFRVTIPTDLIGSSGEVIKVSTAGKEVLPSWLH
WDPQSHTLEGLPLDTDKGVHYISVSAAQLDANGSHIPQTSSVFSIEVYPEDHSEPQSVRAASPDLGEAAASACAAEEPVT
VLTVILDADLTKMTPKQRIDLLHRMQSFSEVELHNMKLVPVVNNRLFDMSAFMAGPGNAKKVVENGALLSWKLGCSLNQN
SVPDIRGVEAPAREGTMSAQLGYPVVGWHIANKKPPLPKRIRRQIHATPTPVTAIGPPTTAIQEPPSRIVPTPTSPAIAP
PTETMAPPVRDPVPGKPTVTTRTRGAIIQTPTLGPIQPTRVSDAGTVVSGQIRATVTIPGYVEPTAVATPPTTTTKKPRV
STPKPATPSTDSSATTTRRPTKKPRTPRPVPRVTTKAPITRLETASPPTRIRTTTSGVPRGGEPNQRPELKNHIDRVDAW
VGTYFEVKIPSDTFYDKEDTTTDKLKLTLKLREQQLVGEKSWVQFNSNSQLMYGLPDSSHVGKHEYFMHATDKGGLSAVD
AFEIHVHKRPQGDKAPARFKAKFVGDPAPVVNDIHKKIALVKKLAFAFGDRNCSTVTLQNITRG
;
A
2 'polypeptide(L)'
;SIVVEWTNNTLPLEPCPKEQITGLSRRIAEDNGQPRPAFTNALEPDFKATSIAITGSGSCRHLQFIPVAPPGIPSSVTPP
TEVPDRDPEKSSEDDVYLHTVIPAVVVAAILLIAGIIAMICYRKKRKGKLTLEDQATFIKKGVPI
;
B
3 'polypeptide(L)'
;MLWWEEVEDCYEREDVQKKTFTKWINAQFSKFGKQHIENLFSDLQDGRRLLDLLEGLTGQQLPKEKGSTRVHALNNVNKA
LRVLQKNNVDLVNIGSTDIVDGNHKLTLGLIWNIILHWQVKNVMKNIMAGLQQTNSEKILLSWVRQSTRNYSQVNVINFT
TSWSDGLALNALIHSHRPDLFDWNSVVCQQSATQRLEHAFNIAKCQLGIEKLLDPEDVATTYPDKKSILMYITSLFQVLP
QQVSIEAIQEVELLPRPSKVTREEHFQLHHQMHYSQQITVSLAQGYERTSSPKPRFKSYAYTQAAYVSTSDPTRSPFPSQ
HLEAPGDKSFGSSLMETEVSLDSYQTALEEVLSWLLSAEDTLQAQKEISSDVEEVKEQFHTHEGYMMDLTSHQGRVGNVL
QLGSQLIRTGKLSEEEETEVQEQMNLLNSRWECLRVASMEKQSNLHKVLMDLQNQKLKELNDWLTKTEERTRKMEEEPLG
PDLEDLKRQVQQHKVLQEDLEQEQVRVNSLTHMVVVVDESSGEHATAALEEQLKVLGDRWANICRWTEDRWVLLQDILLK
WQRFTEEQCLFSTWLSEKEDAVNKIHTTGFKDQNEMLSSLHKLTVLKTDLEKKKQSMDKLSSLNQALLSTLKNKSVTQKM
EAWLENFALRWDNLVQKLEKSSAQISQAVTTTQPSLTQTTVMETVTMVTTREQILVKHAQEELPPPPPQKKRQIIVDSEI
RKRLDVDITELHSWITRSEAVLQSPEFAIYRKEGNFSDLKEKVNAIEREKAEKFRKLQDASRSAQALVEQMVNEGVNADS
IKQALEQLNSRWIEFCQLLSERLHWLEYQNSIITFYNQLQQLEQMITTAENWLKTQPTTASEPTAIKSQLKMCKDEVNRL
SALQPQIERLKIQSTALKEKGQGPMFLDADFVAFTNHFNQVFADAQAREKELQTIFDTLPPTRYQETISTIRTWIQQSEP
KLSIPQLSVTEYEIMEQRLGELQALQSSLQEQQSGLTYLSTTVKEMAKKAPSEISRKYQSEFEEIEGHWKKLSYQLVDHC
QKLEEQMNKLRKIQNHIKTLKKWMAEVDVFLKEEWPALGDSEILKKQLKQCRLLVNDIQTIQPSLNSVNESGQKIKNEAE
PEFASRLETELRELNSQWDHMCRQVYTRKDALKAGLDKTLSLQKDLSEMHEWMTQAEEEYLERDFEYKTPDELQTAVEEM
KRAKEEAQQKESKVKLLTESVNSVIAQAPPAAQEALKKELDTLTTNYQWLCTRLNGKCKTLEEVWACWHELLSYLEKANK
WLNEVEVKLKTTETLPGGAEEISEVLDSLENLMQHSEDNPNQIRILAQTLTDGGVMDELINEELETFNSRWRELHEEAVR
RQKLLEQSIQSAQEIEKSLHLIQESLAFIDKQLAAYIADKVDAAQMPQEAQKIQSDLTSHEISLEEMKKHNQGKEAAQRV
LSQIDVAQKKLQDVSMKFRLFQKPANFEQRLEESKMILDEVKMHLPALETKSVEQEVVQSQLNHCVNLYKSLSEVKSEVE
MVIKTGRQIVQKKQTENPKELDERVTALKLHYNELGAKVTERKQQLEKCLKLSRKMRKEMNALTEWLAATDMELTKRSAV
EGMPSNLDAEIAWGKATQKEVEKQKAHLKSVIELGEALKTVLGKKETLVEDKLSLLNSNWVAVTSRAEEWLNLLLEYQKH
METFDQNVDHITKWIIQADTLLDESEKKKPQQKEDVLKRLKAEMNDIRPKVDSIRDQAANLMANRGDHCRKVVEPKISEL
NHRFAAISHRIKTGKASIPLKELEQFNSDIQKLLEPLEAEIQQGVNLKEEDFNKDMSEDNEGTVKELLQRGDNLHERITD
ERKREEIKIKQQLLQTKHNALKDLRSQRRKKALEISHQWYQYKRQADDLLKCLDDIEKKLASLPDPKDERKIKEIDRELQ
KKKEELNAVHRQAEGLSEDGAAMAVEPIQIQLSKRWREIESKFAQFRRLNFAQIHTVREETMVVMTEDMPLEISYVPSTY
LTEITHVSQALSEVDQLLNAPDLSAKDFEDLFKQEESLKNIKECMQQISGRIDVIHNKKAAALQSATAAERVKLQEALAQ
LDSQWEKVNKMYKDRQGRFDRSVEKWRRFHYDMKIFNQWLTEAEQFLKKTQIPENWEHAKYKWYLKELQDGIGQRQTVVR
TLNTTGEEIIQQSSKTDANILQEKLGNLNLRWQEVCKQLAERRKRLEEQKNILSEFQRDLNEFVLWLEEADNITSIPLEP
GNEQQLKEKLEQVKLLAEELPLRQGILKQLNEAGGTALVSAPISPEEQDKLENKLKQTNLQWIKVSKALPEKQEEIVAHV
KELGQLEEQLNHLLLWLTPIRNQLEIYNQPNQTGPFDIKETEVAVQAKQPDVERILSKGQHLYKEKPATQPVKRKLEDLS
SEWKVVNYLLQELRAKRPDLPPGPATIGASPSQTVTLVTQTVVTKEISLSELEMPSSLLLEVPALADFNRAWTELTDWLS
LLDRVLKSQQVIVGDLEDINEMIIKQKATLQELEQRRPQLEELITAAQNLKNKTSNQEARTIITDRIERIQNQWDEVQEH
LQNRRQQLNEMLKDSTQWLEAKEEAEQVLGQARAKLESWKEGPYTMDALQKKIEETKQLAKDLRQWQINVDVANDLALKL
LRDYSADDTRKVHMITENINASWGSIHKRVNEREATLEEAYRLLQQFPLDLEKFLAWLTEAETTANVLQDATHKERLPED
SKGVRELMKQWQDLQGEIEAHTDIYHNLDENGQKILRSLEGSDEAVLLQRRLDNMNFKWSELRKKSLNIRSHLEASSDQW
KRLHLSLQELLVWLQLKDDELNRQAPVGGDFPAVQKQNDVHRAFKRELKTKEPVIMSTLETVRIFLTEQPLGGLEKLYQE
PRELPPDERAQNVTRLLRKQAEEVNAEWEKLNLHSTDWQRKLDEALERLQELQEATDELDLKLRQAEVIKGSWQPVGDLL
IDSLQDHLEKVKALRGEIAPLKENVSHVNDLGRQLTTLGIQLSPYNLSTLEDLNTRWKLLQVAVEDRIRQLHEAHRDFGP
ASQHFLSTSVQGPWERAISPNKVPYYINHETQTTCWDHPKMTELYQSLADLNNVRFSAYRTAMKLRRLQKALCLDLLTLS
AACDALDQHNLKQNDQPMDILQIINCLTTVYDRLEQEHNNLVNVPLCVDMCLNWLLNVYDTGRTGRIRVLSFKTGIISLC
KAHLEDKYRYLFKQVASSTGFCDQRRLGLLLHDSIQIPRQLGEVASFGGSNIEPSVRSCFQFANNKPEIEAALFLDWMRL
EPQSMVWLPVLHRVAAAETAKHQAKCNICKECPIIGFRYRSLKHFNYDICQSCFFSGRVAKGHKMHYPMVEYCTPTTSGE
DVRDFAKVLKNKFRTKRYFAKHPRMGYLPVQTVLEGDNMETPVTLINFWPVDSAPASSPQLSHDDTHSRIEHYASRLAEM
ENSNGSYLNDSISPNESIDDEHLLIQHYCQSLNQDSPLSQPRSPAQILISLESEERGELERILADLEEENRNLQAEYDRL
KQQHEHKGLSPLPSPPEMMPTSPQSPRDAELIAEAKLLRQHKGRLEARMQILEDHNKQLESQLHRLRQLLEQPQAEAKVN
GTTVSSPSTSLQRSDSSQPMLLRVVGSQTSESMGEEDLPSPPQDTSTGLEEVMEQLNNSFPSSRGHNVGSLFHMADDLGR
AMESLVSVMTDEEGAE
;
D
4 'polypeptide(L)'
;QQTTLYPLVGRVFVHTLEPASFLHLPEHAAPATIPVTYHAHLQGHPDLPRWLRYTQRSPHHPGFLYGAATPEDRGRQVIE
VTAYNRDSFDTAGQSLVLLIRDPEGSPLPYQTEFLVRSHDVEEVLPPTPASHFLTALAGLWEPGELKLLNITSALDRGGR
VPLPIGGQKEGVYIKVGSASPFSTCLKMVASPDSHARCARGQPPLLSCYDTLAPHFRVDWCNVSLVDTSVPEPVDEVPTP
GDGILEHDPFFCPPTEATARDFLADALVTLLVPLLVALLLALLLAYIMCCRREGRLKRDLATSDIQMVHHCTIHENTEEL
RQMAAS
;
a
5 'polypeptide(L)'
;MAAAAAAAAEQQSSNGPVKKSMREKAVERRNVNKEHNSNFKAGYIPIDEDRLHKTGLRGRKGNLAICVIVLLFLLAVINL
IITLVIWAVIRIGPNGCDSMEFHESGLLRFKQVSDMGVIHPLYKSTVGGRRNENLVITGNNQPIVFQQGTTKLSVEKNKT
SITSDIGMQFFDPRTQNILFSTDYETHEFHLPSGVKSLNVQKASTERITSNATSDLNIKVDGRAIVRGNEGVFIMGKTIE
FHMGGNMELKAENSIILNGTVMVSTTRLPSSSSADQLGGGDWVRYKLCMCADGTLFKVQVTGQNVGCQVSDNPCGNTH
;
b
6 'polypeptide(L)'
;MPQEQYTHHRSTMPSAEGPQVYKVGIYGWRKRCLYFFVLLLMILILVNLAMTIWILKVMNFTIDGMGNLRITEKGLKLEG
DSEFLQPLYAKEIQSRPGNALYFKSARNVTVNILNDQTKVLTQLITGPKAVEAYGKKFEVKTVSGKLLFSADDNEVVVGA
ERLRVLGAEGTVFPKSIETPNVRADPFKELRLESPTRALVMEAPKGVEINAEAGNMEATCRTELRLESKDGEIKLDAAKI
KLPRLPHGSYTPTGTRQKVFEICVCANGRLFLSQAGTGSTCQINTSVCL
;
d
7 'polypeptide(L)'
;MAGEQYLTATEGTHIERPENQCVYKIGIYGWRKRCLYLLVLLLLIILVVNLALTIWILKVMWFSPTGMGHLHVTKDGLRL
EGESEFLFPLYAKEIHSRVDSSLLLQSTQNVTVNARNSDGEVTGRLKVGPQMVEVQSQQFQINSREGKSLFTVDEEEVVV
GTDRLRVTGPEGALFEHSVETPLVTADPFQDLRLESPTRSLSMDAPRGVHIEAHAGEVEALSQMDIVLHSSDGTLVLDAE
TVCLPKLLQGTQAASGSSQGLYEICVCPDGKLYLSVAGAGTTCQEHSHICL
;
g
8 'polypeptide(L)'
;MGKDRQPRGQQRQGDAAGPDDPGPKKGAGTREQRGEEEAQTCCGCRFPLLLALLQLALGVAVTVVGFLMASVSSSLLVRA
TPYWAGIIVCVVAYLGLFMLCVSYQVDERTCIQFSMKLLYFVLSALGLVVCVLAVAFAAHHYSLLTHLTCENAPDSCQCK
LPSSEPLSRTFVYRDVTDCTSITGTFQVFLLVQMVLNLVCGLVCLVACFVMWKHRYQVFYVGVRMCPLSASEGQQQKV
;
n
9 'polypeptide(L)'
;MIEDSGKRGNTMAERRQLFAEMRAQDLDRIRLSTYRTACKLRFVQKKCNLHLVDIWNVIEALRENALNNLDPNTELNVAR
LEAVLSTIFYQLNKRMPTTHQIHVEQSISLLLNFLLAAFDPEGHGKISVFAVKMALATLCGGKIMDKLRYIFSMISDSSG
VMVYGRYDQFLREVLKLPTAVFEGPSFGYTEQSARSCFSQQKKVTLNGFLDTLMSDPPPQCLVWLPLLHRLANVENVFHP
VECSYCHSESMMGFRYRCQQCHNYQLCQDCFWRGHAGGSHSNQHQMKEYTSWKSPAKKLTNALSKSLSCASSREPLHPMF
PDQPEKPLNLAHIVPPRPVTSMNDTLFSHSVPSSGSPFITRRLPEGISAASPVAEEHSLIKLYVNQLDHGARSPPKDSEV
EQNKMLARAAPAFLKGKGIQYSLNVADRLADEHVLIGLYVNMLRNNPSCMLESSNRLDEEHRLIARYAARLAAESSSSQP
TQQRSAPDISFTIDANKQQRQLIAELENKNREILQEIQRLRLEHEQASQPAPEKAQQNPTLLAELRLLRQRKDELEQRMS
ALQESRRELMVQLEGLMKLLKEEELKQGTQGASSPRSSPSHTISRPIPMPIRSASACSTPTHTPQDSLTGVGGDVQEAFA
QSSRRNLRNDLLVAADSITNTMSSLVKELNSEVGSETESNVDSEFTRTQFEDLVPSPTSEKAFLAQIQARKPGYIHSGAT
TSTVRSDMVTEDGDSYVRPEDENYDSDSVRQLENELKMEEYLKQKLQDEAYQLHVSTETRLKHPCPVTETKWHVLFWVFV
FFGGLLSLALQIYFWGLF
;
V
#
# COMPACT_ATOMS: atom_id res chain seq x y z
N THR A 34 80.61 57.37 -26.33
CA THR A 34 82.03 57.66 -26.12
C THR A 34 82.89 56.45 -26.45
N VAL A 35 83.61 56.53 -27.57
CA VAL A 35 84.50 55.45 -27.98
C VAL A 35 85.81 55.57 -27.21
N VAL A 36 86.21 54.50 -26.53
CA VAL A 36 87.42 54.46 -25.72
C VAL A 36 88.39 53.49 -26.37
N GLY A 37 89.61 53.96 -26.64
CA GLY A 37 90.62 53.13 -27.25
C GLY A 37 91.55 52.48 -26.24
N ILE A 38 91.30 51.22 -25.92
CA ILE A 38 92.16 50.49 -25.00
C ILE A 38 93.44 50.07 -25.74
N PRO A 39 94.62 50.38 -25.21
CA PRO A 39 95.86 50.00 -25.89
C PRO A 39 96.05 48.49 -25.92
N ASP A 40 96.77 48.04 -26.94
CA ASP A 40 97.06 46.61 -27.09
C ASP A 40 97.95 46.11 -25.97
N GLY A 41 97.72 44.87 -25.56
CA GLY A 41 98.47 44.27 -24.47
C GLY A 41 99.47 43.23 -24.94
N THR A 42 100.52 43.01 -24.14
CA THR A 42 101.56 42.04 -24.44
C THR A 42 101.69 41.07 -23.27
N ALA A 43 101.70 39.77 -23.57
CA ALA A 43 101.85 38.74 -22.55
C ALA A 43 102.90 37.74 -23.01
N VAL A 44 103.53 37.08 -22.04
CA VAL A 44 104.59 36.12 -22.29
C VAL A 44 104.22 34.81 -21.60
N VAL A 45 104.52 33.69 -22.28
CA VAL A 45 104.22 32.37 -21.74
C VAL A 45 104.97 32.17 -20.43
N GLY A 46 104.24 31.89 -19.36
CA GLY A 46 104.82 31.72 -18.05
C GLY A 46 104.86 32.97 -17.20
N ARG A 47 104.64 34.14 -17.80
CA ARG A 47 104.67 35.40 -17.08
C ARG A 47 103.25 35.85 -16.74
N SER A 48 103.09 36.48 -15.58
CA SER A 48 101.78 36.95 -15.14
C SER A 48 101.44 38.25 -15.85
N PHE A 49 100.36 38.24 -16.63
CA PHE A 49 99.88 39.41 -17.35
C PHE A 49 98.70 40.01 -16.59
N ARG A 50 98.73 41.33 -16.40
CA ARG A 50 97.67 42.01 -15.67
C ARG A 50 97.44 43.38 -16.30
N VAL A 51 96.19 43.66 -16.68
CA VAL A 51 95.82 44.93 -17.30
C VAL A 51 94.58 45.47 -16.60
N THR A 52 94.57 46.78 -16.38
CA THR A 52 93.44 47.47 -15.78
C THR A 52 92.62 48.14 -16.87
N ILE A 53 91.36 47.77 -16.98
CA ILE A 53 90.45 48.32 -17.99
C ILE A 53 89.79 49.58 -17.41
N PRO A 54 89.90 50.73 -18.07
CA PRO A 54 89.28 51.94 -17.53
C PRO A 54 87.77 51.91 -17.67
N THR A 55 87.10 51.21 -16.74
CA THR A 55 85.66 51.02 -16.80
C THR A 55 84.88 52.30 -16.56
N ASP A 56 85.50 53.31 -15.93
CA ASP A 56 84.80 54.58 -15.72
C ASP A 56 84.51 55.29 -17.03
N LEU A 57 85.46 55.26 -17.97
CA LEU A 57 85.25 55.90 -19.26
C LEU A 57 84.30 55.12 -20.17
N ILE A 58 84.44 53.79 -20.19
CA ILE A 58 83.63 52.98 -21.09
C ILE A 58 82.17 52.95 -20.65
N GLY A 59 81.93 52.77 -19.35
CA GLY A 59 80.60 52.62 -18.80
C GLY A 59 80.19 53.84 -17.99
N SER A 60 78.93 54.24 -18.16
CA SER A 60 78.38 55.37 -17.40
C SER A 60 77.73 54.83 -16.12
N SER A 61 76.94 55.67 -15.45
CA SER A 61 76.24 55.25 -14.25
C SER A 61 75.20 54.20 -14.58
N GLY A 62 75.32 53.03 -13.94
CA GLY A 62 74.44 51.91 -14.19
C GLY A 62 74.93 50.94 -15.23
N GLU A 63 75.87 51.37 -16.08
CA GLU A 63 76.42 50.50 -17.11
C GLU A 63 77.45 49.56 -16.51
N VAL A 64 77.33 48.27 -16.83
CA VAL A 64 78.23 47.24 -16.33
C VAL A 64 79.04 46.69 -17.49
N ILE A 65 80.35 46.57 -17.28
CA ILE A 65 81.23 46.07 -18.33
C ILE A 65 81.04 44.57 -18.51
N LYS A 66 81.08 44.13 -19.77
CA LYS A 66 81.13 42.71 -20.11
C LYS A 66 82.39 42.50 -20.95
N VAL A 67 83.25 41.60 -20.49
CA VAL A 67 84.52 41.31 -21.14
C VAL A 67 84.47 39.89 -21.68
N SER A 68 84.74 39.73 -22.97
CA SER A 68 84.72 38.41 -23.60
C SER A 68 85.69 38.44 -24.77
N THR A 69 85.63 37.41 -25.60
CA THR A 69 86.37 37.38 -26.85
C THR A 69 85.54 38.04 -27.94
N ALA A 70 86.20 38.79 -28.82
CA ALA A 70 85.51 39.47 -29.92
C ALA A 70 84.79 38.46 -30.80
N GLY A 71 83.46 38.52 -30.81
CA GLY A 71 82.66 37.56 -31.54
C GLY A 71 82.37 36.27 -30.81
N LYS A 72 82.77 36.15 -29.55
CA LYS A 72 82.56 34.94 -28.76
C LYS A 72 82.03 35.31 -27.39
N GLU A 73 81.38 34.33 -26.74
CA GLU A 73 80.85 34.51 -25.41
C GLU A 73 81.79 34.01 -24.32
N VAL A 74 82.95 33.47 -24.67
CA VAL A 74 83.89 32.89 -23.72
C VAL A 74 85.23 33.58 -23.86
N LEU A 75 85.81 33.97 -22.73
CA LEU A 75 87.17 34.50 -22.71
C LEU A 75 88.15 33.36 -23.00
N PRO A 76 89.37 33.70 -23.44
CA PRO A 76 90.39 32.65 -23.61
C PRO A 76 90.70 31.96 -22.30
N SER A 77 91.07 30.68 -22.40
CA SER A 77 91.27 29.84 -21.22
C SER A 77 92.45 30.27 -20.36
N TRP A 78 93.31 31.16 -20.86
CA TRP A 78 94.44 31.67 -20.09
C TRP A 78 94.15 33.01 -19.43
N LEU A 79 92.94 33.54 -19.56
CA LEU A 79 92.59 34.87 -19.05
C LEU A 79 91.44 34.76 -18.07
N HIS A 80 91.44 35.64 -17.07
CA HIS A 80 90.38 35.71 -16.07
C HIS A 80 90.08 37.18 -15.78
N TRP A 81 88.80 37.53 -15.78
CA TRP A 81 88.36 38.90 -15.58
C TRP A 81 87.76 39.05 -14.19
N ASP A 82 88.29 40.00 -13.42
CA ASP A 82 87.83 40.23 -12.05
C ASP A 82 87.07 41.55 -12.00
N PRO A 83 85.74 41.52 -11.86
CA PRO A 83 84.97 42.77 -11.80
C PRO A 83 85.22 43.59 -10.55
N GLN A 84 85.77 43.00 -9.49
CA GLN A 84 85.95 43.72 -8.23
C GLN A 84 86.92 44.87 -8.39
N SER A 85 88.10 44.60 -8.93
CA SER A 85 89.05 45.63 -9.31
C SER A 85 88.96 45.99 -10.79
N HIS A 86 88.04 45.36 -11.52
CA HIS A 86 87.84 45.59 -12.95
C HIS A 86 89.15 45.36 -13.72
N THR A 87 89.74 44.18 -13.52
CA THR A 87 91.09 43.89 -13.97
C THR A 87 91.11 42.56 -14.72
N LEU A 88 91.76 42.54 -15.89
CA LEU A 88 91.91 41.31 -16.66
C LEU A 88 93.33 40.77 -16.42
N GLU A 89 93.43 39.60 -15.79
CA GLU A 89 94.72 39.04 -15.45
C GLU A 89 94.77 37.57 -15.86
N GLY A 90 95.96 37.08 -16.18
CA GLY A 90 96.11 35.71 -16.62
C GLY A 90 97.56 35.29 -16.68
N LEU A 91 97.75 34.02 -17.04
CA LEU A 91 99.06 33.47 -17.33
C LEU A 91 98.95 32.58 -18.56
N PRO A 92 99.47 32.99 -19.72
CA PRO A 92 99.34 32.16 -20.93
C PRO A 92 100.30 30.98 -20.88
N LEU A 93 99.82 29.83 -21.34
CA LEU A 93 100.64 28.64 -21.47
C LEU A 93 101.20 28.55 -22.89
N ASP A 94 101.93 27.47 -23.16
CA ASP A 94 102.53 27.28 -24.48
C ASP A 94 101.47 27.08 -25.57
N THR A 95 100.26 26.66 -25.19
CA THR A 95 99.17 26.49 -26.13
C THR A 95 98.36 27.76 -26.35
N ASP A 96 98.68 28.84 -25.65
CA ASP A 96 97.96 30.10 -25.77
C ASP A 96 98.72 31.14 -26.59
N LYS A 97 99.76 30.73 -27.32
CA LYS A 97 100.53 31.67 -28.12
C LYS A 97 99.70 32.19 -29.29
N GLY A 98 99.85 33.48 -29.58
CA GLY A 98 99.15 34.15 -30.65
C GLY A 98 98.57 35.46 -30.17
N VAL A 99 97.70 36.05 -31.00
CA VAL A 99 97.06 37.31 -30.69
C VAL A 99 95.62 37.03 -30.27
N HIS A 100 95.23 37.52 -29.10
CA HIS A 100 93.90 37.30 -28.54
C HIS A 100 93.15 38.62 -28.52
N TYR A 101 92.10 38.72 -29.33
CA TYR A 101 91.27 39.92 -29.36
C TYR A 101 90.23 39.84 -28.24
N ILE A 102 90.11 40.93 -27.47
CA ILE A 102 89.22 40.99 -26.33
C ILE A 102 88.21 42.09 -26.56
N SER A 103 86.93 41.76 -26.42
CA SER A 103 85.84 42.70 -26.59
C SER A 103 85.32 43.15 -25.23
N VAL A 104 85.24 44.46 -25.03
CA VAL A 104 84.76 45.08 -23.80
C VAL A 104 83.55 45.91 -24.18
N SER A 105 82.37 45.52 -23.70
CA SER A 105 81.12 46.18 -24.05
C SER A 105 80.38 46.61 -22.79
N ALA A 106 79.95 47.87 -22.75
CA ALA A 106 79.28 48.43 -21.57
C ALA A 106 77.78 48.26 -21.74
N ALA A 107 77.21 47.30 -21.00
CA ALA A 107 75.77 47.10 -21.01
C ALA A 107 75.07 48.16 -20.19
N GLN A 108 73.94 48.64 -20.70
CA GLN A 108 73.17 49.71 -20.08
C GLN A 108 71.80 49.20 -19.66
N LEU A 109 71.33 49.74 -18.54
CA LEU A 109 70.05 49.35 -17.96
C LEU A 109 68.89 49.88 -18.77
N ASP A 110 67.95 49.01 -19.10
CA ASP A 110 66.74 49.39 -19.83
C ASP A 110 65.53 49.17 -18.94
N ALA A 111 64.57 50.09 -19.02
CA ALA A 111 63.37 50.10 -18.18
C ALA A 111 62.66 48.76 -18.16
N ASN A 112 62.35 48.21 -19.35
CA ASN A 112 61.71 46.90 -19.39
C ASN A 112 62.63 45.81 -18.85
N GLY A 113 63.93 45.92 -19.10
CA GLY A 113 64.84 44.88 -18.67
C GLY A 113 66.06 44.60 -19.52
N SER A 114 66.16 45.20 -20.69
CA SER A 114 67.29 44.92 -21.56
C SER A 114 68.59 45.46 -20.96
N HIS A 115 69.70 44.96 -21.50
CA HIS A 115 71.05 45.42 -21.12
C HIS A 115 71.79 45.66 -22.43
N ILE A 116 71.76 46.90 -22.90
CA ILE A 116 72.18 47.22 -24.27
C ILE A 116 73.67 47.53 -24.25
N PRO A 117 74.50 46.83 -25.02
CA PRO A 117 75.93 47.16 -25.07
C PRO A 117 76.18 48.44 -25.85
N GLN A 118 76.07 49.58 -25.16
CA GLN A 118 76.17 50.87 -25.83
C GLN A 118 77.56 51.10 -26.43
N THR A 119 78.60 50.95 -25.62
CA THR A 119 79.97 51.20 -26.06
C THR A 119 80.76 49.90 -26.01
N SER A 120 81.23 49.46 -27.17
CA SER A 120 82.01 48.23 -27.29
C SER A 120 83.42 48.59 -27.73
N SER A 121 84.40 48.33 -26.86
CA SER A 121 85.80 48.60 -27.15
C SER A 121 86.54 47.28 -27.31
N VAL A 122 87.31 47.18 -28.39
CA VAL A 122 88.02 45.96 -28.75
C VAL A 122 89.52 46.26 -28.77
N PHE A 123 90.28 45.46 -28.02
CA PHE A 123 91.73 45.56 -28.00
C PHE A 123 92.33 44.16 -28.08
N SER A 124 93.56 44.09 -28.59
CA SER A 124 94.23 42.82 -28.87
C SER A 124 95.37 42.59 -27.90
N ILE A 125 95.52 41.34 -27.46
CA ILE A 125 96.62 40.92 -26.60
C ILE A 125 97.47 39.91 -27.38
N GLU A 126 98.76 40.20 -27.50
CA GLU A 126 99.69 39.34 -28.23
C GLU A 126 100.52 38.53 -27.24
N VAL A 127 100.54 37.22 -27.42
CA VAL A 127 101.24 36.29 -26.54
C VAL A 127 102.52 35.85 -27.25
N TYR A 128 103.65 35.99 -26.55
CA TYR A 128 104.96 35.63 -27.05
C TYR A 128 105.51 34.40 -26.32
N PRO A 129 106.32 33.58 -26.99
CA PRO A 129 106.89 32.40 -26.34
C PRO A 129 108.02 32.74 -25.38
N GLU A 130 108.72 31.70 -24.89
CA GLU A 130 109.85 31.90 -23.99
C GLU A 130 110.99 32.67 -24.65
N ASP A 131 110.98 32.78 -25.98
CA ASP A 131 111.97 33.57 -26.71
C ASP A 131 111.84 35.07 -26.46
N HIS A 132 110.79 35.51 -25.77
CA HIS A 132 110.65 36.90 -25.39
C HIS A 132 111.74 37.29 -24.39
N SER A 133 112.03 38.59 -24.35
CA SER A 133 113.08 39.12 -23.49
C SER A 133 112.64 39.10 -22.02
N GLU A 134 113.48 39.68 -21.18
CA GLU A 134 113.23 39.79 -19.75
C GLU A 134 112.02 40.69 -19.51
N PRO A 135 111.35 40.58 -18.34
CA PRO A 135 110.14 41.39 -18.09
C PRO A 135 110.35 42.91 -18.15
N GLN A 136 111.57 43.37 -18.38
CA GLN A 136 111.81 44.80 -18.57
C GLN A 136 111.03 45.33 -19.75
N SER A 137 111.03 44.59 -20.87
CA SER A 137 110.20 44.95 -22.01
C SER A 137 108.72 44.77 -21.68
N VAL A 138 108.40 43.74 -20.90
CA VAL A 138 107.01 43.51 -20.49
C VAL A 138 106.52 44.66 -19.61
N ARG A 139 107.34 45.07 -18.64
CA ARG A 139 106.98 46.17 -17.74
C ARG A 139 107.17 47.50 -18.47
N ALA A 140 106.27 47.75 -19.42
CA ALA A 140 106.30 48.97 -20.22
C ALA A 140 105.12 49.89 -19.94
N ALA A 141 104.20 49.49 -19.07
CA ALA A 141 103.06 50.32 -18.68
C ALA A 141 102.98 50.34 -17.15
N SER A 142 103.78 51.22 -16.54
CA SER A 142 103.83 51.38 -15.09
C SER A 142 104.59 52.64 -14.73
N PRO A 143 104.06 53.48 -13.84
CA PRO A 143 104.85 54.62 -13.36
C PRO A 143 106.11 54.21 -12.61
N ASP A 144 106.06 53.08 -11.91
CA ASP A 144 107.23 52.57 -11.22
C ASP A 144 108.30 52.14 -12.21
N LEU A 145 109.55 52.50 -11.94
CA LEU A 145 110.64 52.16 -12.84
C LEU A 145 110.99 50.69 -12.77
N GLY A 146 110.88 50.08 -11.59
CA GLY A 146 111.26 48.69 -11.42
C GLY A 146 112.75 48.46 -11.58
N GLU A 147 113.55 49.19 -10.80
CA GLU A 147 115.01 49.08 -10.89
C GLU A 147 115.47 47.67 -10.57
N ALA A 148 114.84 47.01 -9.59
CA ALA A 148 115.12 45.62 -9.31
C ALA A 148 114.88 44.75 -10.53
N ALA A 149 113.76 44.96 -11.22
CA ALA A 149 113.52 44.25 -12.48
C ALA A 149 114.42 44.77 -13.60
N ALA A 150 114.76 46.05 -13.58
CA ALA A 150 115.58 46.63 -14.64
C ALA A 150 117.02 46.11 -14.60
N SER A 151 117.45 45.52 -13.50
CA SER A 151 118.78 44.92 -13.44
C SER A 151 118.78 43.60 -14.21
N ALA A 152 119.77 43.43 -15.08
CA ALA A 152 119.83 42.24 -15.91
C ALA A 152 121.22 41.63 -15.92
N CYS A 153 121.44 40.62 -16.76
CA CYS A 153 122.72 39.97 -16.91
C CYS A 153 123.35 40.36 -18.25
N ALA A 154 124.60 39.96 -18.44
CA ALA A 154 125.29 40.20 -19.69
C ALA A 154 124.76 39.27 -20.78
N ALA A 155 125.13 39.58 -22.02
CA ALA A 155 124.69 38.75 -23.15
C ALA A 155 125.34 37.37 -23.12
N GLU A 156 126.54 37.25 -22.52
CA GLU A 156 127.23 35.98 -22.43
C GLU A 156 127.18 35.37 -21.04
N GLU A 157 126.88 36.16 -20.01
CA GLU A 157 126.82 35.62 -18.66
C GLU A 157 125.53 34.82 -18.48
N PRO A 158 125.62 33.54 -18.11
CA PRO A 158 124.41 32.76 -17.86
C PRO A 158 123.65 33.29 -16.65
N VAL A 159 122.33 33.12 -16.70
CA VAL A 159 121.45 33.62 -15.65
C VAL A 159 121.24 32.53 -14.61
N THR A 160 121.52 32.85 -13.35
CA THR A 160 121.27 31.93 -12.25
C THR A 160 119.80 31.99 -11.87
N VAL A 161 119.10 30.88 -12.02
CA VAL A 161 117.66 30.81 -11.78
C VAL A 161 117.38 29.68 -10.79
N LEU A 162 116.59 29.99 -9.75
CA LEU A 162 116.09 28.97 -8.83
C LEU A 162 114.72 28.54 -9.31
N THR A 163 114.55 27.23 -9.51
CA THR A 163 113.32 26.65 -10.01
C THR A 163 112.79 25.66 -8.97
N VAL A 164 111.53 25.84 -8.60
CA VAL A 164 110.83 24.94 -7.68
C VAL A 164 109.90 24.07 -8.51
N ILE A 165 110.00 22.76 -8.33
CA ILE A 165 109.17 21.78 -9.03
C ILE A 165 108.07 21.34 -8.09
N LEU A 166 106.82 21.47 -8.53
CA LEU A 166 105.63 21.15 -7.77
C LEU A 166 104.84 20.08 -8.49
N ASP A 167 104.00 19.37 -7.73
CA ASP A 167 103.15 18.32 -8.27
C ASP A 167 101.78 18.91 -8.57
N ALA A 168 101.69 19.63 -9.69
CA ALA A 168 100.45 20.27 -10.10
C ALA A 168 100.43 20.36 -11.62
N ASP A 169 99.23 20.51 -12.17
CA ASP A 169 99.03 20.65 -13.61
C ASP A 169 98.46 22.02 -13.89
N LEU A 170 99.14 22.80 -14.74
CA LEU A 170 98.66 24.13 -15.07
C LEU A 170 97.43 24.09 -15.98
N THR A 171 97.29 23.02 -16.78
CA THR A 171 96.11 22.90 -17.63
C THR A 171 94.85 22.71 -16.81
N LYS A 172 94.90 21.86 -15.78
CA LYS A 172 93.74 21.68 -14.91
C LYS A 172 93.52 22.84 -13.95
N MET A 173 94.54 23.67 -13.75
CA MET A 173 94.43 24.81 -12.85
C MET A 173 93.98 26.05 -13.60
N THR A 174 93.13 26.85 -12.96
CA THR A 174 92.67 28.09 -13.55
C THR A 174 93.81 29.10 -13.60
N PRO A 175 93.73 30.08 -14.49
CA PRO A 175 94.68 31.21 -14.41
C PRO A 175 94.62 31.93 -13.08
N LYS A 176 93.44 31.98 -12.47
CA LYS A 176 93.35 32.47 -11.10
C LYS A 176 94.16 31.60 -10.15
N GLN A 177 94.11 30.28 -10.34
CA GLN A 177 94.92 29.38 -9.53
C GLN A 177 96.41 29.52 -9.85
N ARG A 178 96.75 29.85 -11.09
CA ARG A 178 98.16 30.11 -11.41
C ARG A 178 98.67 31.37 -10.72
N ILE A 179 97.85 32.43 -10.71
CA ILE A 179 98.22 33.63 -9.97
C ILE A 179 98.28 33.34 -8.48
N ASP A 180 97.38 32.47 -8.00
CA ASP A 180 97.43 32.01 -6.60
C ASP A 180 98.78 31.36 -6.30
N LEU A 181 99.21 30.44 -7.16
CA LEU A 181 100.49 29.77 -6.97
C LEU A 181 101.65 30.77 -7.00
N LEU A 182 101.62 31.71 -7.94
CA LEU A 182 102.68 32.70 -8.04
C LEU A 182 102.79 33.54 -6.78
N HIS A 183 101.66 34.09 -6.31
CA HIS A 183 101.70 34.97 -5.15
C HIS A 183 101.84 34.21 -3.84
N ARG A 184 101.57 32.90 -3.82
CA ARG A 184 101.87 32.10 -2.65
C ARG A 184 103.36 31.77 -2.57
N MET A 185 103.99 31.51 -3.71
CA MET A 185 105.44 31.37 -3.73
C MET A 185 106.14 32.70 -3.49
N GLN A 186 105.46 33.83 -3.76
CA GLN A 186 106.02 35.14 -3.48
C GLN A 186 106.36 35.30 -2.00
N SER A 187 105.54 34.73 -1.11
CA SER A 187 105.77 34.86 0.32
C SER A 187 107.07 34.19 0.77
N PHE A 188 107.58 33.23 0.00
CA PHE A 188 108.85 32.59 0.31
C PHE A 188 110.00 33.08 -0.56
N SER A 189 109.71 33.62 -1.74
CA SER A 189 110.76 34.03 -2.68
C SER A 189 111.14 35.50 -2.57
N GLU A 190 110.28 36.33 -1.96
CA GLU A 190 110.50 37.77 -1.85
C GLU A 190 110.73 38.41 -3.21
N VAL A 191 109.97 37.94 -4.21
CA VAL A 191 110.11 38.38 -5.59
C VAL A 191 108.72 38.74 -6.11
N GLU A 192 108.63 39.83 -6.86
CA GLU A 192 107.36 40.28 -7.39
C GLU A 192 106.81 39.26 -8.41
N LEU A 193 105.51 39.39 -8.70
CA LEU A 193 104.83 38.40 -9.53
C LEU A 193 105.33 38.43 -10.97
N HIS A 194 105.63 39.62 -11.50
CA HIS A 194 106.03 39.73 -12.91
C HIS A 194 107.41 39.16 -13.19
N ASN A 195 108.23 38.94 -12.15
CA ASN A 195 109.58 38.41 -12.33
C ASN A 195 109.64 36.89 -12.23
N MET A 196 108.52 36.22 -12.04
CA MET A 196 108.48 34.76 -11.94
C MET A 196 108.03 34.15 -13.26
N LYS A 197 108.27 32.85 -13.40
CA LYS A 197 107.94 32.12 -14.61
C LYS A 197 107.38 30.76 -14.22
N LEU A 198 106.09 30.55 -14.48
CA LEU A 198 105.40 29.30 -14.15
C LEU A 198 105.09 28.56 -15.45
N VAL A 199 105.73 27.41 -15.64
CA VAL A 199 105.61 26.65 -16.89
C VAL A 199 105.31 25.20 -16.54
N PRO A 200 104.69 24.46 -17.46
CA PRO A 200 104.55 23.02 -17.26
C PRO A 200 105.88 22.29 -17.45
N VAL A 201 105.99 21.14 -16.81
CA VAL A 201 107.16 20.29 -16.97
C VAL A 201 107.12 19.64 -18.35
N VAL A 202 108.25 19.70 -19.06
CA VAL A 202 108.36 19.17 -20.41
C VAL A 202 109.07 17.82 -20.34
N ASN A 203 108.46 16.81 -20.96
CA ASN A 203 109.03 15.46 -21.12
C ASN A 203 109.31 14.80 -19.77
N ASN A 204 108.47 15.10 -18.76
CA ASN A 204 108.54 14.48 -17.44
C ASN A 204 109.92 14.64 -16.79
N ARG A 205 110.50 15.82 -16.93
CA ARG A 205 111.80 16.13 -16.34
C ARG A 205 111.58 16.76 -14.97
N LEU A 206 111.77 15.95 -13.91
CA LEU A 206 111.56 16.41 -12.54
C LEU A 206 112.87 16.66 -11.80
N PHE A 207 113.98 16.77 -12.54
CA PHE A 207 115.26 17.11 -11.94
C PHE A 207 116.15 17.70 -13.02
N ASP A 208 117.04 18.60 -12.61
CA ASP A 208 117.97 19.26 -13.52
C ASP A 208 119.38 18.76 -13.23
N MET A 209 120.05 18.24 -14.26
CA MET A 209 121.39 17.71 -14.11
C MET A 209 122.47 18.79 -14.10
N SER A 210 122.16 19.99 -14.59
CA SER A 210 123.12 21.09 -14.61
C SER A 210 123.09 21.93 -13.34
N ALA A 211 122.17 21.64 -12.42
CA ALA A 211 122.08 22.41 -11.20
C ALA A 211 123.22 22.08 -10.26
N PHE A 212 123.85 23.12 -9.70
CA PHE A 212 124.91 22.95 -8.73
C PHE A 212 124.40 22.86 -7.29
N MET A 213 123.15 23.26 -7.05
CA MET A 213 122.52 23.12 -5.76
C MET A 213 121.10 22.58 -5.95
N ALA A 214 120.72 21.61 -5.12
CA ALA A 214 119.41 20.99 -5.22
C ALA A 214 118.93 20.58 -3.83
N GLY A 215 117.61 20.44 -3.71
CA GLY A 215 117.01 20.05 -2.46
C GLY A 215 115.69 19.34 -2.66
N PRO A 216 115.46 18.26 -1.91
CA PRO A 216 114.20 17.53 -2.03
C PRO A 216 113.05 18.31 -1.44
N GLY A 217 111.85 17.99 -1.93
CA GLY A 217 110.63 18.59 -1.44
C GLY A 217 109.97 17.75 -0.36
N ASN A 218 108.67 17.95 -0.19
CA ASN A 218 107.89 17.20 0.78
C ASN A 218 106.99 16.15 0.13
N ALA A 219 107.00 16.05 -1.19
CA ALA A 219 106.18 15.07 -1.90
C ALA A 219 106.99 13.80 -2.15
N LYS A 220 106.54 12.69 -1.55
CA LYS A 220 107.18 11.40 -1.78
C LYS A 220 106.74 10.76 -3.09
N LYS A 221 105.64 11.22 -3.67
CA LYS A 221 105.15 10.69 -4.93
C LYS A 221 104.67 11.85 -5.80
N VAL A 222 104.69 11.61 -7.11
CA VAL A 222 104.26 12.60 -8.10
C VAL A 222 103.03 12.08 -8.80
N VAL A 223 101.96 12.88 -8.79
CA VAL A 223 100.68 12.49 -9.38
C VAL A 223 100.50 13.20 -10.71
N GLU A 224 100.58 14.53 -10.70
CA GLU A 224 100.43 15.31 -11.92
C GLU A 224 101.75 15.32 -12.70
N ASN A 225 101.69 15.96 -13.88
CA ASN A 225 102.90 16.11 -14.68
C ASN A 225 103.93 16.96 -13.96
N GLY A 226 103.49 18.03 -13.29
CA GLY A 226 104.39 18.89 -12.55
C GLY A 226 104.40 20.31 -13.08
N ALA A 227 104.84 21.25 -12.24
CA ALA A 227 104.98 22.65 -12.65
C ALA A 227 106.33 23.18 -12.17
N LEU A 228 106.99 23.94 -13.05
CA LEU A 228 108.25 24.60 -12.73
C LEU A 228 107.96 26.08 -12.49
N LEU A 229 108.25 26.56 -11.29
CA LEU A 229 108.12 27.98 -10.98
C LEU A 229 109.53 28.50 -10.73
N SER A 230 109.99 29.39 -11.60
CA SER A 230 111.39 29.79 -11.65
C SER A 230 111.53 31.30 -11.49
N TRP A 231 112.57 31.71 -10.77
CA TRP A 231 112.88 33.12 -10.62
C TRP A 231 114.40 33.31 -10.56
N LYS A 232 114.87 34.41 -11.12
CA LYS A 232 116.30 34.69 -11.16
C LYS A 232 116.82 35.10 -9.78
N LEU A 233 117.95 34.52 -9.38
CA LEU A 233 118.68 34.96 -8.20
C LEU A 233 119.85 35.88 -8.53
N GLY A 234 120.43 35.75 -9.71
CA GLY A 234 121.58 36.56 -10.08
C GLY A 234 122.11 36.14 -11.44
N CYS A 235 123.39 36.45 -11.67
CA CYS A 235 124.05 36.22 -12.95
C CYS A 235 125.25 35.30 -12.73
N SER A 236 125.13 34.04 -13.18
CA SER A 236 126.20 33.05 -13.10
C SER A 236 126.71 32.88 -11.66
N LEU A 237 125.80 32.89 -10.70
CA LEU A 237 126.18 32.80 -9.30
C LEU A 237 126.75 31.41 -8.97
N ASN A 238 127.72 31.38 -8.09
CA ASN A 238 128.32 30.16 -7.60
C ASN A 238 127.72 29.76 -6.26
N GLN A 239 128.16 28.61 -5.73
CA GLN A 239 127.63 28.10 -4.47
C GLN A 239 127.94 29.05 -3.31
N ASN A 240 129.15 29.63 -3.31
CA ASN A 240 129.53 30.56 -2.26
C ASN A 240 128.91 31.94 -2.43
N SER A 241 128.28 32.22 -3.56
CA SER A 241 127.68 33.52 -3.83
C SER A 241 126.16 33.49 -3.84
N VAL A 242 125.54 32.33 -3.67
CA VAL A 242 124.08 32.23 -3.62
C VAL A 242 123.58 32.90 -2.34
N PRO A 243 122.56 33.76 -2.40
CA PRO A 243 122.06 34.42 -1.19
C PRO A 243 121.38 33.45 -0.23
N ASP A 244 120.88 33.96 0.89
CA ASP A 244 120.28 33.13 1.92
C ASP A 244 119.00 32.49 1.38
N ILE A 245 119.05 31.19 1.10
CA ILE A 245 117.92 30.46 0.57
C ILE A 245 117.34 29.51 1.62
N ARG A 246 117.60 29.78 2.90
CA ARG A 246 117.05 28.94 3.97
C ARG A 246 115.53 29.04 4.02
N GLY A 247 114.99 30.24 3.78
CA GLY A 247 113.55 30.44 3.77
C GLY A 247 112.83 29.79 2.60
N VAL A 248 113.58 29.24 1.65
CA VAL A 248 113.01 28.44 0.58
C VAL A 248 113.30 26.96 0.77
N GLU A 249 114.50 26.61 1.22
CA GLU A 249 114.87 25.21 1.39
C GLU A 249 114.13 24.59 2.57
N ALA A 250 114.13 25.26 3.73
CA ALA A 250 113.53 24.67 4.92
C ALA A 250 112.03 24.45 4.81
N PRO A 251 111.20 25.42 4.39
CA PRO A 251 109.76 25.14 4.28
C PRO A 251 109.41 24.07 3.26
N ALA A 252 110.17 23.98 2.16
CA ALA A 252 109.91 22.94 1.16
C ALA A 252 110.19 21.56 1.73
N ARG A 253 111.26 21.42 2.51
CA ARG A 253 111.58 20.14 3.13
C ARG A 253 110.58 19.80 4.23
N GLU A 254 110.18 20.78 5.03
CA GLU A 254 109.27 20.54 6.15
C GLU A 254 107.81 20.47 5.72
N GLY A 255 107.48 20.87 4.49
CA GLY A 255 106.12 20.79 3.99
C GLY A 255 105.25 22.00 4.27
N THR A 256 105.75 22.99 5.03
CA THR A 256 104.95 24.19 5.27
C THR A 256 104.80 25.02 4.01
N MET A 257 105.81 25.02 3.14
CA MET A 257 105.67 25.69 1.84
C MET A 257 104.59 25.04 1.01
N SER A 258 104.53 23.71 0.99
CA SER A 258 103.45 23.02 0.30
C SER A 258 102.10 23.26 0.97
N ALA A 259 102.11 23.44 2.30
CA ALA A 259 100.86 23.76 3.00
C ALA A 259 100.33 25.12 2.59
N GLN A 260 101.21 26.11 2.44
CA GLN A 260 100.76 27.44 2.04
C GLN A 260 100.42 27.50 0.56
N LEU A 261 101.16 26.77 -0.28
CA LEU A 261 100.89 26.80 -1.71
C LEU A 261 99.59 26.08 -2.06
N GLY A 262 99.23 25.05 -1.29
CA GLY A 262 98.09 24.22 -1.62
C GLY A 262 98.38 23.06 -2.54
N TYR A 263 99.62 22.93 -3.02
CA TYR A 263 100.04 21.85 -3.88
C TYR A 263 101.34 21.25 -3.35
N PRO A 264 101.57 19.96 -3.58
CA PRO A 264 102.83 19.35 -3.13
C PRO A 264 104.04 19.92 -3.86
N VAL A 265 105.16 19.96 -3.15
CA VAL A 265 106.42 20.44 -3.68
C VAL A 265 107.31 19.24 -3.96
N VAL A 266 107.62 19.01 -5.24
CA VAL A 266 108.51 17.92 -5.59
C VAL A 266 109.94 18.22 -5.16
N GLY A 267 110.38 19.46 -5.34
CA GLY A 267 111.72 19.82 -4.91
C GLY A 267 112.10 21.20 -5.42
N TRP A 268 113.40 21.49 -5.33
CA TRP A 268 113.92 22.76 -5.80
C TRP A 268 115.36 22.59 -6.26
N HIS A 269 115.78 23.45 -7.19
CA HIS A 269 117.15 23.40 -7.68
C HIS A 269 117.53 24.75 -8.27
N ILE A 270 118.80 25.11 -8.14
CA ILE A 270 119.34 26.36 -8.68
C ILE A 270 120.27 25.99 -9.83
N ALA A 271 120.00 26.55 -11.01
CA ALA A 271 120.74 26.20 -12.21
C ALA A 271 121.15 27.47 -12.96
N ASN A 272 122.28 27.38 -13.66
CA ASN A 272 122.81 28.48 -14.47
C ASN A 272 122.34 28.26 -15.90
N LYS A 273 121.18 28.84 -16.24
CA LYS A 273 120.64 28.71 -17.58
C LYS A 273 121.41 29.60 -18.54
N LYS A 274 121.79 29.03 -19.69
CA LYS A 274 122.53 29.78 -20.69
C LYS A 274 121.59 30.64 -21.54
N GLN A 466 89.53 22.09 -7.32
CA GLN A 466 88.24 22.72 -7.57
C GLN A 466 87.13 22.01 -6.81
N ARG A 467 85.99 22.67 -6.72
CA ARG A 467 84.83 22.07 -6.08
C ARG A 467 84.28 20.93 -6.94
N PRO A 468 83.92 19.80 -6.36
CA PRO A 468 83.30 18.72 -7.14
C PRO A 468 81.93 19.11 -7.65
N GLU A 469 81.52 18.46 -8.74
CA GLU A 469 80.26 18.75 -9.39
C GLU A 469 79.35 17.52 -9.36
N LEU A 470 78.07 17.75 -9.61
CA LEU A 470 77.05 16.70 -9.54
C LEU A 470 76.32 16.61 -10.87
N LYS A 471 75.99 15.39 -11.26
CA LYS A 471 75.23 15.15 -12.49
C LYS A 471 73.92 14.43 -12.24
N ASN A 472 73.94 13.33 -11.48
CA ASN A 472 72.75 12.54 -11.22
C ASN A 472 72.42 12.59 -9.73
N HIS A 473 71.14 12.72 -9.42
CA HIS A 473 70.68 12.70 -8.04
C HIS A 473 70.17 11.31 -7.68
N ILE A 474 69.91 11.12 -6.39
CA ILE A 474 69.19 9.94 -5.91
C ILE A 474 67.77 10.39 -5.66
N ASP A 475 66.84 9.84 -6.44
CA ASP A 475 65.45 10.30 -6.37
C ASP A 475 64.85 10.02 -4.99
N ARG A 476 64.94 8.77 -4.54
CA ARG A 476 64.25 8.30 -3.35
C ARG A 476 64.68 6.86 -3.11
N VAL A 477 64.52 6.41 -1.88
CA VAL A 477 64.91 5.07 -1.48
C VAL A 477 63.67 4.36 -0.95
N ASP A 478 63.35 3.22 -1.53
CA ASP A 478 62.15 2.48 -1.17
C ASP A 478 62.52 1.39 -0.15
N ALA A 479 61.95 1.48 1.05
CA ALA A 479 62.25 0.53 2.12
C ALA A 479 60.95 0.08 2.77
N TRP A 480 61.04 -1.05 3.47
CA TRP A 480 59.88 -1.65 4.12
C TRP A 480 60.23 -2.10 5.53
N VAL A 481 59.27 -1.94 6.45
CA VAL A 481 59.50 -2.22 7.85
C VAL A 481 59.81 -3.70 8.04
N GLY A 482 60.86 -3.98 8.81
CA GLY A 482 61.31 -5.33 9.02
C GLY A 482 62.12 -5.91 7.88
N THR A 483 62.44 -5.11 6.87
CA THR A 483 63.19 -5.56 5.71
C THR A 483 64.51 -4.81 5.65
N TYR A 484 65.58 -5.54 5.33
CA TYR A 484 66.91 -4.94 5.25
C TYR A 484 67.19 -4.53 3.81
N PHE A 485 67.54 -3.26 3.63
CA PHE A 485 67.87 -2.72 2.33
C PHE A 485 69.33 -2.27 2.32
N GLU A 486 69.95 -2.36 1.14
CA GLU A 486 71.36 -2.01 0.98
C GLU A 486 71.54 -1.43 -0.42
N VAL A 487 72.11 -0.23 -0.47
CA VAL A 487 72.28 0.50 -1.73
C VAL A 487 73.74 0.90 -1.87
N LYS A 488 74.32 0.57 -3.02
CA LYS A 488 75.65 1.03 -3.40
C LYS A 488 75.52 2.23 -4.32
N ILE A 489 76.25 3.28 -4.03
CA ILE A 489 76.13 4.53 -4.81
C ILE A 489 76.61 4.29 -6.23
N PRO A 490 75.96 4.87 -7.25
CA PRO A 490 76.46 4.73 -8.62
C PRO A 490 77.80 5.43 -8.80
N SER A 491 78.59 4.92 -9.73
CA SER A 491 79.93 5.45 -10.00
C SER A 491 79.90 6.78 -10.72
N ASP A 492 78.76 7.20 -11.25
CA ASP A 492 78.62 8.48 -11.94
C ASP A 492 77.82 9.48 -11.13
N THR A 493 77.72 9.29 -9.82
CA THR A 493 76.90 10.17 -8.99
C THR A 493 77.51 11.56 -8.87
N PHE A 494 78.82 11.65 -8.71
CA PHE A 494 79.50 12.92 -8.52
C PHE A 494 80.76 12.97 -9.38
N TYR A 495 81.16 14.19 -9.74
CA TYR A 495 82.33 14.40 -10.57
C TYR A 495 83.17 15.53 -10.00
N ASP A 496 84.47 15.45 -10.22
CA ASP A 496 85.39 16.54 -9.94
C ASP A 496 86.44 16.59 -11.04
N LYS A 497 86.89 17.80 -11.35
CA LYS A 497 87.90 17.96 -12.39
C LYS A 497 89.22 17.31 -12.00
N GLU A 498 89.49 17.20 -10.70
CA GLU A 498 90.73 16.63 -10.22
C GLU A 498 90.63 15.14 -9.91
N ASP A 499 89.41 14.60 -9.80
CA ASP A 499 89.22 13.22 -9.41
C ASP A 499 88.52 12.38 -10.46
N THR A 500 87.42 12.89 -11.04
CA THR A 500 86.64 12.31 -12.13
C THR A 500 85.89 11.04 -11.75
N THR A 501 86.06 10.52 -10.53
CA THR A 501 85.36 9.31 -10.11
C THR A 501 84.83 9.50 -8.70
N THR A 502 83.72 8.81 -8.40
CA THR A 502 83.15 8.84 -7.07
C THR A 502 83.97 8.02 -6.08
N ASP A 503 84.50 6.88 -6.54
CA ASP A 503 85.18 5.95 -5.64
C ASP A 503 86.47 6.54 -5.06
N LYS A 504 87.13 7.42 -5.81
CA LYS A 504 88.37 8.06 -5.35
C LYS A 504 88.11 9.32 -4.54
N LEU A 505 86.88 9.52 -4.08
CA LEU A 505 86.49 10.76 -3.41
C LEU A 505 85.71 10.40 -2.16
N LYS A 506 85.92 11.17 -1.09
CA LYS A 506 85.33 10.83 0.20
C LYS A 506 83.84 11.14 0.19
N LEU A 507 83.04 10.18 0.66
CA LEU A 507 81.59 10.28 0.64
C LEU A 507 81.04 10.07 2.05
N THR A 508 80.18 10.99 2.48
CA THR A 508 79.60 10.93 3.82
C THR A 508 78.10 11.15 3.73
N LEU A 509 77.40 10.70 4.77
CA LEU A 509 75.96 10.84 4.88
C LEU A 509 75.64 11.72 6.08
N LYS A 510 74.74 12.69 5.90
CA LYS A 510 74.47 13.66 6.95
C LYS A 510 72.99 13.99 7.02
N LEU A 511 72.62 14.62 8.13
CA LEU A 511 71.26 15.06 8.44
C LEU A 511 71.08 16.50 7.96
N ARG A 512 69.97 17.12 8.40
CA ARG A 512 69.62 18.45 7.89
C ARG A 512 70.64 19.50 8.31
N GLU A 513 71.04 19.49 9.59
CA GLU A 513 72.01 20.45 10.11
C GLU A 513 73.42 19.87 10.15
N GLN A 514 73.74 18.99 9.20
CA GLN A 514 75.07 18.39 9.06
C GLN A 514 75.50 17.63 10.32
N GLN A 515 74.65 16.71 10.74
CA GLN A 515 74.99 15.74 11.78
C GLN A 515 74.92 14.34 11.20
N LEU A 516 75.88 13.50 11.59
CA LEU A 516 75.96 12.16 11.04
C LEU A 516 74.88 11.27 11.65
N VAL A 517 74.71 10.10 11.04
CA VAL A 517 73.79 9.11 11.57
C VAL A 517 74.37 8.52 12.85
N GLY A 518 73.52 8.33 13.85
CA GLY A 518 73.95 7.72 15.08
C GLY A 518 74.22 6.23 14.92
N GLU A 519 74.93 5.68 15.90
CA GLU A 519 75.20 4.24 15.89
C GLU A 519 73.92 3.43 16.05
N LYS A 520 72.94 3.95 16.78
CA LYS A 520 71.69 3.27 17.04
C LYS A 520 70.64 3.52 15.97
N SER A 521 70.92 4.36 14.99
CA SER A 521 69.93 4.68 13.97
C SER A 521 69.64 3.48 13.09
N TRP A 522 68.41 3.42 12.57
CA TRP A 522 67.98 2.28 11.79
C TRP A 522 68.58 2.26 10.39
N VAL A 523 69.29 3.32 9.98
CA VAL A 523 70.02 3.36 8.72
C VAL A 523 71.45 3.81 9.00
N GLN A 524 72.42 3.06 8.50
CA GLN A 524 73.82 3.42 8.59
C GLN A 524 74.43 3.38 7.18
N PHE A 525 75.69 3.79 7.08
CA PHE A 525 76.35 3.86 5.79
C PHE A 525 77.85 3.83 5.99
N ASN A 526 78.51 2.89 5.33
CA ASN A 526 79.95 2.72 5.44
C ASN A 526 80.64 3.39 4.26
N SER A 527 81.59 4.27 4.57
CA SER A 527 82.29 5.04 3.54
C SER A 527 83.25 4.17 2.75
N ASN A 528 84.01 3.31 3.43
CA ASN A 528 85.00 2.48 2.75
C ASN A 528 84.35 1.52 1.76
N SER A 529 83.21 0.96 2.13
CA SER A 529 82.42 0.14 1.23
C SER A 529 81.46 0.96 0.37
N GLN A 530 81.46 2.29 0.57
CA GLN A 530 80.54 3.24 -0.08
C GLN A 530 79.13 2.67 -0.20
N LEU A 531 78.64 2.10 0.88
CA LEU A 531 77.40 1.34 0.88
C LEU A 531 76.51 1.81 2.03
N MET A 532 75.29 2.22 1.71
CA MET A 532 74.31 2.52 2.74
C MET A 532 73.43 1.30 2.95
N TYR A 533 72.87 1.19 4.15
CA TYR A 533 72.12 0.00 4.52
C TYR A 533 71.22 0.36 5.69
N GLY A 534 70.19 -0.45 5.89
CA GLY A 534 69.31 -0.20 7.01
C GLY A 534 68.17 -1.20 7.05
N LEU A 535 67.36 -1.03 8.10
CA LEU A 535 66.15 -1.81 8.32
C LEU A 535 65.20 -0.98 9.17
N PRO A 536 64.07 -0.53 8.64
CA PRO A 536 63.21 0.38 9.36
C PRO A 536 62.16 -0.33 10.22
N ASP A 537 61.59 0.45 11.13
CA ASP A 537 60.52 -0.01 12.00
C ASP A 537 59.26 0.81 11.75
N SER A 538 58.12 0.27 12.20
CA SER A 538 56.84 0.89 11.92
C SER A 538 56.69 2.25 12.59
N SER A 539 57.46 2.54 13.63
CA SER A 539 57.47 3.88 14.20
C SER A 539 58.18 4.89 13.31
N HIS A 540 58.86 4.43 12.25
CA HIS A 540 59.54 5.31 11.31
C HIS A 540 59.00 5.13 9.89
N VAL A 541 57.72 4.80 9.78
CA VAL A 541 57.07 4.69 8.47
C VAL A 541 56.87 6.09 7.92
N GLY A 542 56.98 6.22 6.59
CA GLY A 542 56.72 7.48 5.91
C GLY A 542 57.96 8.04 5.27
N LYS A 543 58.05 9.37 5.26
CA LYS A 543 59.11 10.08 4.58
C LYS A 543 60.29 10.31 5.51
N HIS A 544 61.47 10.43 4.91
CA HIS A 544 62.63 10.98 5.62
C HIS A 544 63.58 11.59 4.61
N GLU A 545 64.43 12.48 5.08
CA GLU A 545 65.38 13.20 4.24
C GLU A 545 66.81 12.95 4.70
N TYR A 546 67.74 12.93 3.74
CA TYR A 546 69.15 12.81 4.06
C TYR A 546 69.97 13.51 2.98
N PHE A 547 71.21 13.87 3.34
CA PHE A 547 72.12 14.53 2.42
C PHE A 547 73.35 13.66 2.20
N MET A 548 73.77 13.57 0.94
CA MET A 548 75.03 12.98 0.56
C MET A 548 76.05 14.10 0.33
N HIS A 549 77.18 14.02 1.04
CA HIS A 549 78.24 15.01 0.96
C HIS A 549 79.45 14.37 0.31
N ALA A 550 79.96 15.00 -0.75
CA ALA A 550 81.06 14.49 -1.54
C ALA A 550 82.23 15.46 -1.40
N THR A 551 83.24 15.06 -0.62
CA THR A 551 84.40 15.90 -0.35
C THR A 551 85.62 15.30 -1.04
N ASP A 552 86.35 16.15 -1.76
CA ASP A 552 87.51 15.73 -2.53
C ASP A 552 88.78 15.90 -1.71
N LYS A 553 89.94 15.71 -2.36
CA LYS A 553 91.22 16.01 -1.72
C LYS A 553 91.42 17.52 -1.57
N GLY A 554 90.73 18.33 -2.38
CA GLY A 554 90.83 19.77 -2.30
C GLY A 554 90.06 20.41 -1.17
N GLY A 555 89.43 19.62 -0.31
CA GLY A 555 88.71 20.16 0.83
C GLY A 555 87.42 20.87 0.49
N LEU A 556 86.83 20.57 -0.66
CA LEU A 556 85.61 21.21 -1.11
C LEU A 556 84.51 20.16 -1.27
N SER A 557 83.31 20.51 -0.83
CA SER A 557 82.21 19.55 -0.72
C SER A 557 81.09 19.91 -1.69
N ALA A 558 80.65 18.92 -2.45
CA ALA A 558 79.44 19.01 -3.26
C ALA A 558 78.32 18.28 -2.54
N VAL A 559 77.09 18.77 -2.65
CA VAL A 559 75.98 18.27 -1.87
C VAL A 559 74.87 17.79 -2.79
N ASP A 560 74.30 16.63 -2.46
CA ASP A 560 73.06 16.17 -3.07
C ASP A 560 72.11 15.79 -1.95
N ALA A 561 70.82 15.90 -2.21
CA ALA A 561 69.81 15.53 -1.24
C ALA A 561 68.97 14.38 -1.77
N PHE A 562 68.43 13.58 -0.86
CA PHE A 562 67.54 12.50 -1.27
C PHE A 562 66.53 12.22 -0.17
N GLU A 563 65.45 11.57 -0.58
CA GLU A 563 64.31 11.26 0.28
C GLU A 563 64.07 9.76 0.27
N ILE A 564 63.69 9.23 1.43
CA ILE A 564 63.48 7.80 1.63
C ILE A 564 62.04 7.58 2.06
N HIS A 565 61.34 6.71 1.34
CA HIS A 565 59.99 6.30 1.69
C HIS A 565 60.05 4.91 2.32
N VAL A 566 59.56 4.81 3.55
CA VAL A 566 59.41 3.54 4.26
C VAL A 566 57.94 3.19 4.29
N HIS A 567 57.62 1.99 3.82
CA HIS A 567 56.24 1.53 3.75
C HIS A 567 56.02 0.37 4.73
N LYS A 568 54.76 0.12 5.04
CA LYS A 568 54.40 -1.06 5.79
C LYS A 568 54.60 -2.30 4.92
N ARG A 569 54.61 -3.46 5.56
CA ARG A 569 54.79 -4.70 4.81
C ARG A 569 53.57 -4.92 3.92
N PRO A 570 53.75 -5.06 2.60
CA PRO A 570 52.57 -5.17 1.71
C PRO A 570 51.72 -6.40 1.97
N GLN A 571 52.32 -7.53 2.35
CA GLN A 571 51.53 -8.71 2.65
C GLN A 571 50.70 -8.52 3.92
N GLY A 572 51.24 -7.81 4.90
CA GLY A 572 50.48 -7.46 6.08
C GLY A 572 50.23 -8.61 7.03
N ASP A 573 48.96 -8.99 7.18
CA ASP A 573 48.57 -9.98 8.17
C ASP A 573 48.19 -11.33 7.57
N LYS A 574 47.95 -11.40 6.26
CA LYS A 574 47.43 -12.60 5.61
C LYS A 574 48.53 -13.51 5.06
N ALA A 575 49.71 -13.50 5.68
CA ALA A 575 50.81 -14.32 5.20
C ALA A 575 50.49 -15.80 5.36
N PRO A 576 50.74 -16.62 4.32
CA PRO A 576 50.46 -18.06 4.44
C PRO A 576 51.31 -18.78 5.47
N ALA A 577 52.45 -18.21 5.87
CA ALA A 577 53.32 -18.84 6.84
C ALA A 577 53.68 -17.83 7.93
N ARG A 578 53.87 -18.34 9.14
CA ARG A 578 54.21 -17.51 10.30
C ARG A 578 55.17 -18.31 11.17
N PHE A 579 56.46 -17.99 11.07
CA PHE A 579 57.46 -18.66 11.89
C PHE A 579 57.58 -17.97 13.25
N LYS A 580 57.69 -18.79 14.30
CA LYS A 580 57.77 -18.31 15.66
C LYS A 580 58.85 -19.08 16.41
N ALA A 581 59.66 -18.35 17.19
CA ALA A 581 60.73 -18.98 17.94
C ALA A 581 61.01 -18.18 19.20
N LYS A 582 61.37 -18.88 20.27
CA LYS A 582 61.77 -18.27 21.53
C LYS A 582 63.23 -18.61 21.81
N PHE A 583 64.01 -17.60 22.18
CA PHE A 583 65.43 -17.74 22.45
C PHE A 583 65.71 -17.49 23.93
N VAL A 584 66.99 -17.49 24.28
CA VAL A 584 67.44 -17.29 25.64
C VAL A 584 68.11 -15.92 25.73
N GLY A 585 68.06 -15.33 26.92
CA GLY A 585 68.67 -14.03 27.15
C GLY A 585 67.70 -12.88 26.93
N ASP A 586 68.09 -11.72 27.44
CA ASP A 586 67.22 -10.55 27.38
C ASP A 586 67.13 -10.04 25.94
N PRO A 587 65.92 -9.74 25.45
CA PRO A 587 65.79 -9.09 24.14
C PRO A 587 66.06 -7.61 24.14
N ALA A 588 66.30 -7.00 25.30
CA ALA A 588 66.56 -5.56 25.35
C ALA A 588 67.82 -5.15 24.60
N PRO A 589 68.99 -5.78 24.78
CA PRO A 589 70.14 -5.39 23.95
C PRO A 589 69.95 -5.72 22.48
N VAL A 590 69.23 -6.79 22.15
CA VAL A 590 69.03 -7.16 20.75
C VAL A 590 68.15 -6.15 20.04
N VAL A 591 67.05 -5.75 20.68
CA VAL A 591 66.17 -4.74 20.09
C VAL A 591 66.85 -3.38 20.08
N ASN A 592 67.57 -3.04 21.14
CA ASN A 592 68.21 -1.74 21.23
C ASN A 592 69.36 -1.58 20.25
N ASP A 593 69.91 -2.69 19.75
CA ASP A 593 71.04 -2.64 18.81
C ASP A 593 70.54 -2.99 17.42
N ILE A 594 70.74 -2.07 16.47
CA ILE A 594 70.42 -2.37 15.08
C ILE A 594 71.48 -3.31 14.49
N HIS A 595 72.71 -3.27 15.02
CA HIS A 595 73.75 -4.19 14.58
C HIS A 595 73.37 -5.63 14.90
N LYS A 596 72.86 -5.86 16.10
CA LYS A 596 72.37 -7.20 16.45
C LYS A 596 71.22 -7.60 15.55
N LYS A 597 70.34 -6.66 15.20
CA LYS A 597 69.20 -6.97 14.36
C LYS A 597 69.64 -7.39 12.96
N ILE A 598 70.55 -6.63 12.35
CA ILE A 598 71.01 -6.97 11.01
C ILE A 598 71.84 -8.25 11.04
N ALA A 599 72.62 -8.47 12.10
CA ALA A 599 73.33 -9.73 12.25
C ALA A 599 72.36 -10.91 12.32
N LEU A 600 71.27 -10.75 13.07
CA LEU A 600 70.25 -11.79 13.14
C LEU A 600 69.62 -12.04 11.79
N VAL A 601 69.29 -10.98 11.05
CA VAL A 601 68.63 -11.15 9.76
C VAL A 601 69.54 -11.87 8.78
N LYS A 602 70.80 -11.43 8.68
CA LYS A 602 71.74 -12.08 7.78
C LYS A 602 72.05 -13.49 8.26
N LYS A 603 71.94 -13.76 9.56
CA LYS A 603 72.20 -15.11 10.05
C LYS A 603 71.06 -16.07 9.70
N LEU A 604 69.82 -15.60 9.77
CA LEU A 604 68.72 -16.41 9.23
C LEU A 604 68.89 -16.63 7.73
N ALA A 605 69.29 -15.59 7.01
CA ALA A 605 69.49 -15.72 5.56
C ALA A 605 70.56 -16.76 5.25
N PHE A 606 71.65 -16.75 6.00
CA PHE A 606 72.70 -17.75 5.81
C PHE A 606 72.25 -19.13 6.28
N ALA A 607 71.41 -19.19 7.31
CA ALA A 607 70.87 -20.47 7.77
C ALA A 607 70.05 -21.14 6.69
N PHE A 608 69.26 -20.36 5.96
CA PHE A 608 68.62 -20.87 4.75
C PHE A 608 69.59 -20.97 3.58
N GLY A 609 70.82 -20.47 3.71
CA GLY A 609 71.76 -20.44 2.61
C GLY A 609 71.54 -19.30 1.66
N ASP A 610 70.70 -18.34 2.00
CA ASP A 610 70.30 -17.29 1.07
C ASP A 610 71.36 -16.21 0.98
N ARG A 611 71.31 -15.46 -0.12
CA ARG A 611 72.21 -14.34 -0.34
C ARG A 611 71.53 -13.01 -0.02
N ASN A 612 70.37 -12.76 -0.62
CA ASN A 612 69.62 -11.54 -0.36
C ASN A 612 68.94 -11.65 1.00
N CYS A 613 69.50 -10.98 2.00
CA CYS A 613 68.95 -11.03 3.36
C CYS A 613 67.62 -10.29 3.49
N SER A 614 67.23 -9.51 2.48
CA SER A 614 65.95 -8.80 2.51
C SER A 614 64.74 -9.74 2.49
N THR A 615 64.92 -11.01 2.13
CA THR A 615 63.81 -11.95 2.08
C THR A 615 63.26 -12.28 3.45
N VAL A 616 63.94 -11.88 4.53
CA VAL A 616 63.42 -12.02 5.89
C VAL A 616 62.68 -10.74 6.24
N THR A 617 61.47 -10.89 6.79
CA THR A 617 60.71 -9.77 7.34
C THR A 617 60.29 -10.14 8.75
N LEU A 618 61.10 -9.73 9.73
CA LEU A 618 60.68 -9.81 11.12
C LEU A 618 59.42 -9.00 11.31
N GLN A 619 58.47 -9.55 12.07
CA GLN A 619 57.21 -8.86 12.27
C GLN A 619 56.99 -8.39 13.70
N ASN A 620 57.54 -9.08 14.70
CA ASN A 620 57.23 -8.65 16.07
C ASN A 620 58.13 -9.42 17.03
N ILE A 621 58.68 -8.71 18.02
CA ILE A 621 59.53 -9.31 19.05
C ILE A 621 58.97 -8.92 20.41
N THR A 622 58.79 -9.90 21.29
CA THR A 622 58.20 -9.69 22.60
C THR A 622 59.13 -10.24 23.68
N ARG A 623 59.35 -9.45 24.72
CA ARG A 623 60.13 -9.89 25.88
C ARG A 623 59.37 -10.98 26.63
N GLY A 624 60.05 -12.09 26.89
CA GLY A 624 59.41 -13.22 27.55
C GLY A 624 60.01 -13.61 28.88
N SER B 1 63.19 -13.33 27.83
CA SER B 1 63.63 -14.20 26.75
C SER B 1 63.36 -13.54 25.40
N ILE B 2 64.07 -13.99 24.37
CA ILE B 2 63.92 -13.47 23.02
C ILE B 2 62.89 -14.32 22.29
N VAL B 3 61.69 -13.80 22.11
CA VAL B 3 60.63 -14.48 21.39
C VAL B 3 60.53 -13.80 20.02
N VAL B 4 61.14 -14.42 19.01
CA VAL B 4 61.33 -13.80 17.70
C VAL B 4 60.27 -14.34 16.73
N GLU B 5 59.69 -13.42 15.95
CA GLU B 5 58.73 -13.76 14.92
C GLU B 5 59.12 -13.07 13.62
N TRP B 6 58.87 -13.74 12.49
CA TRP B 6 59.24 -13.18 11.20
C TRP B 6 58.36 -13.78 10.11
N THR B 7 58.45 -13.18 8.92
CA THR B 7 57.74 -13.63 7.74
C THR B 7 58.69 -13.63 6.55
N ASN B 8 58.36 -14.46 5.55
CA ASN B 8 59.17 -14.62 4.35
C ASN B 8 58.49 -13.91 3.19
N ASN B 9 59.29 -13.23 2.36
CA ASN B 9 58.76 -12.44 1.26
C ASN B 9 58.30 -13.29 0.08
N THR B 10 58.90 -14.48 -0.10
CA THR B 10 58.48 -15.33 -1.21
C THR B 10 57.09 -15.90 -1.01
N LEU B 11 56.51 -15.72 0.17
CA LEU B 11 55.12 -16.08 0.39
C LEU B 11 54.24 -15.29 -0.58
N PRO B 12 53.50 -15.95 -1.46
CA PRO B 12 52.77 -15.24 -2.53
C PRO B 12 51.33 -14.88 -2.20
N LEU B 13 50.88 -15.07 -0.96
CA LEU B 13 49.49 -14.83 -0.57
C LEU B 13 48.53 -15.66 -1.42
N GLU B 14 48.88 -16.94 -1.58
CA GLU B 14 48.15 -17.85 -2.45
C GLU B 14 47.81 -19.13 -1.68
N PRO B 15 47.06 -20.10 -2.27
CA PRO B 15 46.88 -21.40 -1.62
C PRO B 15 48.15 -22.00 -1.03
N CYS B 16 48.00 -22.63 0.14
CA CYS B 16 49.05 -23.03 1.08
C CYS B 16 50.30 -23.61 0.42
N PRO B 17 51.47 -23.01 0.67
CA PRO B 17 52.75 -23.63 0.30
C PRO B 17 53.22 -24.67 1.33
N LYS B 18 52.34 -25.63 1.62
CA LYS B 18 52.63 -26.62 2.65
C LYS B 18 53.84 -27.46 2.31
N GLU B 19 54.07 -27.73 1.03
CA GLU B 19 55.24 -28.51 0.63
C GLU B 19 56.53 -27.75 0.88
N GLN B 20 56.53 -26.44 0.63
CA GLN B 20 57.72 -25.63 0.91
C GLN B 20 58.03 -25.60 2.41
N ILE B 21 57.00 -25.40 3.23
CA ILE B 21 57.22 -25.34 4.67
C ILE B 21 57.64 -26.71 5.20
N THR B 22 57.10 -27.78 4.62
CA THR B 22 57.52 -29.13 5.00
C THR B 22 58.99 -29.36 4.65
N GLY B 23 59.42 -28.90 3.48
CA GLY B 23 60.83 -28.99 3.12
C GLY B 23 61.71 -28.19 4.06
N LEU B 24 61.26 -26.99 4.44
CA LEU B 24 62.02 -26.19 5.40
C LEU B 24 62.08 -26.87 6.76
N SER B 25 60.98 -27.49 7.18
CA SER B 25 60.95 -28.19 8.46
C SER B 25 61.90 -29.37 8.46
N ARG B 26 61.95 -30.13 7.37
CA ARG B 26 62.87 -31.26 7.30
C ARG B 26 64.30 -30.82 7.03
N ARG B 27 64.52 -29.60 6.57
CA ARG B 27 65.86 -29.09 6.27
C ARG B 27 66.51 -28.43 7.47
N ILE B 28 65.82 -27.49 8.12
CA ILE B 28 66.42 -26.67 9.18
C ILE B 28 65.83 -26.92 10.54
N ALA B 29 64.72 -27.66 10.64
CA ALA B 29 64.04 -27.88 11.90
C ALA B 29 63.90 -29.37 12.19
N GLU B 30 63.25 -29.68 13.30
CA GLU B 30 62.97 -31.06 13.67
C GLU B 30 61.59 -31.13 14.29
N ASP B 31 61.05 -32.34 14.36
CA ASP B 31 59.70 -32.54 14.88
C ASP B 31 59.58 -32.07 16.32
N ASN B 32 60.66 -32.20 17.11
CA ASN B 32 60.61 -31.78 18.50
C ASN B 32 60.63 -30.26 18.63
N GLY B 33 61.37 -29.58 17.76
CA GLY B 33 61.45 -28.13 17.79
C GLY B 33 62.82 -27.56 18.14
N GLN B 34 63.79 -28.40 18.46
CA GLN B 34 65.13 -27.91 18.69
C GLN B 34 65.78 -27.49 17.36
N PRO B 35 66.70 -26.51 17.40
CA PRO B 35 67.41 -26.15 16.17
C PRO B 35 68.25 -27.30 15.66
N ARG B 36 68.24 -27.48 14.33
CA ARG B 36 69.01 -28.54 13.70
C ARG B 36 70.50 -28.23 13.81
N PRO B 37 71.36 -29.25 13.68
CA PRO B 37 72.81 -28.99 13.74
C PRO B 37 73.28 -27.96 12.72
N ALA B 38 72.73 -27.98 11.50
CA ALA B 38 73.04 -26.91 10.55
C ALA B 38 72.47 -25.58 11.02
N PHE B 39 71.22 -25.60 11.50
CA PHE B 39 70.61 -24.37 12.02
C PHE B 39 71.36 -23.87 13.25
N THR B 40 71.74 -24.77 14.16
CA THR B 40 72.47 -24.36 15.34
C THR B 40 73.85 -23.82 14.97
N ASN B 41 74.52 -24.46 14.01
CA ASN B 41 75.83 -23.97 13.57
C ASN B 41 75.73 -22.60 12.95
N ALA B 42 74.68 -22.35 12.17
CA ALA B 42 74.43 -21.00 11.68
C ALA B 42 74.19 -20.04 12.83
N LEU B 43 73.41 -20.46 13.83
CA LEU B 43 73.17 -19.65 15.01
C LEU B 43 74.43 -19.55 15.88
N GLU B 44 75.27 -20.57 15.86
CA GLU B 44 76.47 -20.59 16.69
C GLU B 44 77.42 -19.45 16.28
N PRO B 45 78.00 -18.74 17.26
CA PRO B 45 77.76 -18.83 18.70
C PRO B 45 76.94 -17.66 19.26
N ASP B 46 76.65 -16.65 18.44
CA ASP B 46 75.97 -15.46 18.94
C ASP B 46 74.57 -15.79 19.46
N PHE B 47 73.85 -16.63 18.74
CA PHE B 47 72.48 -16.98 19.08
C PHE B 47 72.36 -18.46 19.40
N LYS B 48 71.58 -18.77 20.43
CA LYS B 48 71.36 -20.15 20.89
C LYS B 48 69.85 -20.34 21.03
N ALA B 49 69.23 -20.91 20.00
CA ALA B 49 67.79 -21.07 19.99
C ALA B 49 67.33 -22.07 21.04
N THR B 50 66.19 -21.78 21.67
CA THR B 50 65.56 -22.67 22.63
C THR B 50 64.40 -23.44 22.02
N SER B 51 63.44 -22.74 21.41
CA SER B 51 62.26 -23.38 20.84
C SER B 51 62.00 -22.83 19.46
N ILE B 52 61.41 -23.67 18.62
CA ILE B 52 60.95 -23.29 17.29
C ILE B 52 59.48 -23.68 17.17
N ALA B 53 58.65 -22.75 16.70
CA ALA B 53 57.23 -23.00 16.53
C ALA B 53 56.83 -22.56 15.13
N ILE B 54 56.70 -23.52 14.22
CA ILE B 54 56.28 -23.25 12.84
C ILE B 54 54.78 -23.48 12.76
N THR B 55 54.03 -22.42 12.46
CA THR B 55 52.59 -22.43 12.46
C THR B 55 52.05 -21.90 11.14
N GLY B 56 50.95 -22.48 10.66
CA GLY B 56 50.33 -22.03 9.45
C GLY B 56 49.34 -20.90 9.66
N SER B 57 49.11 -20.13 8.60
CA SER B 57 48.17 -19.01 8.63
C SER B 57 47.77 -18.71 7.19
N GLY B 58 46.98 -17.66 7.02
CA GLY B 58 46.56 -17.23 5.70
C GLY B 58 45.70 -18.27 5.00
N SER B 59 46.28 -18.92 3.99
CA SER B 59 45.64 -20.05 3.33
C SER B 59 45.93 -21.38 4.01
N CYS B 60 46.72 -21.37 5.09
CA CYS B 60 47.06 -22.57 5.84
C CYS B 60 46.42 -22.53 7.24
N ARG B 61 45.16 -22.08 7.30
CA ARG B 61 44.50 -21.94 8.59
C ARG B 61 44.29 -23.28 9.27
N HIS B 62 43.93 -24.30 8.50
CA HIS B 62 43.67 -25.63 9.04
C HIS B 62 44.94 -26.47 9.21
N LEU B 63 46.12 -25.85 9.13
CA LEU B 63 47.37 -26.58 9.17
C LEU B 63 48.28 -26.02 10.25
N GLN B 64 48.77 -26.90 11.12
CA GLN B 64 49.87 -26.61 12.02
C GLN B 64 51.01 -27.55 11.69
N PHE B 65 52.23 -27.03 11.66
CA PHE B 65 53.36 -27.80 11.16
C PHE B 65 54.44 -28.09 12.19
N ILE B 66 54.39 -27.46 13.36
CA ILE B 66 55.28 -27.83 14.46
C ILE B 66 54.65 -28.99 15.21
N PRO B 67 55.32 -30.14 15.30
CA PRO B 67 54.74 -31.26 16.05
C PRO B 67 54.79 -31.05 17.55
N VAL B 68 53.65 -30.70 18.14
CA VAL B 68 53.52 -30.58 19.59
C VAL B 68 52.78 -31.79 20.16
N ALA B 69 52.48 -32.78 19.32
CA ALA B 69 51.64 -33.94 19.63
C ALA B 69 50.27 -33.48 20.13
N PRO B 70 49.47 -32.82 19.30
CA PRO B 70 48.16 -32.34 19.75
C PRO B 70 47.11 -33.43 19.61
N PRO B 71 46.46 -33.81 20.70
CA PRO B 71 45.39 -34.81 20.63
C PRO B 71 44.00 -34.23 20.42
N GLY B 72 43.90 -32.93 20.13
CA GLY B 72 42.62 -32.28 19.99
C GLY B 72 41.74 -32.84 18.90
N ILE B 73 40.55 -33.31 19.28
CA ILE B 73 39.57 -33.83 18.33
C ILE B 73 38.30 -32.99 18.47
N PRO B 74 38.01 -32.10 17.52
CA PRO B 74 36.83 -31.25 17.65
C PRO B 74 35.54 -32.06 17.53
N SER B 75 34.49 -31.52 18.15
CA SER B 75 33.19 -32.17 18.15
C SER B 75 32.47 -31.89 16.83
N SER B 76 31.22 -32.30 16.74
CA SER B 76 30.41 -32.11 15.55
C SER B 76 29.31 -31.10 15.83
N VAL B 77 28.97 -30.33 14.79
CA VAL B 77 27.90 -29.34 14.91
C VAL B 77 26.56 -30.07 15.07
N THR B 78 25.78 -29.64 16.06
CA THR B 78 24.46 -30.23 16.25
C THR B 78 23.54 -29.87 15.09
N PRO B 79 22.71 -30.79 14.63
CA PRO B 79 21.82 -30.49 13.50
C PRO B 79 20.60 -29.71 13.95
N PRO B 80 20.45 -28.46 13.51
CA PRO B 80 19.27 -27.69 13.89
C PRO B 80 18.07 -28.08 13.05
N THR B 81 16.91 -28.16 13.70
CA THR B 81 15.69 -28.53 13.00
C THR B 81 15.28 -27.39 12.08
N GLU B 82 15.06 -27.72 10.80
CA GLU B 82 14.62 -26.71 9.84
C GLU B 82 13.20 -26.26 10.15
N VAL B 83 12.95 -24.97 10.03
CA VAL B 83 11.67 -24.38 10.41
C VAL B 83 11.06 -23.58 9.25
N PRO B 84 10.56 -24.24 8.21
CA PRO B 84 9.88 -23.50 7.15
C PRO B 84 8.52 -23.00 7.63
N ASP B 85 8.20 -21.77 7.21
CA ASP B 85 6.97 -21.11 7.62
C ASP B 85 5.98 -21.11 6.47
N ARG B 86 4.79 -21.65 6.71
CA ARG B 86 3.75 -21.75 5.70
C ARG B 86 2.49 -21.04 6.21
N ASP B 87 1.95 -20.14 5.38
CA ASP B 87 0.74 -19.38 5.71
C ASP B 87 -0.27 -19.55 4.59
N PRO B 88 -1.02 -20.66 4.62
CA PRO B 88 -2.13 -20.82 3.67
C PRO B 88 -3.38 -20.09 4.17
N GLU B 89 -4.30 -19.86 3.25
CA GLU B 89 -5.51 -19.16 3.61
C GLU B 89 -6.40 -20.05 4.47
N LYS B 90 -7.38 -19.42 5.11
CA LYS B 90 -8.32 -20.15 5.95
C LYS B 90 -9.73 -19.65 5.69
N SER B 91 -10.66 -20.59 5.59
CA SER B 91 -12.06 -20.24 5.77
C SER B 91 -12.31 -20.00 7.25
N SER B 92 -13.32 -19.19 7.55
CA SER B 92 -13.58 -18.80 8.92
C SER B 92 -13.94 -20.01 9.77
N GLU B 93 -13.30 -20.13 10.93
CA GLU B 93 -13.75 -21.11 11.92
C GLU B 93 -15.11 -20.75 12.50
N ASP B 94 -15.58 -19.52 12.24
CA ASP B 94 -16.91 -19.10 12.63
C ASP B 94 -18.00 -19.84 11.87
N ASP B 95 -17.63 -20.54 10.78
CA ASP B 95 -18.59 -21.39 10.09
C ASP B 95 -19.11 -22.48 11.03
N VAL B 96 -18.27 -22.95 11.94
CA VAL B 96 -18.69 -23.97 12.90
C VAL B 96 -19.82 -23.44 13.78
N TYR B 97 -19.64 -22.25 14.34
CA TYR B 97 -20.69 -21.69 15.19
C TYR B 97 -21.89 -21.23 14.35
N LEU B 98 -21.67 -20.92 13.07
CA LEU B 98 -22.79 -20.73 12.15
C LEU B 98 -23.64 -21.99 12.07
N HIS B 99 -23.00 -23.15 11.92
CA HIS B 99 -23.74 -24.40 11.86
C HIS B 99 -24.37 -24.74 13.21
N THR B 100 -23.78 -24.29 14.31
CA THR B 100 -24.40 -24.53 15.61
C THR B 100 -25.49 -23.51 15.95
N VAL B 101 -25.61 -22.42 15.20
CA VAL B 101 -26.61 -21.37 15.47
C VAL B 101 -27.76 -21.42 14.47
N ILE B 102 -27.47 -21.33 13.18
CA ILE B 102 -28.52 -21.19 12.17
C ILE B 102 -29.27 -22.50 11.94
N PRO B 103 -28.62 -23.65 11.70
CA PRO B 103 -29.40 -24.90 11.59
C PRO B 103 -30.21 -25.26 12.83
N ALA B 104 -30.11 -24.49 13.92
CA ALA B 104 -31.05 -24.63 15.00
C ALA B 104 -32.42 -24.05 14.67
N VAL B 105 -32.55 -23.35 13.54
CA VAL B 105 -33.86 -22.79 13.16
C VAL B 105 -34.59 -23.69 12.17
N VAL B 106 -33.88 -24.60 11.48
CA VAL B 106 -34.51 -25.44 10.46
C VAL B 106 -35.59 -26.32 11.07
N VAL B 107 -35.48 -26.61 12.37
CA VAL B 107 -36.52 -27.36 13.06
C VAL B 107 -37.84 -26.58 13.14
N ALA B 108 -37.80 -25.26 12.99
CA ALA B 108 -39.05 -24.50 12.93
C ALA B 108 -39.85 -24.84 11.68
N ALA B 109 -39.20 -25.31 10.62
CA ALA B 109 -39.93 -25.80 9.46
C ALA B 109 -40.72 -27.07 9.80
N ILE B 110 -40.11 -27.98 10.58
CA ILE B 110 -40.84 -29.15 11.06
C ILE B 110 -41.95 -28.72 12.01
N LEU B 111 -41.71 -27.67 12.78
CA LEU B 111 -42.76 -27.10 13.64
C LEU B 111 -43.94 -26.62 12.79
N LEU B 112 -43.65 -25.99 11.66
CA LEU B 112 -44.75 -25.59 10.76
C LEU B 112 -45.45 -26.86 10.28
N ILE B 113 -44.70 -27.86 9.79
CA ILE B 113 -45.35 -29.04 9.23
C ILE B 113 -46.28 -29.66 10.25
N ALA B 114 -45.83 -29.75 11.51
CA ALA B 114 -46.68 -30.25 12.59
C ALA B 114 -47.91 -29.37 12.79
N GLY B 115 -47.73 -28.05 12.79
CA GLY B 115 -48.87 -27.17 12.97
C GLY B 115 -49.89 -27.29 11.86
N ILE B 116 -49.39 -27.33 10.62
CA ILE B 116 -50.30 -27.46 9.45
C ILE B 116 -51.07 -28.77 9.56
N ILE B 117 -50.35 -29.89 9.72
CA ILE B 117 -51.04 -31.18 9.73
C ILE B 117 -51.97 -31.28 10.92
N ALA B 118 -51.69 -30.55 12.01
CA ALA B 118 -52.64 -30.47 13.11
C ALA B 118 -53.89 -29.71 12.70
N MET B 119 -53.71 -28.60 11.96
CA MET B 119 -54.83 -27.73 11.66
C MET B 119 -55.68 -28.22 10.50
N ILE B 120 -55.16 -29.15 9.70
CA ILE B 120 -55.98 -29.77 8.67
C ILE B 120 -56.84 -30.87 9.28
N CYS B 121 -56.78 -31.01 10.61
CA CYS B 121 -57.48 -32.10 11.30
C CYS B 121 -58.18 -31.68 12.58
N TYR B 122 -58.55 -30.39 12.72
CA TYR B 122 -59.18 -29.96 13.97
C TYR B 122 -60.53 -30.61 14.21
N ARG B 123 -61.19 -31.12 13.18
CA ARG B 123 -62.38 -31.95 13.38
C ARG B 123 -62.18 -33.40 12.98
N LYS B 124 -61.06 -33.73 12.33
CA LYS B 124 -60.74 -35.11 12.01
C LYS B 124 -59.98 -35.81 13.12
N LYS B 125 -59.55 -35.07 14.15
CA LYS B 125 -58.89 -35.69 15.29
C LYS B 125 -59.83 -36.61 16.04
N ARG B 126 -61.01 -36.11 16.42
CA ARG B 126 -62.03 -36.88 17.12
C ARG B 126 -63.38 -36.55 16.49
N LYS B 127 -63.74 -37.32 15.46
CA LYS B 127 -65.00 -37.05 14.77
C LYS B 127 -66.20 -37.38 15.64
N GLY B 128 -66.13 -38.51 16.37
CA GLY B 128 -67.23 -38.87 17.25
C GLY B 128 -67.43 -37.89 18.40
N LYS B 129 -66.33 -37.39 18.96
CA LYS B 129 -66.33 -36.42 20.07
C LYS B 129 -67.08 -37.04 21.24
N LEU B 130 -68.13 -36.41 21.77
CA LEU B 130 -68.86 -36.93 22.91
C LEU B 130 -70.34 -36.92 22.60
N THR B 131 -71.14 -37.45 23.53
CA THR B 131 -72.59 -37.60 23.38
C THR B 131 -72.93 -38.36 22.08
N LEU B 132 -72.41 -39.58 21.99
CA LEU B 132 -72.54 -40.40 20.80
C LEU B 132 -73.88 -41.12 20.81
N GLU B 133 -74.93 -40.38 20.48
CA GLU B 133 -76.23 -41.00 20.29
C GLU B 133 -76.44 -41.30 18.81
N ASP B 134 -77.36 -42.23 18.54
CA ASP B 134 -77.70 -42.66 17.18
C ASP B 134 -76.45 -43.05 16.39
N GLN B 135 -75.78 -44.10 16.85
CA GLN B 135 -74.48 -44.49 16.32
C GLN B 135 -74.55 -45.64 15.31
N ALA B 136 -75.70 -45.86 14.67
CA ALA B 136 -75.75 -46.89 13.65
C ALA B 136 -76.57 -46.46 12.44
N THR B 137 -76.83 -45.16 12.29
CA THR B 137 -77.62 -44.63 11.19
C THR B 137 -77.05 -43.27 10.78
N PHE B 138 -77.83 -42.53 9.99
CA PHE B 138 -77.41 -41.24 9.46
C PHE B 138 -78.60 -40.29 9.52
N ILE B 139 -78.40 -39.12 10.14
CA ILE B 139 -79.47 -38.14 10.34
C ILE B 139 -78.98 -36.80 9.78
N LYS B 140 -79.55 -36.38 8.64
CA LYS B 140 -79.22 -35.11 8.04
C LYS B 140 -80.31 -34.71 7.06
N LYS B 141 -80.54 -33.40 6.94
CA LYS B 141 -81.57 -32.85 6.06
C LYS B 141 -81.02 -31.67 5.28
N GLY B 142 -81.53 -31.48 4.07
CA GLY B 142 -81.12 -30.35 3.24
C GLY B 142 -82.20 -29.74 2.37
N VAL B 143 -83.46 -30.03 2.67
CA VAL B 143 -84.57 -29.51 1.86
C VAL B 143 -85.76 -29.17 2.76
N PRO B 144 -86.24 -27.93 2.75
CA PRO B 144 -87.31 -27.55 3.69
C PRO B 144 -88.65 -28.14 3.29
N ILE B 145 -89.31 -28.77 4.26
CA ILE B 145 -90.62 -29.39 4.05
C ILE B 145 -91.62 -28.84 5.06
N PRO C 3040 -121.44 -33.98 36.09
CA PRO C 3040 -120.51 -33.33 37.02
C PRO C 3040 -120.75 -31.83 37.14
N ALA C 3041 -120.31 -31.23 38.24
CA ALA C 3041 -120.52 -29.80 38.46
C ALA C 3041 -119.66 -28.95 37.54
N SER C 3042 -118.54 -29.48 37.06
CA SER C 3042 -117.68 -28.73 36.15
C SER C 3042 -118.25 -28.62 34.74
N GLN C 3043 -119.33 -29.33 34.44
CA GLN C 3043 -119.88 -29.31 33.08
C GLN C 3043 -120.35 -27.91 32.70
N HIS C 3044 -121.20 -27.31 33.52
CA HIS C 3044 -121.69 -25.96 33.23
C HIS C 3044 -120.58 -24.93 33.31
N PHE C 3045 -119.58 -25.16 34.17
CA PHE C 3045 -118.49 -24.20 34.33
C PHE C 3045 -117.59 -24.16 33.10
N LEU C 3046 -117.20 -25.33 32.59
CA LEU C 3046 -116.23 -25.41 31.51
C LEU C 3046 -116.86 -25.72 30.16
N SER C 3047 -118.19 -25.70 30.05
CA SER C 3047 -118.80 -25.82 28.73
C SER C 3047 -118.64 -24.56 27.89
N THR C 3048 -118.34 -23.42 28.52
CA THR C 3048 -118.15 -22.16 27.81
C THR C 3048 -116.70 -21.94 27.37
N SER C 3049 -115.79 -22.85 27.71
CA SER C 3049 -114.41 -22.74 27.22
C SER C 3049 -114.35 -22.88 25.70
N VAL C 3050 -115.30 -23.61 25.11
CA VAL C 3050 -115.43 -23.73 23.67
C VAL C 3050 -116.87 -23.40 23.29
N GLN C 3051 -117.07 -22.91 22.08
CA GLN C 3051 -118.37 -22.43 21.63
C GLN C 3051 -118.70 -23.05 20.29
N GLY C 3052 -119.91 -22.77 19.81
CA GLY C 3052 -120.35 -23.20 18.50
C GLY C 3052 -120.73 -24.67 18.45
N PRO C 3053 -120.37 -25.33 17.35
CA PRO C 3053 -120.73 -26.75 17.19
C PRO C 3053 -120.13 -27.67 18.23
N TRP C 3054 -118.99 -27.30 18.83
CA TRP C 3054 -118.38 -28.15 19.85
C TRP C 3054 -119.30 -28.24 21.06
N GLU C 3055 -119.52 -29.46 21.53
CA GLU C 3055 -120.45 -29.73 22.63
C GLU C 3055 -119.75 -30.67 23.60
N ARG C 3056 -119.35 -30.16 24.76
CA ARG C 3056 -118.65 -30.98 25.73
C ARG C 3056 -119.63 -31.94 26.40
N ALA C 3057 -119.23 -33.20 26.52
CA ALA C 3057 -120.04 -34.22 27.17
C ALA C 3057 -119.15 -35.07 28.06
N ILE C 3058 -119.76 -35.67 29.07
CA ILE C 3058 -119.05 -36.49 30.03
C ILE C 3058 -119.19 -37.96 29.62
N SER C 3059 -118.25 -38.78 30.08
CA SER C 3059 -118.18 -40.19 29.76
C SER C 3059 -118.44 -41.03 31.00
N PRO C 3060 -118.80 -42.31 30.83
CA PRO C 3060 -118.93 -43.19 32.00
C PRO C 3060 -117.65 -43.32 32.81
N ASN C 3061 -116.49 -43.14 32.18
CA ASN C 3061 -115.21 -43.11 32.88
C ASN C 3061 -114.88 -41.72 33.43
N LYS C 3062 -115.88 -40.86 33.59
CA LYS C 3062 -115.77 -39.50 34.16
C LYS C 3062 -114.63 -38.70 33.54
N VAL C 3063 -114.47 -38.82 32.23
CA VAL C 3063 -113.53 -38.01 31.46
C VAL C 3063 -114.34 -37.16 30.49
N PRO C 3064 -114.23 -35.83 30.54
CA PRO C 3064 -115.01 -34.99 29.63
C PRO C 3064 -114.54 -35.11 28.19
N TYR C 3065 -115.46 -34.88 27.26
CA TYR C 3065 -115.11 -34.87 25.84
C TYR C 3065 -116.03 -33.95 25.06
N TYR C 3066 -115.46 -33.29 24.06
CA TYR C 3066 -116.22 -32.47 23.14
C TYR C 3066 -116.96 -33.37 22.13
N ILE C 3067 -117.90 -32.78 21.40
CA ILE C 3067 -118.66 -33.49 20.38
C ILE C 3067 -118.72 -32.63 19.13
N ASN C 3068 -118.31 -33.19 18.00
CA ASN C 3068 -118.54 -32.62 16.67
C ASN C 3068 -119.61 -33.50 16.03
N HIS C 3069 -120.87 -33.09 16.19
CA HIS C 3069 -121.99 -34.00 16.02
C HIS C 3069 -122.25 -34.36 14.54
N GLU C 3070 -122.22 -33.38 13.64
CA GLU C 3070 -122.47 -33.72 12.24
C GLU C 3070 -121.32 -34.47 11.58
N THR C 3071 -120.08 -34.32 12.05
CA THR C 3071 -118.99 -35.13 11.52
C THR C 3071 -118.96 -36.53 12.14
N GLN C 3072 -119.79 -36.78 13.15
CA GLN C 3072 -119.78 -38.04 13.90
C GLN C 3072 -118.40 -38.31 14.51
N THR C 3073 -117.68 -37.25 14.86
CA THR C 3073 -116.36 -37.34 15.45
C THR C 3073 -116.36 -36.61 16.78
N THR C 3074 -115.68 -37.20 17.76
CA THR C 3074 -115.66 -36.67 19.12
C THR C 3074 -114.23 -36.67 19.64
N CYS C 3075 -113.91 -35.64 20.42
CA CYS C 3075 -112.57 -35.47 21.00
C CYS C 3075 -112.70 -35.08 22.47
N TRP C 3076 -111.73 -35.50 23.27
CA TRP C 3076 -111.73 -35.22 24.69
C TRP C 3076 -110.89 -33.98 25.00
N ASP C 3077 -111.09 -33.45 26.20
CA ASP C 3077 -110.28 -32.32 26.66
C ASP C 3077 -110.27 -32.33 28.19
N HIS C 3078 -109.19 -32.87 28.76
CA HIS C 3078 -108.97 -32.78 30.20
C HIS C 3078 -108.49 -31.37 30.55
N PRO C 3079 -108.78 -30.89 31.76
CA PRO C 3079 -108.30 -29.54 32.15
C PRO C 3079 -106.79 -29.35 32.02
N LYS C 3080 -105.99 -30.35 32.37
CA LYS C 3080 -104.56 -30.24 32.12
C LYS C 3080 -104.27 -30.21 30.63
N MET C 3081 -104.91 -31.08 29.86
CA MET C 3081 -104.81 -30.98 28.41
C MET C 3081 -105.50 -29.74 27.87
N THR C 3082 -106.48 -29.19 28.61
CA THR C 3082 -107.09 -27.93 28.19
C THR C 3082 -106.09 -26.79 28.26
N GLU C 3083 -105.35 -26.70 29.37
CA GLU C 3083 -104.32 -25.64 29.45
C GLU C 3083 -103.17 -25.93 28.51
N LEU C 3084 -102.86 -27.20 28.26
CA LEU C 3084 -101.84 -27.53 27.27
C LEU C 3084 -102.26 -27.06 25.87
N TYR C 3085 -103.52 -27.29 25.50
CA TYR C 3085 -104.00 -26.84 24.21
C TYR C 3085 -104.13 -25.32 24.15
N GLN C 3086 -104.45 -24.68 25.27
CA GLN C 3086 -104.45 -23.23 25.32
C GLN C 3086 -103.06 -22.66 25.10
N SER C 3087 -102.04 -23.31 25.66
CA SER C 3087 -100.66 -22.91 25.39
C SER C 3087 -100.30 -23.18 23.93
N LEU C 3088 -100.83 -24.27 23.36
CA LEU C 3088 -100.57 -24.58 21.95
C LEU C 3088 -101.18 -23.52 21.03
N ALA C 3089 -102.38 -23.04 21.38
CA ALA C 3089 -103.11 -22.13 20.50
C ALA C 3089 -102.37 -20.82 20.25
N ASP C 3090 -101.47 -20.43 21.14
CA ASP C 3090 -100.65 -19.24 20.94
C ASP C 3090 -99.44 -19.51 20.06
N LEU C 3091 -99.22 -20.76 19.66
CA LEU C 3091 -98.06 -21.15 18.85
C LEU C 3091 -98.46 -21.40 17.40
N ASN C 3092 -99.38 -20.59 16.87
CA ASN C 3092 -99.77 -20.66 15.47
C ASN C 3092 -98.82 -19.89 14.56
N ASN C 3093 -97.61 -19.62 15.02
CA ASN C 3093 -96.63 -18.82 14.28
C ASN C 3093 -95.79 -19.63 13.32
N VAL C 3094 -95.92 -20.96 13.32
CA VAL C 3094 -95.12 -21.79 12.43
C VAL C 3094 -95.63 -21.63 11.00
N ARG C 3095 -94.74 -21.22 10.10
CA ARG C 3095 -95.14 -20.97 8.71
C ARG C 3095 -95.43 -22.27 7.97
N PHE C 3096 -94.56 -23.26 8.12
CA PHE C 3096 -94.67 -24.49 7.34
C PHE C 3096 -95.53 -25.52 8.07
N SER C 3097 -95.83 -26.60 7.36
CA SER C 3097 -96.74 -27.63 7.85
C SER C 3097 -96.03 -28.70 8.68
N ALA C 3098 -95.03 -29.36 8.09
CA ALA C 3098 -94.36 -30.47 8.78
C ALA C 3098 -93.66 -30.00 10.04
N TYR C 3099 -93.04 -28.82 9.99
CA TYR C 3099 -92.40 -28.25 11.18
C TYR C 3099 -93.42 -28.04 12.30
N ARG C 3100 -94.60 -27.53 11.95
CA ARG C 3100 -95.65 -27.31 12.94
C ARG C 3100 -96.06 -28.62 13.62
N THR C 3101 -96.31 -29.65 12.81
CA THR C 3101 -96.74 -30.94 13.36
C THR C 3101 -95.66 -31.53 14.24
N ALA C 3102 -94.41 -31.48 13.78
CA ALA C 3102 -93.32 -32.05 14.57
C ALA C 3102 -93.13 -31.33 15.89
N MET C 3103 -93.14 -29.99 15.85
CA MET C 3103 -92.93 -29.23 17.08
C MET C 3103 -94.07 -29.46 18.06
N LYS C 3104 -95.32 -29.45 17.58
CA LYS C 3104 -96.45 -29.68 18.48
C LYS C 3104 -96.43 -31.10 19.04
N LEU C 3105 -96.08 -32.09 18.21
CA LEU C 3105 -96.06 -33.46 18.68
C LEU C 3105 -94.91 -33.69 19.66
N ARG C 3106 -93.77 -33.02 19.45
CA ARG C 3106 -92.68 -33.08 20.42
C ARG C 3106 -93.08 -32.46 21.74
N ARG C 3107 -93.76 -31.31 21.69
CA ARG C 3107 -94.25 -30.68 22.91
C ARG C 3107 -95.21 -31.60 23.65
N LEU C 3108 -96.10 -32.26 22.91
CA LEU C 3108 -97.02 -33.21 23.53
C LEU C 3108 -96.27 -34.38 24.15
N GLN C 3109 -95.34 -34.98 23.41
CA GLN C 3109 -94.65 -36.16 23.89
C GLN C 3109 -93.82 -35.86 25.14
N LYS C 3110 -93.15 -34.70 25.15
CA LYS C 3110 -92.41 -34.30 26.35
C LYS C 3110 -93.37 -33.99 27.50
N ALA C 3111 -94.53 -33.37 27.19
CA ALA C 3111 -95.51 -33.08 28.22
C ALA C 3111 -96.16 -34.36 28.75
N LEU C 3112 -96.52 -35.28 27.87
CA LEU C 3112 -97.07 -36.57 28.29
C LEU C 3112 -96.05 -37.47 28.98
N CYS C 3113 -94.77 -37.12 28.93
CA CYS C 3113 -93.68 -37.92 29.50
C CYS C 3113 -93.63 -39.33 28.90
N LEU C 3114 -94.20 -39.50 27.70
CA LEU C 3114 -94.13 -40.77 27.00
C LEU C 3114 -92.82 -40.93 26.24
N ASP C 3115 -92.04 -39.85 26.10
CA ASP C 3115 -90.69 -39.94 25.56
C ASP C 3115 -89.77 -40.73 26.49
N LEU C 3116 -90.15 -40.89 27.76
CA LEU C 3116 -89.40 -41.73 28.67
C LEU C 3116 -89.64 -43.22 28.43
N LEU C 3117 -90.66 -43.57 27.64
CA LEU C 3117 -90.97 -44.96 27.34
C LEU C 3117 -90.16 -45.44 26.15
N THR C 3118 -89.53 -46.60 26.29
CA THR C 3118 -88.76 -47.21 25.22
C THR C 3118 -89.60 -48.24 24.48
N LEU C 3119 -89.05 -48.72 23.37
CA LEU C 3119 -89.74 -49.74 22.57
C LEU C 3119 -89.86 -51.05 23.34
N SER C 3120 -88.82 -51.42 24.08
CA SER C 3120 -88.80 -52.72 24.76
C SER C 3120 -89.86 -52.81 25.84
N ALA C 3121 -89.99 -51.76 26.66
CA ALA C 3121 -90.96 -51.79 27.74
C ALA C 3121 -92.39 -51.85 27.21
N ALA C 3122 -92.68 -51.04 26.17
CA ALA C 3122 -94.02 -51.06 25.58
C ALA C 3122 -94.31 -52.41 24.93
N CYS C 3123 -93.32 -52.99 24.25
CA CYS C 3123 -93.51 -54.30 23.63
C CYS C 3123 -93.78 -55.37 24.68
N ASP C 3124 -93.02 -55.35 25.78
CA ASP C 3124 -93.25 -56.31 26.85
C ASP C 3124 -94.62 -56.12 27.47
N ALA C 3125 -95.04 -54.87 27.67
CA ALA C 3125 -96.36 -54.62 28.24
C ALA C 3125 -97.48 -55.11 27.33
N LEU C 3126 -97.37 -54.86 26.03
CA LEU C 3126 -98.43 -55.29 25.12
C LEU C 3126 -98.45 -56.80 24.96
N ASP C 3127 -97.28 -57.44 24.97
CA ASP C 3127 -97.25 -58.89 24.89
C ASP C 3127 -97.66 -59.55 26.20
N GLN C 3128 -97.59 -58.83 27.32
CA GLN C 3128 -98.00 -59.39 28.60
C GLN C 3128 -99.52 -59.50 28.70
N HIS C 3129 -100.25 -58.59 28.07
CA HIS C 3129 -101.71 -58.60 28.11
C HIS C 3129 -102.33 -59.40 26.97
N ASN C 3130 -101.50 -60.08 26.17
CA ASN C 3130 -101.95 -60.92 25.05
C ASN C 3130 -102.76 -60.11 24.03
N LEU C 3131 -102.33 -58.88 23.79
CA LEU C 3131 -102.96 -58.03 22.78
C LEU C 3131 -102.17 -58.13 21.48
N LYS C 3132 -102.25 -59.32 20.87
CA LYS C 3132 -101.48 -59.61 19.66
C LYS C 3132 -102.31 -59.55 18.38
N GLN C 3133 -103.61 -59.83 18.46
CA GLN C 3133 -104.48 -59.76 17.29
C GLN C 3133 -104.81 -58.30 17.00
N ASN C 3134 -104.51 -57.85 15.78
CA ASN C 3134 -104.71 -56.44 15.43
C ASN C 3134 -106.19 -56.08 15.37
N ASP C 3135 -107.05 -57.03 15.01
CA ASP C 3135 -108.47 -56.79 14.89
C ASP C 3135 -109.24 -57.09 16.17
N GLN C 3136 -108.54 -57.41 17.25
CA GLN C 3136 -109.21 -57.73 18.51
C GLN C 3136 -109.87 -56.49 19.09
N PRO C 3137 -111.17 -56.54 19.41
CA PRO C 3137 -111.81 -55.40 20.08
C PRO C 3137 -111.20 -55.15 21.44
N MET C 3138 -111.06 -53.89 21.79
CA MET C 3138 -110.42 -53.47 23.03
C MET C 3138 -111.39 -52.63 23.85
N ASP C 3139 -111.69 -53.09 25.06
CA ASP C 3139 -112.53 -52.33 25.98
C ASP C 3139 -111.67 -51.34 26.77
N ILE C 3140 -112.33 -50.55 27.62
CA ILE C 3140 -111.62 -49.56 28.41
C ILE C 3140 -110.69 -50.24 29.42
N LEU C 3141 -111.12 -51.38 29.97
CA LEU C 3141 -110.36 -52.04 31.02
C LEU C 3141 -109.03 -52.57 30.52
N GLN C 3142 -109.00 -53.16 29.31
CA GLN C 3142 -107.75 -53.68 28.78
C GLN C 3142 -106.75 -52.56 28.51
N ILE C 3143 -107.22 -51.45 27.96
CA ILE C 3143 -106.34 -50.30 27.73
C ILE C 3143 -105.83 -49.75 29.05
N ILE C 3144 -106.70 -49.70 30.06
CA ILE C 3144 -106.28 -49.24 31.39
C ILE C 3144 -105.20 -50.15 31.95
N ASN C 3145 -105.37 -51.48 31.80
CA ASN C 3145 -104.39 -52.43 32.31
C ASN C 3145 -103.04 -52.29 31.59
N CYS C 3146 -103.07 -52.16 30.26
CA CYS C 3146 -101.83 -52.00 29.52
C CYS C 3146 -101.13 -50.69 29.86
N LEU C 3147 -101.91 -49.61 30.00
CA LEU C 3147 -101.34 -48.33 30.38
C LEU C 3147 -100.74 -48.37 31.77
N THR C 3148 -101.40 -49.07 32.70
CA THR C 3148 -100.83 -49.26 34.02
C THR C 3148 -99.53 -50.04 33.96
N THR C 3149 -99.49 -51.07 33.11
CA THR C 3149 -98.26 -51.86 32.96
C THR C 3149 -97.11 -51.01 32.44
N VAL C 3150 -97.39 -50.13 31.47
CA VAL C 3150 -96.34 -49.25 30.96
C VAL C 3150 -95.92 -48.24 32.02
N TYR C 3151 -96.90 -47.57 32.64
CA TYR C 3151 -96.60 -46.44 33.50
C TYR C 3151 -96.05 -46.84 34.86
N ASP C 3152 -96.29 -48.08 35.31
CA ASP C 3152 -95.63 -48.55 36.53
C ASP C 3152 -94.12 -48.61 36.34
N ARG C 3153 -93.68 -49.21 35.23
CA ARG C 3153 -92.26 -49.24 34.91
C ARG C 3153 -91.72 -47.83 34.68
N LEU C 3154 -92.50 -46.99 34.00
CA LEU C 3154 -92.05 -45.61 33.75
C LEU C 3154 -91.86 -44.84 35.05
N GLU C 3155 -92.78 -45.00 36.00
CA GLU C 3155 -92.62 -44.35 37.30
C GLU C 3155 -91.45 -44.94 38.08
N GLN C 3156 -91.28 -46.27 38.04
CA GLN C 3156 -90.14 -46.88 38.71
C GLN C 3156 -88.82 -46.37 38.15
N GLU C 3157 -88.80 -45.99 36.87
CA GLU C 3157 -87.63 -45.35 36.30
C GLU C 3157 -87.63 -43.83 36.49
N HIS C 3158 -88.80 -43.22 36.70
CA HIS C 3158 -88.94 -41.77 36.73
C HIS C 3158 -89.81 -41.35 37.92
N ASN C 3159 -89.45 -41.82 39.12
CA ASN C 3159 -90.23 -41.53 40.33
C ASN C 3159 -90.49 -40.03 40.51
N ASN C 3160 -89.50 -39.20 40.22
CA ASN C 3160 -89.65 -37.76 40.35
C ASN C 3160 -90.23 -37.11 39.09
N LEU C 3161 -90.56 -37.89 38.07
CA LEU C 3161 -91.07 -37.35 36.81
C LEU C 3161 -92.38 -37.95 36.33
N VAL C 3162 -92.78 -39.12 36.83
CA VAL C 3162 -93.99 -39.80 36.36
C VAL C 3162 -94.93 -40.02 37.53
N ASN C 3163 -96.18 -39.57 37.37
CA ASN C 3163 -97.26 -39.90 38.28
C ASN C 3163 -98.22 -40.82 37.54
N VAL C 3164 -98.39 -42.04 38.07
CA VAL C 3164 -99.09 -43.09 37.31
C VAL C 3164 -100.54 -42.73 36.99
N PRO C 3165 -101.39 -42.32 37.95
CA PRO C 3165 -102.80 -42.10 37.58
C PRO C 3165 -103.00 -40.94 36.62
N LEU C 3166 -102.31 -39.82 36.86
CA LEU C 3166 -102.46 -38.68 35.96
C LEU C 3166 -101.96 -39.02 34.56
N CYS C 3167 -100.82 -39.70 34.46
CA CYS C 3167 -100.30 -40.07 33.15
C CYS C 3167 -101.21 -41.05 32.45
N VAL C 3168 -101.78 -42.01 33.19
CA VAL C 3168 -102.74 -42.94 32.60
C VAL C 3168 -103.95 -42.21 32.06
N ASP C 3169 -104.48 -41.25 32.84
CA ASP C 3169 -105.62 -40.48 32.38
C ASP C 3169 -105.28 -39.69 31.12
N MET C 3170 -104.10 -39.06 31.11
CA MET C 3170 -103.71 -38.22 29.98
C MET C 3170 -103.53 -39.05 28.71
N CYS C 3171 -102.88 -40.21 28.84
CA CYS C 3171 -102.61 -41.03 27.67
C CYS C 3171 -103.88 -41.69 27.16
N LEU C 3172 -104.79 -42.09 28.06
CA LEU C 3172 -106.11 -42.56 27.63
C LEU C 3172 -106.86 -41.45 26.89
N ASN C 3173 -106.78 -40.22 27.42
CA ASN C 3173 -107.39 -39.07 26.76
C ASN C 3173 -106.88 -38.94 25.33
N TRP C 3174 -105.56 -38.97 25.15
CA TRP C 3174 -105.00 -38.78 23.81
C TRP C 3174 -105.36 -39.94 22.88
N LEU C 3175 -105.22 -41.18 23.36
CA LEU C 3175 -105.49 -42.34 22.51
C LEU C 3175 -106.94 -42.39 22.08
N LEU C 3176 -107.87 -42.12 23.00
CA LEU C 3176 -109.28 -42.10 22.62
C LEU C 3176 -109.66 -40.84 21.87
N ASN C 3177 -108.85 -39.78 21.96
CA ASN C 3177 -109.00 -38.66 21.04
C ASN C 3177 -108.72 -39.10 19.61
N VAL C 3178 -107.62 -39.83 19.42
CA VAL C 3178 -107.21 -40.21 18.07
C VAL C 3178 -108.13 -41.30 17.50
N TYR C 3179 -108.44 -42.33 18.30
CA TYR C 3179 -109.02 -43.55 17.75
C TYR C 3179 -110.35 -43.94 18.39
N ASP C 3180 -111.04 -43.01 19.05
CA ASP C 3180 -112.36 -43.29 19.62
C ASP C 3180 -113.33 -42.16 19.31
N THR C 3181 -113.39 -41.75 18.05
CA THR C 3181 -114.28 -40.67 17.63
C THR C 3181 -115.74 -41.03 17.72
N GLY C 3182 -116.09 -42.31 17.91
CA GLY C 3182 -117.47 -42.73 17.95
C GLY C 3182 -118.07 -42.88 19.34
N ARG C 3183 -117.22 -42.75 20.37
CA ARG C 3183 -117.65 -42.90 21.76
C ARG C 3183 -118.29 -44.25 22.03
N THR C 3184 -117.78 -45.29 21.37
CA THR C 3184 -118.28 -46.65 21.57
C THR C 3184 -117.52 -47.41 22.65
N GLY C 3185 -116.38 -46.89 23.10
CA GLY C 3185 -115.57 -47.59 24.08
C GLY C 3185 -114.78 -48.76 23.54
N ARG C 3186 -114.79 -48.97 22.22
CA ARG C 3186 -114.07 -50.06 21.59
C ARG C 3186 -113.13 -49.50 20.54
N ILE C 3187 -111.86 -49.92 20.59
CA ILE C 3187 -110.85 -49.53 19.63
C ILE C 3187 -110.19 -50.80 19.09
N ARG C 3188 -109.22 -50.60 18.21
CA ARG C 3188 -108.43 -51.69 17.64
C ARG C 3188 -107.05 -51.72 18.26
N VAL C 3189 -106.49 -52.93 18.37
CA VAL C 3189 -105.16 -53.08 18.93
C VAL C 3189 -104.11 -52.45 18.02
N LEU C 3190 -104.32 -52.52 16.70
CA LEU C 3190 -103.34 -51.99 15.75
C LEU C 3190 -103.20 -50.47 15.89
N SER C 3191 -104.31 -49.76 16.06
CA SER C 3191 -104.25 -48.31 16.19
C SER C 3191 -103.53 -47.89 17.47
N PHE C 3192 -103.85 -48.54 18.59
CA PHE C 3192 -103.18 -48.26 19.85
C PHE C 3192 -101.68 -48.57 19.76
N LYS C 3193 -101.35 -49.70 19.14
CA LYS C 3193 -99.95 -50.05 18.93
C LYS C 3193 -99.23 -49.00 18.09
N THR C 3194 -99.86 -48.56 17.00
CA THR C 3194 -99.25 -47.55 16.14
C THR C 3194 -99.02 -46.25 16.90
N GLY C 3195 -100.01 -45.82 17.67
CA GLY C 3195 -99.85 -44.58 18.42
C GLY C 3195 -98.74 -44.65 19.45
N ILE C 3196 -98.69 -45.73 20.24
CA ILE C 3196 -97.67 -45.86 21.27
C ILE C 3196 -96.29 -45.99 20.65
N ILE C 3197 -96.15 -46.80 19.60
CA ILE C 3197 -94.84 -47.00 18.98
C ILE C 3197 -94.35 -45.72 18.32
N SER C 3198 -95.26 -44.95 17.71
CA SER C 3198 -94.86 -43.66 17.15
C SER C 3198 -94.46 -42.69 18.24
N LEU C 3199 -95.16 -42.71 19.38
CA LEU C 3199 -94.92 -41.74 20.44
C LEU C 3199 -93.94 -42.22 21.50
N CYS C 3200 -93.31 -43.39 21.31
CA CYS C 3200 -92.32 -43.87 22.25
C CYS C 3200 -90.92 -43.40 21.85
N LYS C 3201 -89.93 -43.77 22.66
CA LYS C 3201 -88.53 -43.45 22.36
C LYS C 3201 -87.87 -44.69 21.79
N ALA C 3202 -87.64 -44.68 20.47
CA ALA C 3202 -86.96 -45.77 19.79
C ALA C 3202 -86.42 -45.23 18.48
N HIS C 3203 -85.60 -46.05 17.83
CA HIS C 3203 -85.10 -45.69 16.51
C HIS C 3203 -86.26 -45.64 15.51
N LEU C 3204 -86.13 -44.72 14.55
CA LEU C 3204 -87.19 -44.54 13.55
C LEU C 3204 -87.41 -45.81 12.73
N GLU C 3205 -86.31 -46.43 12.30
CA GLU C 3205 -86.43 -47.66 11.51
C GLU C 3205 -86.91 -48.83 12.38
N ASP C 3206 -86.61 -48.81 13.69
CA ASP C 3206 -87.12 -49.85 14.57
C ASP C 3206 -88.64 -49.75 14.70
N LYS C 3207 -89.16 -48.53 14.87
CA LYS C 3207 -90.60 -48.33 14.90
C LYS C 3207 -91.23 -48.71 13.57
N TYR C 3208 -90.56 -48.36 12.45
CA TYR C 3208 -91.06 -48.72 11.14
C TYR C 3208 -91.16 -50.24 10.98
N ARG C 3209 -90.10 -50.95 11.39
CA ARG C 3209 -90.09 -52.40 11.27
C ARG C 3209 -91.15 -53.05 12.16
N TYR C 3210 -91.30 -52.56 13.38
CA TYR C 3210 -92.32 -53.15 14.27
C TYR C 3210 -93.72 -52.90 13.73
N LEU C 3211 -93.99 -51.69 13.22
CA LEU C 3211 -95.32 -51.41 12.68
C LEU C 3211 -95.58 -52.23 11.42
N PHE C 3212 -94.54 -52.42 10.58
CA PHE C 3212 -94.71 -53.28 9.41
C PHE C 3212 -95.00 -54.71 9.82
N LYS C 3213 -94.29 -55.22 10.82
CA LYS C 3213 -94.56 -56.57 11.31
C LYS C 3213 -95.97 -56.66 11.88
N GLN C 3214 -96.44 -55.60 12.54
CA GLN C 3214 -97.81 -55.56 13.04
C GLN C 3214 -98.81 -55.64 11.90
N VAL C 3215 -98.55 -54.92 10.80
CA VAL C 3215 -99.52 -54.89 9.71
C VAL C 3215 -99.29 -55.99 8.67
N ALA C 3216 -98.08 -56.52 8.55
CA ALA C 3216 -97.85 -57.60 7.61
C ALA C 3216 -98.32 -58.93 8.18
N SER C 3217 -98.40 -59.92 7.30
CA SER C 3217 -98.84 -61.26 7.69
C SER C 3217 -97.67 -62.02 8.33
N SER C 3218 -97.86 -63.31 8.57
CA SER C 3218 -96.79 -64.14 9.09
C SER C 3218 -95.65 -64.32 8.08
N THR C 3219 -95.94 -64.17 6.80
CA THR C 3219 -94.93 -64.27 5.75
C THR C 3219 -94.19 -62.96 5.54
N GLY C 3220 -94.56 -61.89 6.24
CA GLY C 3220 -93.93 -60.60 6.07
C GLY C 3220 -94.42 -59.79 4.89
N PHE C 3221 -95.45 -60.24 4.21
CA PHE C 3221 -95.98 -59.52 3.05
C PHE C 3221 -97.14 -58.62 3.46
N CYS C 3222 -97.23 -57.46 2.82
CA CYS C 3222 -98.28 -56.49 3.08
C CYS C 3222 -98.94 -56.12 1.77
N ASP C 3223 -100.25 -56.31 1.68
CA ASP C 3223 -101.01 -55.99 0.49
C ASP C 3223 -101.54 -54.55 0.59
N GLN C 3224 -102.46 -54.19 -0.30
CA GLN C 3224 -103.00 -52.83 -0.31
C GLN C 3224 -103.84 -52.57 0.93
N ARG C 3225 -104.56 -53.58 1.42
CA ARG C 3225 -105.54 -53.34 2.49
C ARG C 3225 -104.88 -53.05 3.82
N ARG C 3226 -103.86 -53.84 4.20
CA ARG C 3226 -103.17 -53.58 5.46
C ARG C 3226 -102.45 -52.24 5.44
N LEU C 3227 -101.81 -51.91 4.31
CA LEU C 3227 -101.18 -50.60 4.16
C LEU C 3227 -102.21 -49.48 4.27
N GLY C 3228 -103.38 -49.67 3.66
CA GLY C 3228 -104.43 -48.66 3.77
C GLY C 3228 -104.94 -48.49 5.19
N LEU C 3229 -105.09 -49.59 5.91
CA LEU C 3229 -105.51 -49.51 7.32
C LEU C 3229 -104.46 -48.77 8.15
N LEU C 3230 -103.18 -49.09 7.94
CA LEU C 3230 -102.13 -48.41 8.70
C LEU C 3230 -102.08 -46.93 8.36
N LEU C 3231 -102.23 -46.57 7.08
CA LEU C 3231 -102.23 -45.17 6.68
C LEU C 3231 -103.44 -44.44 7.23
N HIS C 3232 -104.59 -45.12 7.28
CA HIS C 3232 -105.79 -44.55 7.89
C HIS C 3232 -105.57 -44.27 9.37
N ASP C 3233 -104.96 -45.22 10.08
CA ASP C 3233 -104.65 -45.00 11.50
C ASP C 3233 -103.67 -43.84 11.67
N SER C 3234 -102.69 -43.74 10.77
CA SER C 3234 -101.75 -42.62 10.82
C SER C 3234 -102.45 -41.29 10.58
N ILE C 3235 -103.37 -41.24 9.62
CA ILE C 3235 -104.04 -40.00 9.25
C ILE C 3235 -105.13 -39.62 10.24
N GLN C 3236 -105.53 -40.54 11.13
CA GLN C 3236 -106.42 -40.15 12.22
C GLN C 3236 -105.76 -39.19 13.21
N ILE C 3237 -104.43 -39.09 13.20
CA ILE C 3237 -103.73 -38.21 14.13
C ILE C 3237 -103.77 -36.74 13.71
N PRO C 3238 -103.37 -36.36 12.48
CA PRO C 3238 -103.36 -34.92 12.16
C PRO C 3238 -104.73 -34.27 12.14
N ARG C 3239 -105.78 -35.03 11.83
CA ARG C 3239 -107.13 -34.45 11.85
C ARG C 3239 -107.56 -34.06 13.26
N GLN C 3240 -107.00 -34.69 14.29
CA GLN C 3240 -107.33 -34.33 15.66
C GLN C 3240 -106.82 -32.94 16.00
N LEU C 3241 -105.66 -32.56 15.47
CA LEU C 3241 -105.12 -31.23 15.71
C LEU C 3241 -105.56 -30.22 14.66
N GLY C 3242 -105.76 -30.67 13.42
CA GLY C 3242 -106.27 -29.78 12.39
C GLY C 3242 -105.34 -29.54 11.22
N GLU C 3243 -104.36 -30.41 11.02
CA GLU C 3243 -103.40 -30.29 9.93
C GLU C 3243 -103.42 -31.55 9.08
N VAL C 3244 -104.60 -32.01 8.72
CA VAL C 3244 -104.74 -33.21 7.91
C VAL C 3244 -104.77 -32.88 6.42
N ALA C 3245 -105.35 -31.74 6.04
CA ALA C 3245 -105.49 -31.41 4.63
C ALA C 3245 -104.15 -31.02 4.00
N SER C 3246 -103.21 -30.50 4.79
CA SER C 3246 -101.94 -30.06 4.25
C SER C 3246 -101.10 -31.22 3.73
N PHE C 3247 -101.39 -32.45 4.15
CA PHE C 3247 -100.66 -33.64 3.71
C PHE C 3247 -101.53 -34.52 2.82
N GLY C 3248 -102.33 -33.90 1.96
CA GLY C 3248 -103.20 -34.64 1.06
C GLY C 3248 -104.55 -35.02 1.63
N GLY C 3249 -104.92 -34.48 2.79
CA GLY C 3249 -106.21 -34.79 3.36
C GLY C 3249 -106.23 -36.17 4.00
N SER C 3250 -107.45 -36.68 4.19
CA SER C 3250 -107.68 -37.99 4.77
C SER C 3250 -107.78 -39.09 3.71
N ASN C 3251 -107.59 -38.76 2.44
CA ASN C 3251 -107.66 -39.75 1.36
C ASN C 3251 -106.35 -40.53 1.35
N ILE C 3252 -106.39 -41.77 1.84
CA ILE C 3252 -105.21 -42.64 1.86
C ILE C 3252 -104.92 -43.27 0.51
N GLU C 3253 -105.86 -43.19 -0.44
CA GLU C 3253 -105.68 -43.85 -1.73
C GLU C 3253 -104.46 -43.34 -2.51
N PRO C 3254 -104.19 -42.02 -2.62
CA PRO C 3254 -102.95 -41.61 -3.30
C PRO C 3254 -101.70 -42.13 -2.62
N SER C 3255 -101.68 -42.24 -1.29
CA SER C 3255 -100.50 -42.75 -0.61
C SER C 3255 -100.26 -44.21 -0.95
N VAL C 3256 -101.32 -45.03 -0.94
CA VAL C 3256 -101.19 -46.43 -1.31
C VAL C 3256 -100.77 -46.55 -2.78
N ARG C 3257 -101.33 -45.69 -3.64
CA ARG C 3257 -100.97 -45.72 -5.05
C ARG C 3257 -99.49 -45.40 -5.25
N SER C 3258 -98.98 -44.39 -4.55
CA SER C 3258 -97.56 -44.06 -4.65
C SER C 3258 -96.69 -45.17 -4.10
N CYS C 3259 -97.09 -45.77 -2.98
CA CYS C 3259 -96.30 -46.84 -2.37
C CYS C 3259 -96.23 -48.05 -3.29
N PHE C 3260 -97.35 -48.42 -3.92
CA PHE C 3260 -97.35 -49.57 -4.81
C PHE C 3260 -96.80 -49.26 -6.20
N GLN C 3261 -96.73 -47.97 -6.56
CA GLN C 3261 -96.01 -47.61 -7.78
C GLN C 3261 -94.50 -47.68 -7.56
N PHE C 3262 -94.05 -47.28 -6.38
CA PHE C 3262 -92.66 -47.52 -6.01
C PHE C 3262 -92.35 -49.00 -5.87
N ALA C 3263 -93.36 -49.83 -5.60
CA ALA C 3263 -93.22 -51.27 -5.51
C ALA C 3263 -93.22 -51.95 -6.86
N ASN C 3264 -93.14 -51.18 -7.96
CA ASN C 3264 -93.18 -51.70 -9.33
C ASN C 3264 -94.45 -52.52 -9.56
N ASN C 3265 -95.57 -52.03 -9.03
CA ASN C 3265 -96.89 -52.67 -9.15
C ASN C 3265 -96.89 -54.10 -8.62
N LYS C 3266 -96.09 -54.35 -7.59
CA LYS C 3266 -96.10 -55.66 -6.96
C LYS C 3266 -97.40 -55.84 -6.16
N PRO C 3267 -97.97 -57.04 -6.14
CA PRO C 3267 -99.18 -57.26 -5.32
C PRO C 3267 -98.94 -57.05 -3.84
N GLU C 3268 -97.75 -57.34 -3.35
CA GLU C 3268 -97.41 -57.19 -1.95
C GLU C 3268 -96.07 -56.47 -1.83
N ILE C 3269 -95.88 -55.79 -0.69
CA ILE C 3269 -94.66 -55.05 -0.43
C ILE C 3269 -93.92 -55.71 0.74
N GLU C 3270 -92.62 -55.45 0.80
CA GLU C 3270 -91.75 -56.01 1.81
C GLU C 3270 -91.29 -54.94 2.78
N ALA C 3271 -90.62 -55.38 3.85
CA ALA C 3271 -90.14 -54.44 4.87
C ALA C 3271 -89.07 -53.52 4.31
N ALA C 3272 -88.16 -54.05 3.49
CA ALA C 3272 -87.11 -53.22 2.91
C ALA C 3272 -87.68 -52.19 1.95
N LEU C 3273 -88.63 -52.61 1.10
CA LEU C 3273 -89.27 -51.66 0.19
C LEU C 3273 -90.10 -50.63 0.95
N PHE C 3274 -90.74 -51.05 2.05
CA PHE C 3274 -91.46 -50.10 2.89
C PHE C 3274 -90.51 -49.07 3.49
N LEU C 3275 -89.35 -49.51 3.97
CA LEU C 3275 -88.36 -48.58 4.50
C LEU C 3275 -87.87 -47.62 3.43
N ASP C 3276 -87.60 -48.14 2.23
CA ASP C 3276 -87.12 -47.28 1.15
C ASP C 3276 -88.17 -46.24 0.75
N TRP C 3277 -89.44 -46.67 0.64
CA TRP C 3277 -90.51 -45.73 0.32
C TRP C 3277 -90.72 -44.72 1.44
N MET C 3278 -90.46 -45.11 2.69
CA MET C 3278 -90.56 -44.16 3.78
C MET C 3278 -89.42 -43.14 3.73
N ARG C 3279 -88.20 -43.61 3.45
CA ARG C 3279 -87.08 -42.69 3.23
C ARG C 3279 -87.27 -41.82 2.00
N LEU C 3280 -88.17 -42.20 1.09
CA LEU C 3280 -88.57 -41.32 0.00
C LEU C 3280 -89.37 -40.11 0.50
N GLU C 3281 -89.75 -40.09 1.78
CA GLU C 3281 -90.46 -39.00 2.44
C GLU C 3281 -91.81 -38.74 1.78
N PRO C 3282 -92.79 -39.62 1.95
CA PRO C 3282 -94.11 -39.38 1.37
C PRO C 3282 -94.81 -38.20 2.03
N GLN C 3283 -95.91 -37.78 1.40
CA GLN C 3283 -96.62 -36.60 1.87
C GLN C 3283 -97.28 -36.85 3.23
N SER C 3284 -97.75 -38.07 3.47
CA SER C 3284 -98.57 -38.36 4.64
C SER C 3284 -97.80 -38.97 5.80
N MET C 3285 -96.47 -39.10 5.70
CA MET C 3285 -95.70 -39.73 6.78
C MET C 3285 -94.41 -38.99 7.12
N VAL C 3286 -94.09 -37.89 6.45
CA VAL C 3286 -92.85 -37.16 6.73
C VAL C 3286 -92.85 -36.58 8.14
N TRP C 3287 -94.03 -36.43 8.75
CA TRP C 3287 -94.12 -35.78 10.06
C TRP C 3287 -93.33 -36.53 11.13
N LEU C 3288 -93.28 -37.86 11.03
CA LEU C 3288 -92.56 -38.62 12.06
C LEU C 3288 -91.04 -38.46 11.96
N PRO C 3289 -90.40 -38.56 10.78
CA PRO C 3289 -88.98 -38.19 10.71
C PRO C 3289 -88.71 -36.74 11.05
N VAL C 3290 -89.64 -35.82 10.73
CA VAL C 3290 -89.43 -34.43 11.14
C VAL C 3290 -89.47 -34.31 12.66
N LEU C 3291 -90.35 -35.08 13.32
CA LEU C 3291 -90.37 -35.16 14.78
C LEU C 3291 -89.06 -35.70 15.33
N HIS C 3292 -88.54 -36.78 14.74
CA HIS C 3292 -87.28 -37.33 15.21
C HIS C 3292 -86.15 -36.32 15.07
N ARG C 3293 -86.13 -35.60 13.94
CA ARG C 3293 -85.10 -34.59 13.74
C ARG C 3293 -85.21 -33.47 14.76
N VAL C 3294 -86.42 -32.97 15.02
CA VAL C 3294 -86.53 -31.86 15.95
C VAL C 3294 -86.19 -32.32 17.36
N ALA C 3295 -86.52 -33.57 17.70
CA ALA C 3295 -86.10 -34.11 18.99
C ALA C 3295 -84.58 -34.18 19.09
N ALA C 3296 -83.92 -34.58 18.01
CA ALA C 3296 -82.46 -34.64 18.02
C ALA C 3296 -81.84 -33.25 18.10
N ALA C 3297 -82.37 -32.29 17.35
CA ALA C 3297 -81.82 -30.95 17.27
C ALA C 3297 -82.20 -30.07 18.44
N GLU C 3298 -83.11 -30.52 19.30
CA GLU C 3298 -83.43 -29.76 20.51
C GLU C 3298 -82.21 -29.56 21.40
N THR C 3299 -81.20 -30.43 21.31
CA THR C 3299 -79.98 -30.31 22.09
C THR C 3299 -78.78 -29.93 21.22
N ALA C 3300 -79.01 -29.42 20.02
CA ALA C 3300 -77.92 -29.06 19.12
C ALA C 3300 -77.41 -27.66 19.43
N LYS C 3301 -76.10 -27.49 19.31
CA LYS C 3301 -75.43 -26.22 19.61
C LYS C 3301 -74.42 -25.95 18.51
N HIS C 3302 -74.69 -24.97 17.67
CA HIS C 3302 -73.87 -24.64 16.51
C HIS C 3302 -73.09 -23.36 16.77
N GLN C 3303 -71.78 -23.39 16.47
CA GLN C 3303 -70.92 -22.22 16.61
C GLN C 3303 -71.11 -21.33 15.38
N ALA C 3304 -72.19 -20.55 15.39
CA ALA C 3304 -72.53 -19.71 14.25
C ALA C 3304 -73.40 -18.56 14.72
N LYS C 3305 -73.55 -17.56 13.85
CA LYS C 3305 -74.29 -16.35 14.14
C LYS C 3305 -75.52 -16.27 13.23
N CYS C 3306 -76.66 -15.93 13.81
CA CYS C 3306 -77.88 -15.72 13.04
C CYS C 3306 -77.73 -14.47 12.17
N ASN C 3307 -77.94 -14.61 10.86
CA ASN C 3307 -77.74 -13.48 9.97
C ASN C 3307 -78.92 -12.50 9.97
N ILE C 3308 -79.87 -12.61 10.90
CA ILE C 3308 -80.85 -11.55 11.08
C ILE C 3308 -80.82 -11.05 12.52
N CYS C 3309 -81.08 -11.93 13.49
CA CYS C 3309 -81.13 -11.52 14.88
C CYS C 3309 -79.78 -11.59 15.57
N LYS C 3310 -78.72 -11.92 14.83
CA LYS C 3310 -77.33 -11.85 15.32
C LYS C 3310 -77.11 -12.69 16.57
N GLU C 3311 -77.75 -13.86 16.61
CA GLU C 3311 -77.66 -14.75 17.76
C GLU C 3311 -76.50 -15.72 17.56
N CYS C 3312 -75.47 -15.59 18.39
CA CYS C 3312 -74.34 -16.50 18.37
C CYS C 3312 -74.07 -16.96 19.79
N PRO C 3313 -73.88 -18.27 20.02
CA PRO C 3313 -73.89 -19.37 19.04
C PRO C 3313 -75.29 -19.83 18.68
N ILE C 3314 -75.45 -20.50 17.54
CA ILE C 3314 -76.75 -21.04 17.16
C ILE C 3314 -77.06 -22.25 18.02
N ILE C 3315 -78.23 -22.25 18.65
CA ILE C 3315 -78.69 -23.36 19.47
C ILE C 3315 -79.98 -23.88 18.89
N GLY C 3316 -80.00 -25.16 18.52
CA GLY C 3316 -81.17 -25.76 17.92
C GLY C 3316 -81.00 -26.08 16.46
N PHE C 3317 -81.76 -25.42 15.60
CA PHE C 3317 -81.71 -25.63 14.16
C PHE C 3317 -80.92 -24.50 13.50
N ARG C 3318 -79.91 -24.85 12.73
CA ARG C 3318 -79.15 -23.89 11.94
C ARG C 3318 -79.53 -24.03 10.48
N TYR C 3319 -79.78 -22.92 9.79
CA TYR C 3319 -80.13 -22.99 8.38
C TYR C 3319 -79.12 -22.18 7.59
N ARG C 3320 -78.53 -22.81 6.58
CA ARG C 3320 -77.49 -22.20 5.78
C ARG C 3320 -77.95 -22.10 4.34
N SER C 3321 -77.89 -20.90 3.77
CA SER C 3321 -78.27 -20.72 2.37
C SER C 3321 -77.25 -21.38 1.45
N LEU C 3322 -77.74 -21.96 0.35
CA LEU C 3322 -76.90 -22.64 -0.60
C LEU C 3322 -76.61 -21.79 -1.83
N LYS C 3323 -76.93 -20.50 -1.79
CA LYS C 3323 -76.65 -19.58 -2.89
C LYS C 3323 -75.68 -18.48 -2.50
N HIS C 3324 -75.95 -17.76 -1.41
CA HIS C 3324 -75.10 -16.66 -0.99
C HIS C 3324 -74.00 -17.16 -0.06
N PHE C 3325 -73.20 -16.23 0.48
CA PHE C 3325 -72.07 -16.55 1.32
C PHE C 3325 -72.27 -15.96 2.71
N ASN C 3326 -71.85 -16.71 3.72
CA ASN C 3326 -71.87 -16.27 5.13
C ASN C 3326 -73.27 -15.92 5.61
N TYR C 3327 -74.28 -16.62 5.10
CA TYR C 3327 -75.67 -16.39 5.49
C TYR C 3327 -76.16 -17.59 6.29
N ASP C 3328 -76.30 -17.41 7.59
CA ASP C 3328 -76.80 -18.45 8.48
C ASP C 3328 -77.90 -17.88 9.35
N ILE C 3329 -79.03 -18.57 9.39
CA ILE C 3329 -80.23 -18.08 10.06
C ILE C 3329 -80.66 -19.10 11.12
N CYS C 3330 -81.05 -18.57 12.27
CA CYS C 3330 -81.63 -19.38 13.32
C CYS C 3330 -83.12 -19.59 13.07
N GLN C 3331 -83.65 -20.67 13.64
CA GLN C 3331 -85.06 -21.01 13.44
C GLN C 3331 -85.99 -20.00 14.09
N SER C 3332 -85.49 -19.18 15.02
CA SER C 3332 -86.35 -18.18 15.66
C SER C 3332 -86.85 -17.17 14.65
N CYS C 3333 -85.97 -16.70 13.76
CA CYS C 3333 -86.40 -15.80 12.70
C CYS C 3333 -86.88 -16.54 11.46
N PHE C 3334 -86.45 -17.78 11.26
CA PHE C 3334 -86.90 -18.54 10.10
C PHE C 3334 -88.39 -18.85 10.19
N PHE C 3335 -88.88 -19.18 11.38
CA PHE C 3335 -90.28 -19.56 11.53
C PHE C 3335 -91.23 -18.39 11.37
N SER C 3336 -90.74 -17.16 11.52
CA SER C 3336 -91.58 -15.98 11.35
C SER C 3336 -91.74 -15.56 9.90
N GLY C 3337 -90.93 -16.12 8.99
CA GLY C 3337 -91.01 -15.77 7.59
C GLY C 3337 -90.23 -14.53 7.20
N ARG C 3338 -89.60 -13.84 8.15
CA ARG C 3338 -88.78 -12.68 7.81
C ARG C 3338 -87.51 -13.13 7.09
N VAL C 3339 -87.19 -12.47 5.99
CA VAL C 3339 -86.08 -12.86 5.13
C VAL C 3339 -85.13 -11.68 5.00
N ALA C 3340 -83.83 -11.96 5.13
CA ALA C 3340 -82.80 -10.94 4.95
C ALA C 3340 -82.35 -10.91 3.50
N LYS C 3341 -82.10 -9.69 3.01
CA LYS C 3341 -81.67 -9.41 1.63
C LYS C 3341 -82.66 -9.92 0.59
N GLY C 3342 -83.88 -10.27 0.99
CA GLY C 3342 -84.87 -10.80 0.09
C GLY C 3342 -84.57 -12.21 -0.41
N HIS C 3343 -85.59 -12.92 -0.85
CA HIS C 3343 -85.36 -14.20 -1.48
C HIS C 3343 -84.92 -14.00 -2.93
N LYS C 3344 -84.59 -15.10 -3.60
CA LYS C 3344 -84.05 -15.05 -4.95
C LYS C 3344 -85.01 -15.74 -5.90
N MET C 3345 -84.56 -15.88 -7.16
CA MET C 3345 -85.31 -16.71 -8.11
C MET C 3345 -85.40 -18.14 -7.59
N HIS C 3346 -84.30 -18.67 -7.08
CA HIS C 3346 -84.29 -19.85 -6.23
C HIS C 3346 -83.40 -19.55 -5.03
N TYR C 3347 -83.87 -19.91 -3.84
CA TYR C 3347 -83.17 -19.62 -2.59
C TYR C 3347 -82.98 -20.95 -1.86
N PRO C 3348 -82.03 -21.77 -2.29
CA PRO C 3348 -81.83 -23.08 -1.67
C PRO C 3348 -81.32 -22.94 -0.24
N MET C 3349 -81.72 -23.88 0.60
CA MET C 3349 -81.39 -23.87 2.02
C MET C 3349 -81.08 -25.28 2.50
N VAL C 3350 -80.07 -25.40 3.33
CA VAL C 3350 -79.75 -26.66 4.02
C VAL C 3350 -80.00 -26.45 5.50
N GLU C 3351 -80.48 -27.50 6.16
CA GLU C 3351 -80.96 -27.42 7.54
C GLU C 3351 -80.11 -28.33 8.43
N TYR C 3352 -79.06 -27.76 9.02
CA TYR C 3352 -78.26 -28.48 9.99
C TYR C 3352 -79.04 -28.66 11.29
N CYS C 3353 -79.14 -29.91 11.74
CA CYS C 3353 -79.76 -30.26 13.00
C CYS C 3353 -78.76 -30.79 14.01
N THR C 3354 -77.49 -30.88 13.65
CA THR C 3354 -76.43 -31.40 14.49
C THR C 3354 -75.22 -30.49 14.35
N PRO C 3355 -74.35 -30.44 15.36
CA PRO C 3355 -73.09 -29.69 15.22
C PRO C 3355 -72.31 -30.17 14.01
N THR C 3356 -71.78 -29.22 13.26
CA THR C 3356 -71.23 -29.51 11.94
C THR C 3356 -69.84 -30.12 12.03
N THR C 3357 -69.46 -30.80 10.95
CA THR C 3357 -68.10 -31.29 10.76
C THR C 3357 -67.39 -30.34 9.81
N SER C 3358 -66.18 -29.93 10.20
CA SER C 3358 -65.47 -28.91 9.42
C SER C 3358 -65.17 -29.39 8.00
N GLY C 3359 -64.86 -30.67 7.81
CA GLY C 3359 -64.65 -31.17 6.47
C GLY C 3359 -65.88 -31.01 5.61
N GLU C 3360 -67.04 -31.38 6.14
CA GLU C 3360 -68.29 -31.31 5.38
C GLU C 3360 -68.66 -29.87 5.05
N ASP C 3361 -68.51 -28.96 6.01
CA ASP C 3361 -68.89 -27.58 5.73
C ASP C 3361 -67.90 -26.88 4.81
N VAL C 3362 -66.61 -27.24 4.87
CA VAL C 3362 -65.68 -26.73 3.87
C VAL C 3362 -66.03 -27.27 2.48
N ARG C 3363 -66.44 -28.54 2.41
CA ARG C 3363 -66.86 -29.09 1.12
C ARG C 3363 -68.08 -28.35 0.57
N ASP C 3364 -69.08 -28.10 1.41
CA ASP C 3364 -70.28 -27.41 0.90
C ASP C 3364 -70.02 -25.93 0.65
N PHE C 3365 -69.06 -25.32 1.37
CA PHE C 3365 -68.63 -23.97 1.03
C PHE C 3365 -67.94 -23.94 -0.33
N ALA C 3366 -67.11 -24.93 -0.61
CA ALA C 3366 -66.51 -25.02 -1.94
C ALA C 3366 -67.58 -25.19 -3.01
N LYS C 3367 -68.61 -25.98 -2.70
CA LYS C 3367 -69.73 -26.15 -3.62
C LYS C 3367 -70.46 -24.84 -3.86
N VAL C 3368 -70.67 -24.03 -2.81
CA VAL C 3368 -71.43 -22.79 -3.00
C VAL C 3368 -70.57 -21.73 -3.71
N LEU C 3369 -69.25 -21.70 -3.47
CA LEU C 3369 -68.37 -20.89 -4.30
C LEU C 3369 -68.43 -21.31 -5.77
N LYS C 3370 -68.44 -22.62 -6.02
CA LYS C 3370 -68.56 -23.09 -7.39
C LYS C 3370 -69.88 -22.68 -8.02
N ASN C 3371 -70.97 -22.74 -7.22
CA ASN C 3371 -72.28 -22.34 -7.73
C ASN C 3371 -72.32 -20.85 -8.05
N LYS C 3372 -71.76 -20.01 -7.17
CA LYS C 3372 -71.77 -18.57 -7.41
C LYS C 3372 -70.78 -18.16 -8.48
N PHE C 3373 -69.77 -18.98 -8.75
CA PHE C 3373 -68.85 -18.69 -9.84
C PHE C 3373 -69.56 -18.74 -11.19
N ARG C 3374 -70.47 -19.68 -11.36
CA ARG C 3374 -71.25 -19.80 -12.59
C ARG C 3374 -72.44 -18.84 -12.57
N GLN D 1 48.25 38.98 -33.32
CA GLN D 1 49.14 38.22 -34.20
C GLN D 1 48.89 36.73 -34.05
N GLN D 2 48.53 36.07 -35.15
CA GLN D 2 48.33 34.62 -35.16
C GLN D 2 48.96 34.03 -36.41
N THR D 3 49.28 32.75 -36.33
CA THR D 3 49.82 32.00 -37.46
C THR D 3 49.19 30.61 -37.47
N THR D 4 48.83 30.15 -38.66
CA THR D 4 48.16 28.87 -38.83
C THR D 4 49.14 27.86 -39.44
N LEU D 5 49.33 26.75 -38.74
CA LEU D 5 50.16 25.66 -39.20
C LEU D 5 49.29 24.44 -39.47
N TYR D 6 49.85 23.49 -40.22
CA TYR D 6 49.09 22.34 -40.72
C TYR D 6 49.83 21.05 -40.39
N PRO D 7 49.70 20.57 -39.16
CA PRO D 7 50.28 19.26 -38.82
C PRO D 7 49.44 18.11 -39.34
N LEU D 8 50.10 16.96 -39.45
CA LEU D 8 49.44 15.74 -39.91
C LEU D 8 49.77 14.59 -38.97
N VAL D 9 48.83 13.65 -38.88
CA VAL D 9 49.00 12.48 -38.04
C VAL D 9 50.01 11.54 -38.69
N GLY D 10 50.97 11.06 -37.90
CA GLY D 10 51.89 10.05 -38.38
C GLY D 10 53.36 10.44 -38.33
N ARG D 11 53.66 11.71 -38.59
CA ARG D 11 55.04 12.15 -38.65
C ARG D 11 55.25 13.28 -37.64
N VAL D 12 56.51 13.67 -37.49
CA VAL D 12 56.87 14.70 -36.53
C VAL D 12 56.46 16.07 -37.05
N PHE D 13 56.33 17.02 -36.12
CA PHE D 13 56.17 18.43 -36.42
C PHE D 13 57.13 19.20 -35.53
N VAL D 14 57.87 20.12 -36.14
CA VAL D 14 58.84 20.95 -35.42
C VAL D 14 58.67 22.39 -35.89
N HIS D 15 58.82 23.33 -34.97
CA HIS D 15 58.71 24.75 -35.30
C HIS D 15 59.93 25.49 -34.75
N THR D 16 60.86 25.84 -35.64
CA THR D 16 61.91 26.77 -35.27
C THR D 16 61.29 28.12 -34.93
N LEU D 17 61.82 28.78 -33.90
CA LEU D 17 61.23 29.99 -33.37
C LEU D 17 62.27 31.11 -33.38
N GLU D 18 61.90 32.24 -33.97
CA GLU D 18 62.79 33.38 -34.14
C GLU D 18 62.24 34.59 -33.38
N PRO D 19 63.04 35.25 -32.55
CA PRO D 19 62.53 36.41 -31.80
C PRO D 19 62.30 37.64 -32.66
N ALA D 20 62.65 37.61 -33.95
CA ALA D 20 62.55 38.81 -34.78
C ALA D 20 61.10 39.25 -34.96
N SER D 21 60.22 38.34 -35.37
CA SER D 21 58.81 38.66 -35.56
C SER D 21 57.94 38.11 -34.45
N PHE D 22 58.40 37.09 -33.72
CA PHE D 22 57.67 36.57 -32.58
C PHE D 22 57.51 37.63 -31.50
N LEU D 23 58.57 38.39 -31.25
CA LEU D 23 58.55 39.47 -30.26
C LEU D 23 58.12 40.76 -30.94
N HIS D 24 57.16 41.45 -30.31
CA HIS D 24 56.68 42.73 -30.85
C HIS D 24 57.73 43.82 -30.75
N LEU D 25 58.73 43.67 -29.89
CA LEU D 25 59.82 44.64 -29.78
C LEU D 25 60.99 44.16 -30.60
N PRO D 26 61.37 44.84 -31.69
CA PRO D 26 62.47 44.36 -32.52
C PRO D 26 63.80 44.39 -31.79
N GLU D 27 64.66 43.43 -32.13
CA GLU D 27 66.01 43.34 -31.59
C GLU D 27 66.98 43.76 -32.69
N HIS D 28 67.50 44.97 -32.58
CA HIS D 28 68.37 45.52 -33.60
C HIS D 28 69.81 45.09 -33.35
N ALA D 29 70.72 45.59 -34.20
CA ALA D 29 72.15 45.27 -34.17
C ALA D 29 72.29 43.76 -34.35
N ALA D 30 72.84 43.02 -33.39
CA ALA D 30 72.95 41.57 -33.49
C ALA D 30 71.83 40.94 -32.70
N PRO D 31 70.82 40.33 -33.34
CA PRO D 31 69.69 39.78 -32.59
C PRO D 31 70.01 38.50 -31.85
N ALA D 32 71.10 37.80 -32.19
CA ALA D 32 71.42 36.53 -31.55
C ALA D 32 71.96 36.70 -30.12
N THR D 33 72.26 37.94 -29.71
CA THR D 33 72.84 38.15 -28.39
C THR D 33 71.80 37.99 -27.28
N ILE D 34 70.58 38.47 -27.52
CA ILE D 34 69.60 38.60 -26.45
C ILE D 34 69.04 37.22 -26.09
N PRO D 35 69.05 36.82 -24.82
CA PRO D 35 68.47 35.53 -24.43
C PRO D 35 66.98 35.60 -24.14
N VAL D 36 66.17 34.85 -24.89
CA VAL D 36 64.72 34.81 -24.69
C VAL D 36 64.28 33.36 -24.58
N THR D 37 63.52 33.03 -23.54
CA THR D 37 62.87 31.75 -23.42
C THR D 37 61.40 31.88 -23.83
N TYR D 38 60.77 30.73 -24.03
CA TYR D 38 59.38 30.70 -24.49
C TYR D 38 58.61 29.69 -23.65
N HIS D 39 57.41 30.07 -23.23
CA HIS D 39 56.53 29.17 -22.49
C HIS D 39 55.24 29.00 -23.29
N ALA D 40 55.01 27.80 -23.80
CA ALA D 40 53.87 27.51 -24.65
C ALA D 40 52.90 26.59 -23.94
N HIS D 41 51.60 26.88 -24.06
CA HIS D 41 50.59 26.07 -23.40
C HIS D 41 49.34 26.08 -24.26
N LEU D 42 48.45 25.13 -23.97
CA LEU D 42 47.13 25.15 -24.57
C LEU D 42 46.36 26.35 -24.01
N GLN D 43 45.54 26.97 -24.86
CA GLN D 43 44.81 28.16 -24.44
C GLN D 43 43.91 27.82 -23.26
N GLY D 44 43.99 28.64 -22.20
CA GLY D 44 43.30 28.34 -20.96
C GLY D 44 43.80 27.08 -20.29
N HIS D 45 45.09 26.79 -20.40
CA HIS D 45 45.68 25.60 -19.82
C HIS D 45 47.14 25.92 -19.48
N PRO D 46 47.74 25.19 -18.54
CA PRO D 46 49.12 25.51 -18.15
C PRO D 46 50.17 24.77 -18.97
N ASP D 47 49.79 23.76 -19.73
CA ASP D 47 50.79 22.93 -20.39
C ASP D 47 50.27 22.46 -21.74
N LEU D 48 51.22 22.11 -22.60
CA LEU D 48 50.93 21.53 -23.89
C LEU D 48 50.32 20.14 -23.72
N PRO D 49 49.61 19.64 -24.73
CA PRO D 49 49.13 18.25 -24.68
C PRO D 49 50.28 17.26 -24.65
N ARG D 50 49.92 15.99 -24.49
CA ARG D 50 50.94 14.94 -24.35
C ARG D 50 51.80 14.83 -25.61
N TRP D 51 51.18 14.90 -26.78
CA TRP D 51 51.91 14.70 -28.03
C TRP D 51 52.93 15.79 -28.30
N LEU D 52 52.74 16.97 -27.73
CA LEU D 52 53.57 18.14 -28.01
C LEU D 52 54.42 18.46 -26.80
N ARG D 53 55.66 18.87 -27.06
CA ARG D 53 56.57 19.24 -25.97
C ARG D 53 57.50 20.33 -26.49
N TYR D 54 58.31 20.86 -25.58
CA TYR D 54 59.12 22.04 -25.86
C TYR D 54 60.47 21.89 -25.17
N THR D 55 61.51 22.37 -25.84
CA THR D 55 62.86 22.29 -25.28
C THR D 55 63.66 23.53 -25.64
N GLN D 56 64.75 23.72 -24.90
CA GLN D 56 65.67 24.83 -25.13
C GLN D 56 66.98 24.51 -24.45
N ARG D 57 68.07 24.44 -25.24
CA ARG D 57 69.39 24.20 -24.66
C ARG D 57 69.80 25.35 -23.74
N SER D 58 69.94 26.54 -24.31
CA SER D 58 70.33 27.73 -23.56
C SER D 58 69.40 28.88 -23.93
N PRO D 59 69.23 29.85 -23.04
CA PRO D 59 68.42 31.03 -23.40
C PRO D 59 68.97 31.80 -24.58
N HIS D 60 70.28 31.78 -24.80
CA HIS D 60 70.89 32.38 -25.98
C HIS D 60 70.79 31.51 -27.22
N HIS D 61 69.96 30.47 -27.17
CA HIS D 61 69.68 29.60 -28.30
C HIS D 61 68.18 29.56 -28.56
N PRO D 62 67.76 29.35 -29.81
CA PRO D 62 66.33 29.28 -30.10
C PRO D 62 65.68 28.07 -29.42
N GLY D 63 64.46 28.28 -28.92
CA GLY D 63 63.68 27.18 -28.41
C GLY D 63 63.09 26.34 -29.52
N PHE D 64 62.41 25.27 -29.14
CA PHE D 64 61.84 24.36 -30.12
C PHE D 64 60.54 23.75 -29.60
N LEU D 65 59.48 23.88 -30.39
CA LEU D 65 58.20 23.25 -30.13
C LEU D 65 58.07 22.07 -31.10
N TYR D 66 57.83 20.88 -30.56
CA TYR D 66 57.96 19.69 -31.39
C TYR D 66 57.11 18.55 -30.83
N GLY D 67 56.62 17.72 -31.72
CA GLY D 67 55.84 16.56 -31.33
C GLY D 67 55.16 15.93 -32.52
N ALA D 68 54.63 14.74 -32.29
CA ALA D 68 53.98 13.95 -33.34
C ALA D 68 52.48 13.99 -33.12
N ALA D 69 51.74 14.36 -34.16
CA ALA D 69 50.29 14.47 -34.05
C ALA D 69 49.66 13.11 -33.84
N THR D 70 48.63 13.07 -32.98
CA THR D 70 47.92 11.83 -32.71
C THR D 70 46.57 11.83 -33.41
N PRO D 71 46.08 10.65 -33.81
CA PRO D 71 44.75 10.59 -34.42
C PRO D 71 43.63 10.97 -33.48
N GLU D 72 43.86 10.94 -32.16
CA GLU D 72 42.85 11.34 -31.19
C GLU D 72 42.81 12.84 -30.96
N ASP D 73 43.78 13.59 -31.48
CA ASP D 73 43.81 15.05 -31.35
C ASP D 73 43.52 15.75 -32.66
N ARG D 74 42.88 15.06 -33.61
CA ARG D 74 42.58 15.64 -34.91
C ARG D 74 41.60 16.80 -34.78
N GLY D 75 41.81 17.84 -35.59
CA GLY D 75 40.93 18.99 -35.61
C GLY D 75 41.69 20.28 -35.35
N ARG D 76 40.97 21.26 -34.81
CA ARG D 76 41.51 22.58 -34.54
C ARG D 76 42.07 22.64 -33.12
N GLN D 77 43.27 23.19 -32.98
CA GLN D 77 43.96 23.27 -31.71
C GLN D 77 44.58 24.67 -31.58
N VAL D 78 44.54 25.21 -30.37
CA VAL D 78 44.97 26.58 -30.11
C VAL D 78 46.14 26.54 -29.13
N ILE D 79 47.22 27.25 -29.47
CA ILE D 79 48.40 27.37 -28.62
C ILE D 79 48.53 28.82 -28.21
N GLU D 80 48.48 29.09 -26.91
CA GLU D 80 48.84 30.40 -26.37
C GLU D 80 50.26 30.31 -25.87
N VAL D 81 51.12 31.17 -26.37
CA VAL D 81 52.55 31.12 -26.08
C VAL D 81 53.03 32.50 -25.66
N THR D 82 53.91 32.52 -24.67
CA THR D 82 54.46 33.76 -24.13
C THR D 82 55.97 33.75 -24.33
N ALA D 83 56.47 34.83 -24.91
CA ALA D 83 57.92 35.03 -25.09
C ALA D 83 58.44 35.75 -23.87
N TYR D 84 59.03 35.00 -22.95
CA TYR D 84 59.64 35.60 -21.75
C TYR D 84 61.11 35.83 -22.05
N ASN D 85 61.46 37.08 -22.33
CA ASN D 85 62.86 37.43 -22.48
C ASN D 85 63.56 37.26 -21.15
N ARG D 86 64.69 36.54 -21.16
CA ARG D 86 65.42 36.32 -19.92
C ARG D 86 66.02 37.62 -19.42
N ASP D 87 66.28 38.57 -20.30
CA ASP D 87 66.78 39.88 -19.92
C ASP D 87 65.68 40.94 -19.90
N SER D 88 64.99 41.15 -21.03
CA SER D 88 64.20 42.36 -21.20
C SER D 88 62.86 42.30 -20.49
N PHE D 89 62.47 41.16 -19.92
CA PHE D 89 61.21 41.04 -19.15
C PHE D 89 60.00 41.50 -19.96
N ASP D 90 60.06 41.32 -21.28
CA ASP D 90 59.03 41.84 -22.18
C ASP D 90 58.06 40.72 -22.53
N THR D 91 56.79 40.92 -22.22
CA THR D 91 55.75 39.92 -22.50
C THR D 91 55.25 40.09 -23.92
N ALA D 92 55.28 39.00 -24.68
CA ALA D 92 54.80 38.99 -26.07
C ALA D 92 53.84 37.82 -26.22
N GLY D 93 52.57 38.06 -25.91
CA GLY D 93 51.57 37.03 -26.12
C GLY D 93 51.41 36.71 -27.60
N GLN D 94 51.18 35.43 -27.89
CA GLN D 94 51.08 35.00 -29.28
C GLN D 94 50.17 33.80 -29.35
N SER D 95 49.46 33.68 -30.47
CA SER D 95 48.56 32.56 -30.72
C SER D 95 49.04 31.79 -31.93
N LEU D 96 49.04 30.46 -31.82
CA LEU D 96 49.34 29.57 -32.93
C LEU D 96 48.14 28.67 -33.15
N VAL D 97 47.79 28.45 -34.42
CA VAL D 97 46.63 27.66 -34.79
C VAL D 97 47.13 26.39 -35.49
N LEU D 98 46.71 25.24 -34.96
CA LEU D 98 47.15 23.94 -35.46
C LEU D 98 45.94 23.19 -35.99
N LEU D 99 46.06 22.64 -37.20
CA LEU D 99 44.98 21.84 -37.80
C LEU D 99 45.51 20.43 -38.02
N ILE D 100 45.31 19.56 -37.04
CA ILE D 100 45.77 18.18 -37.13
C ILE D 100 44.84 17.42 -38.05
N ARG D 101 45.38 16.95 -39.18
CA ARG D 101 44.61 16.26 -40.19
C ARG D 101 45.28 14.94 -40.54
N ASP D 102 44.58 14.13 -41.32
CA ASP D 102 45.10 12.83 -41.71
C ASP D 102 46.25 12.98 -42.71
N PRO D 103 47.21 12.07 -42.67
CA PRO D 103 48.29 12.09 -43.69
C PRO D 103 47.76 11.74 -45.06
N GLU D 104 48.40 12.29 -46.08
CA GLU D 104 48.03 12.06 -47.47
C GLU D 104 49.08 11.18 -48.13
N GLY D 105 48.65 10.11 -48.76
CA GLY D 105 49.53 9.19 -49.45
C GLY D 105 49.59 7.84 -48.74
N SER D 106 50.55 7.04 -49.18
CA SER D 106 50.72 5.70 -48.61
C SER D 106 51.22 5.80 -47.17
N PRO D 107 50.80 4.87 -46.31
CA PRO D 107 51.32 4.86 -44.94
C PRO D 107 52.75 4.34 -44.87
N LEU D 108 53.33 4.32 -43.67
CA LEU D 108 54.72 3.90 -43.47
C LEU D 108 54.76 2.84 -42.39
N PRO D 109 54.39 1.60 -42.72
CA PRO D 109 54.46 0.52 -41.71
C PRO D 109 55.87 0.25 -41.22
N TYR D 110 56.88 0.42 -42.08
CA TYR D 110 58.26 0.08 -41.73
C TYR D 110 58.86 1.26 -40.97
N GLN D 111 58.73 1.24 -39.65
CA GLN D 111 59.29 2.27 -38.79
C GLN D 111 60.58 1.79 -38.15
N THR D 112 61.51 2.71 -37.96
CA THR D 112 62.82 2.40 -37.42
C THR D 112 63.16 3.41 -36.33
N GLU D 113 63.63 2.91 -35.19
CA GLU D 113 63.99 3.73 -34.04
C GLU D 113 65.48 3.56 -33.75
N PHE D 114 66.17 4.69 -33.60
CA PHE D 114 67.61 4.73 -33.40
C PHE D 114 67.96 5.64 -32.25
N LEU D 115 69.16 5.42 -31.70
CA LEU D 115 69.72 6.23 -30.63
C LEU D 115 70.98 6.91 -31.16
N VAL D 116 71.00 8.24 -31.11
CA VAL D 116 72.17 9.01 -31.53
C VAL D 116 72.89 9.50 -30.28
N ARG D 117 74.19 9.21 -30.21
CA ARG D 117 75.00 9.53 -29.05
C ARG D 117 75.95 10.70 -29.28
N SER D 118 76.26 11.03 -30.53
CA SER D 118 77.19 12.10 -30.84
C SER D 118 76.55 13.48 -30.89
N HIS D 119 75.24 13.58 -30.66
CA HIS D 119 74.54 14.84 -30.81
C HIS D 119 73.55 15.04 -29.68
N ASP D 120 73.21 16.30 -29.44
CA ASP D 120 72.12 16.65 -28.55
C ASP D 120 70.81 16.72 -29.33
N VAL D 121 69.71 16.88 -28.59
CA VAL D 121 68.42 17.00 -29.24
C VAL D 121 68.31 18.32 -30.00
N GLU D 122 68.75 19.42 -29.38
CA GLU D 122 68.61 20.73 -29.97
C GLU D 122 69.47 20.91 -31.21
N GLU D 123 70.44 20.04 -31.44
CA GLU D 123 71.23 20.08 -32.66
C GLU D 123 70.46 19.53 -33.86
N VAL D 124 69.66 18.48 -33.64
CA VAL D 124 68.92 17.86 -34.72
C VAL D 124 67.66 18.64 -35.06
N LEU D 125 67.13 19.41 -34.11
CA LEU D 125 65.89 20.14 -34.32
C LEU D 125 65.91 21.14 -35.48
N PRO D 126 66.99 21.85 -35.78
CA PRO D 126 67.02 22.63 -37.01
C PRO D 126 66.83 21.72 -38.21
N PRO D 127 66.16 22.22 -39.27
CA PRO D 127 65.82 21.34 -40.39
C PRO D 127 67.02 20.75 -41.12
N THR D 128 68.13 21.47 -41.20
CA THR D 128 69.23 20.98 -42.03
C THR D 128 70.03 19.84 -41.40
N PRO D 129 70.35 19.83 -40.10
CA PRO D 129 70.96 18.61 -39.54
C PRO D 129 70.06 17.39 -39.62
N ALA D 130 68.75 17.58 -39.41
CA ALA D 130 67.81 16.48 -39.57
C ALA D 130 67.79 15.97 -41.00
N SER D 131 67.82 16.89 -41.97
CA SER D 131 67.87 16.50 -43.37
C SER D 131 69.15 15.73 -43.68
N HIS D 132 70.28 16.18 -43.13
CA HIS D 132 71.54 15.47 -43.34
C HIS D 132 71.49 14.06 -42.75
N PHE D 133 70.93 13.93 -41.54
CA PHE D 133 70.79 12.61 -40.93
C PHE D 133 69.88 11.71 -41.76
N LEU D 134 68.78 12.26 -42.27
CA LEU D 134 67.85 11.45 -43.06
C LEU D 134 68.49 11.03 -44.38
N THR D 135 69.28 11.91 -44.99
CA THR D 135 70.00 11.52 -46.21
C THR D 135 71.04 10.45 -45.92
N ALA D 136 71.73 10.57 -44.79
CA ALA D 136 72.69 9.53 -44.42
C ALA D 136 72.00 8.20 -44.17
N LEU D 137 70.80 8.24 -43.60
CA LEU D 137 70.04 7.01 -43.41
C LEU D 137 69.57 6.44 -44.74
N ALA D 138 69.16 7.31 -45.67
CA ALA D 138 68.84 6.88 -47.02
C ALA D 138 70.05 6.30 -47.74
N GLY D 139 71.25 6.67 -47.31
CA GLY D 139 72.46 6.04 -47.80
C GLY D 139 72.53 4.55 -47.52
N LEU D 140 71.71 4.06 -46.58
CA LEU D 140 71.56 2.63 -46.34
C LEU D 140 70.12 2.16 -46.55
N TRP D 141 69.19 3.06 -46.85
CA TRP D 141 67.80 2.72 -47.08
C TRP D 141 67.47 2.52 -48.56
N GLU D 142 68.46 2.22 -49.39
CA GLU D 142 68.19 2.01 -50.80
C GLU D 142 67.44 0.69 -51.00
N PRO D 143 66.26 0.72 -51.64
CA PRO D 143 65.51 1.89 -52.11
C PRO D 143 64.34 2.24 -51.21
N GLY D 144 63.72 3.40 -51.39
CA GLY D 144 62.56 3.77 -50.61
C GLY D 144 62.61 5.15 -50.00
N GLU D 145 61.47 5.83 -49.97
CA GLU D 145 61.38 7.17 -49.41
C GLU D 145 61.51 7.12 -47.89
N LEU D 146 61.66 8.31 -47.30
CA LEU D 146 61.85 8.42 -45.86
C LEU D 146 61.01 9.56 -45.30
N LYS D 147 60.65 9.43 -44.03
CA LYS D 147 59.91 10.48 -43.34
C LYS D 147 60.04 10.23 -41.84
N LEU D 148 60.58 11.20 -41.12
CA LEU D 148 60.78 11.06 -39.68
C LEU D 148 59.43 11.11 -38.96
N LEU D 149 59.30 10.31 -37.90
CA LEU D 149 58.07 10.22 -37.14
C LEU D 149 58.17 10.88 -35.77
N ASN D 150 59.23 10.59 -35.03
CA ASN D 150 59.31 11.00 -33.63
C ASN D 150 60.72 11.42 -33.25
N ILE D 151 60.81 12.43 -32.40
CA ILE D 151 62.07 12.84 -31.77
C ILE D 151 61.83 12.90 -30.28
N THR D 152 62.68 12.23 -29.50
CA THR D 152 62.55 12.26 -28.06
C THR D 152 63.93 12.35 -27.43
N SER D 153 64.05 13.13 -26.37
CA SER D 153 65.30 13.15 -25.62
C SER D 153 65.54 11.81 -24.96
N ALA D 154 66.80 11.35 -25.02
CA ALA D 154 67.15 10.12 -24.33
C ALA D 154 66.98 10.23 -22.82
N LEU D 155 67.07 11.45 -22.29
CA LEU D 155 66.82 11.67 -20.87
C LEU D 155 65.35 11.49 -20.51
N ASP D 156 64.45 11.69 -21.46
CA ASP D 156 63.02 11.45 -21.20
C ASP D 156 62.76 9.97 -20.97
N ARG D 157 63.41 9.10 -21.76
CA ARG D 157 63.21 7.66 -21.59
C ARG D 157 63.78 7.14 -20.28
N GLY D 158 64.76 7.84 -19.70
CA GLY D 158 65.30 7.44 -18.42
C GLY D 158 66.80 7.33 -18.38
N GLY D 159 67.49 7.93 -19.35
CA GLY D 159 68.93 7.95 -19.33
C GLY D 159 69.48 8.88 -18.27
N ARG D 160 70.74 8.67 -17.92
CA ARG D 160 71.40 9.50 -16.93
C ARG D 160 72.10 10.68 -17.59
N VAL D 161 72.46 11.66 -16.77
CA VAL D 161 73.14 12.85 -17.26
C VAL D 161 74.55 12.47 -17.72
N PRO D 162 74.90 12.73 -18.97
CA PRO D 162 76.26 12.43 -19.43
C PRO D 162 77.30 13.31 -18.75
N LEU D 163 78.50 12.79 -18.67
CA LEU D 163 79.61 13.54 -18.08
C LEU D 163 79.94 14.74 -18.95
N PRO D 164 80.08 15.94 -18.38
CA PRO D 164 80.44 17.11 -19.20
C PRO D 164 81.89 17.12 -19.65
N ILE D 165 82.70 16.18 -19.19
CA ILE D 165 84.09 16.05 -19.61
C ILE D 165 84.20 14.81 -20.49
N GLY D 166 84.80 14.97 -21.67
CA GLY D 166 84.87 13.92 -22.65
C GLY D 166 83.97 14.13 -23.86
N GLY D 167 83.24 15.24 -23.92
CA GLY D 167 82.40 15.51 -25.07
C GLY D 167 81.18 14.63 -25.19
N GLN D 168 80.72 14.03 -24.09
CA GLN D 168 79.60 13.12 -24.13
C GLN D 168 78.30 13.87 -24.31
N LYS D 169 77.48 13.44 -25.25
CA LYS D 169 76.18 14.03 -25.51
C LYS D 169 75.08 13.22 -24.84
N GLU D 170 73.93 13.87 -24.67
CA GLU D 170 72.80 13.22 -24.00
C GLU D 170 72.21 12.11 -24.85
N GLY D 171 72.26 12.23 -26.17
CA GLY D 171 71.64 11.27 -27.05
C GLY D 171 70.21 11.63 -27.37
N VAL D 172 69.67 10.97 -28.40
CA VAL D 172 68.32 11.25 -28.85
C VAL D 172 67.74 9.99 -29.49
N TYR D 173 66.46 9.74 -29.24
CA TYR D 173 65.73 8.66 -29.86
C TYR D 173 64.97 9.19 -31.06
N ILE D 174 65.15 8.55 -32.21
CA ILE D 174 64.62 9.02 -33.49
C ILE D 174 63.82 7.89 -34.11
N LYS D 175 62.56 8.17 -34.45
CA LYS D 175 61.69 7.24 -35.16
C LYS D 175 61.44 7.80 -36.56
N VAL D 176 61.79 7.02 -37.58
CA VAL D 176 61.62 7.40 -38.98
C VAL D 176 60.82 6.30 -39.67
N GLY D 177 59.81 6.68 -40.44
CA GLY D 177 58.91 5.73 -41.07
C GLY D 177 59.10 5.68 -42.57
N SER D 178 58.85 4.51 -43.14
CA SER D 178 58.94 4.29 -44.57
C SER D 178 58.09 3.09 -44.95
N ALA D 179 57.50 3.14 -46.14
CA ALA D 179 56.75 2.02 -46.67
C ALA D 179 57.64 0.98 -47.34
N SER D 180 58.91 1.30 -47.57
CA SER D 180 59.85 0.35 -48.14
C SER D 180 60.33 -0.64 -47.07
N PRO D 181 60.58 -1.89 -47.45
CA PRO D 181 61.08 -2.87 -46.49
C PRO D 181 62.50 -2.52 -46.04
N PHE D 182 62.84 -3.02 -44.85
CA PHE D 182 64.17 -2.80 -44.30
C PHE D 182 65.22 -3.51 -45.15
N SER D 183 66.42 -2.93 -45.17
CA SER D 183 67.49 -3.49 -45.97
C SER D 183 67.97 -4.81 -45.36
N THR D 184 68.64 -5.61 -46.21
CA THR D 184 69.16 -6.90 -45.75
C THR D 184 70.22 -6.70 -44.67
N CYS D 185 71.01 -5.64 -44.78
CA CYS D 185 71.92 -5.28 -43.70
C CYS D 185 71.16 -4.95 -42.42
N LEU D 186 70.08 -4.17 -42.55
CA LEU D 186 69.24 -3.88 -41.40
C LEU D 186 68.52 -5.14 -40.91
N LYS D 187 68.18 -6.05 -41.82
CA LYS D 187 67.58 -7.32 -41.43
C LYS D 187 68.55 -8.14 -40.58
N MET D 188 69.82 -8.21 -41.00
CA MET D 188 70.81 -8.96 -40.24
C MET D 188 71.25 -8.24 -38.96
N VAL D 189 71.05 -6.91 -38.89
CA VAL D 189 71.30 -6.20 -37.65
C VAL D 189 70.33 -6.66 -36.56
N ALA D 190 69.05 -6.82 -36.92
CA ALA D 190 68.03 -7.22 -35.97
C ALA D 190 68.08 -8.70 -35.62
N SER D 191 68.97 -9.47 -36.25
CA SER D 191 69.08 -10.89 -35.96
C SER D 191 69.55 -11.11 -34.52
N PRO D 192 69.04 -12.15 -33.85
CA PRO D 192 69.35 -12.33 -32.42
C PRO D 192 70.81 -12.62 -32.12
N ASP D 193 71.60 -13.05 -33.12
CA ASP D 193 73.03 -13.24 -32.87
C ASP D 193 73.71 -11.93 -32.53
N SER D 194 73.36 -10.85 -33.24
CA SER D 194 73.90 -9.53 -32.90
C SER D 194 73.40 -9.07 -31.54
N HIS D 195 72.17 -9.44 -31.17
CA HIS D 195 71.67 -9.11 -29.84
C HIS D 195 72.47 -9.81 -28.76
N ALA D 196 72.81 -11.09 -28.98
CA ALA D 196 73.65 -11.82 -28.04
C ALA D 196 75.05 -11.23 -27.97
N ARG D 197 75.59 -10.80 -29.12
CA ARG D 197 76.90 -10.15 -29.12
C ARG D 197 76.86 -8.84 -28.33
N CYS D 198 75.80 -8.05 -28.50
CA CYS D 198 75.66 -6.81 -27.76
C CYS D 198 75.46 -7.07 -26.26
N ALA D 199 74.78 -8.16 -25.91
CA ALA D 199 74.65 -8.54 -24.51
C ALA D 199 76.00 -8.85 -23.89
N ARG D 200 76.91 -9.43 -24.67
CA ARG D 200 78.28 -9.68 -24.22
C ARG D 200 79.16 -8.44 -24.34
N GLY D 201 78.68 -7.36 -24.95
CA GLY D 201 79.49 -6.22 -25.27
C GLY D 201 80.20 -6.30 -26.60
N GLN D 202 80.13 -7.45 -27.28
CA GLN D 202 80.73 -7.58 -28.59
C GLN D 202 79.94 -6.74 -29.60
N PRO D 203 80.61 -6.23 -30.64
CA PRO D 203 79.91 -5.42 -31.63
C PRO D 203 78.89 -6.26 -32.39
N PRO D 204 77.78 -5.65 -32.81
CA PRO D 204 76.81 -6.38 -33.64
C PRO D 204 77.39 -6.67 -35.02
N LEU D 205 76.86 -7.73 -35.64
CA LEU D 205 77.30 -8.14 -36.97
C LEU D 205 76.89 -7.11 -37.99
N LEU D 206 77.85 -6.34 -38.50
CA LEU D 206 77.60 -5.29 -39.48
C LEU D 206 78.21 -5.68 -40.82
N SER D 207 77.39 -5.63 -41.87
CA SER D 207 77.86 -5.90 -43.22
C SER D 207 77.94 -4.67 -44.11
N CYS D 208 77.24 -3.60 -43.75
CA CYS D 208 77.24 -2.36 -44.52
C CYS D 208 78.00 -1.29 -43.75
N TYR D 209 78.76 -0.47 -44.47
CA TYR D 209 79.55 0.58 -43.86
C TYR D 209 78.63 1.66 -43.28
N ASP D 210 79.07 2.24 -42.16
CA ASP D 210 78.30 3.28 -41.48
C ASP D 210 78.34 4.56 -42.28
N THR D 211 77.24 4.87 -42.97
CA THR D 211 77.14 6.15 -43.68
C THR D 211 76.97 7.32 -42.72
N LEU D 212 76.49 7.06 -41.50
CA LEU D 212 76.34 8.13 -40.51
C LEU D 212 77.69 8.65 -40.04
N ALA D 213 78.72 7.81 -40.10
CA ALA D 213 80.06 8.22 -39.73
C ALA D 213 80.60 9.22 -40.75
N PRO D 214 81.49 10.14 -40.32
CA PRO D 214 81.97 10.36 -38.95
C PRO D 214 81.15 11.40 -38.21
N HIS D 215 80.14 11.98 -38.85
CA HIS D 215 79.35 13.03 -38.22
C HIS D 215 78.48 12.47 -37.10
N PHE D 216 77.78 11.39 -37.36
CA PHE D 216 76.81 10.82 -36.43
C PHE D 216 77.33 9.51 -35.87
N ARG D 217 77.21 9.35 -34.55
CA ARG D 217 77.55 8.10 -33.87
C ARG D 217 76.26 7.50 -33.32
N VAL D 218 75.93 6.30 -33.76
CA VAL D 218 74.66 5.65 -33.46
C VAL D 218 74.93 4.33 -32.75
N ASP D 219 74.25 4.11 -31.63
CA ASP D 219 74.33 2.83 -30.93
C ASP D 219 73.55 1.79 -31.73
N TRP D 220 74.26 0.82 -32.30
CA TRP D 220 73.61 -0.20 -33.11
C TRP D 220 72.88 -1.24 -32.27
N CYS D 221 73.19 -1.33 -30.98
CA CYS D 221 72.62 -2.40 -30.16
C CYS D 221 71.16 -2.17 -29.83
N ASN D 222 70.73 -0.91 -29.71
CA ASN D 222 69.33 -0.58 -29.43
C ASN D 222 68.59 -0.12 -30.68
N VAL D 223 68.94 -0.68 -31.84
CA VAL D 223 68.23 -0.37 -33.08
C VAL D 223 66.93 -1.16 -33.11
N SER D 224 65.82 -0.46 -33.30
CA SER D 224 64.49 -1.06 -33.21
C SER D 224 63.81 -1.01 -34.58
N LEU D 225 63.22 -2.13 -34.98
CA LEU D 225 62.49 -2.25 -36.24
C LEU D 225 61.04 -2.63 -35.93
N VAL D 226 60.11 -1.91 -36.55
CA VAL D 226 58.68 -2.12 -36.35
C VAL D 226 58.00 -2.19 -37.71
N ASP D 227 57.10 -3.15 -37.88
CA ASP D 227 56.29 -3.23 -39.08
C ASP D 227 54.82 -3.38 -38.69
N THR D 228 53.95 -3.34 -39.69
CA THR D 228 52.52 -3.45 -39.47
C THR D 228 52.16 -4.83 -38.92
N SER D 229 51.09 -4.88 -38.15
CA SER D 229 50.62 -6.12 -37.55
C SER D 229 49.10 -6.13 -37.64
N VAL D 230 48.47 -7.06 -36.91
CA VAL D 230 47.01 -7.18 -36.89
C VAL D 230 46.49 -7.16 -35.46
N PRO D 231 46.63 -6.03 -34.73
CA PRO D 231 46.09 -5.96 -33.37
C PRO D 231 44.60 -5.64 -33.39
N GLU D 232 43.78 -6.61 -32.99
CA GLU D 232 42.33 -6.46 -33.02
C GLU D 232 41.74 -7.05 -31.73
N PRO D 233 41.28 -6.21 -30.81
CA PRO D 233 40.69 -6.68 -29.55
C PRO D 233 39.30 -7.28 -29.77
N GLY D 243 23.77 -0.95 -24.78
CA GLY D 243 23.35 -0.26 -23.57
C GLY D 243 21.85 -0.12 -23.44
N ILE D 244 21.24 -0.94 -22.59
CA ILE D 244 19.79 -0.99 -22.47
C ILE D 244 19.42 -0.99 -20.99
N LEU D 245 18.16 -0.70 -20.71
CA LEU D 245 17.61 -0.68 -19.36
C LEU D 245 16.20 -1.24 -19.40
N GLU D 246 15.92 -2.24 -18.57
CA GLU D 246 14.59 -2.83 -18.51
C GLU D 246 14.47 -3.71 -17.27
N HIS D 247 13.33 -3.60 -16.59
CA HIS D 247 12.98 -4.50 -15.50
C HIS D 247 11.50 -4.80 -15.61
N ASP D 248 11.12 -6.06 -15.39
CA ASP D 248 9.71 -6.44 -15.46
C ASP D 248 9.20 -6.86 -14.10
N PRO D 249 8.21 -6.16 -13.53
CA PRO D 249 7.54 -6.66 -12.33
C PRO D 249 6.43 -7.63 -12.71
N PHE D 250 5.62 -8.08 -11.76
CA PHE D 250 4.60 -9.08 -12.07
C PHE D 250 3.25 -8.44 -12.34
N PHE D 251 2.72 -7.65 -11.41
CA PHE D 251 1.47 -6.94 -11.67
C PHE D 251 1.28 -5.81 -10.65
N CYS D 252 0.54 -4.79 -11.09
CA CYS D 252 -0.03 -3.76 -10.20
C CYS D 252 -1.20 -3.05 -10.88
N PRO D 253 -2.32 -3.72 -11.15
CA PRO D 253 -3.43 -3.04 -11.80
C PRO D 253 -4.29 -2.28 -10.80
N PRO D 254 -4.84 -1.14 -11.19
CA PRO D 254 -5.74 -0.37 -10.31
C PRO D 254 -7.19 -0.83 -10.37
N THR D 255 -8.07 -0.05 -9.76
CA THR D 255 -9.50 -0.31 -9.81
C THR D 255 -10.04 -0.04 -11.22
N GLU D 256 -10.06 -1.09 -12.04
CA GLU D 256 -10.64 -0.99 -13.37
C GLU D 256 -12.17 -1.03 -13.31
N ALA D 257 -12.79 -0.37 -14.27
CA ALA D 257 -14.25 -0.30 -14.40
C ALA D 257 -14.90 0.26 -13.14
N THR D 258 -14.64 1.55 -12.91
CA THR D 258 -14.97 2.21 -11.64
C THR D 258 -16.31 2.93 -11.81
N ALA D 259 -17.41 2.16 -11.63
CA ALA D 259 -18.76 2.70 -11.72
C ALA D 259 -19.74 1.69 -11.16
N ARG D 260 -20.64 2.15 -10.29
CA ARG D 260 -21.68 1.32 -9.68
C ARG D 260 -22.61 2.23 -8.89
N ASP D 261 -23.76 1.67 -8.48
CA ASP D 261 -24.80 2.42 -7.79
C ASP D 261 -25.57 1.49 -6.86
N PHE D 262 -26.04 2.05 -5.74
CA PHE D 262 -26.80 1.30 -4.73
C PHE D 262 -28.11 2.01 -4.40
N LEU D 263 -28.85 2.42 -5.43
CA LEU D 263 -30.15 3.06 -5.23
C LEU D 263 -31.30 2.26 -5.82
N ALA D 264 -31.17 1.78 -7.05
CA ALA D 264 -32.27 1.06 -7.70
C ALA D 264 -32.60 -0.23 -6.96
N ASP D 265 -31.56 -1.00 -6.60
CA ASP D 265 -31.79 -2.19 -5.78
C ASP D 265 -32.33 -1.83 -4.40
N ALA D 266 -31.82 -0.74 -3.82
CA ALA D 266 -32.37 -0.25 -2.56
C ALA D 266 -33.83 0.17 -2.73
N LEU D 267 -34.15 0.80 -3.87
CA LEU D 267 -35.54 1.17 -4.13
C LEU D 267 -36.42 -0.06 -4.24
N VAL D 268 -35.94 -1.12 -4.87
CA VAL D 268 -36.73 -2.35 -4.99
C VAL D 268 -36.97 -2.97 -3.62
N THR D 269 -35.90 -3.12 -2.83
CA THR D 269 -36.01 -3.80 -1.54
C THR D 269 -36.62 -2.93 -0.45
N LEU D 270 -36.82 -1.64 -0.71
CA LEU D 270 -37.62 -0.80 0.18
C LEU D 270 -38.99 -0.45 -0.41
N LEU D 271 -39.25 -0.84 -1.65
CA LEU D 271 -40.55 -0.68 -2.27
C LEU D 271 -41.44 -1.91 -2.09
N VAL D 272 -40.82 -3.09 -2.00
CA VAL D 272 -41.58 -4.28 -1.59
C VAL D 272 -42.25 -4.07 -0.23
N PRO D 273 -41.59 -3.51 0.80
CA PRO D 273 -42.32 -3.15 2.02
C PRO D 273 -43.44 -2.14 1.80
N LEU D 274 -43.34 -1.28 0.78
CA LEU D 274 -44.46 -0.38 0.49
C LEU D 274 -45.69 -1.15 0.04
N LEU D 275 -45.51 -2.15 -0.84
CA LEU D 275 -46.61 -3.02 -1.22
C LEU D 275 -47.14 -3.78 -0.01
N VAL D 276 -46.24 -4.23 0.85
CA VAL D 276 -46.65 -4.96 2.06
C VAL D 276 -47.53 -4.08 2.94
N ALA D 277 -47.09 -2.83 3.16
CA ALA D 277 -47.86 -1.90 3.99
C ALA D 277 -49.19 -1.55 3.34
N LEU D 278 -49.22 -1.44 2.02
CA LEU D 278 -50.49 -1.21 1.31
C LEU D 278 -51.46 -2.35 1.55
N LEU D 279 -50.98 -3.60 1.47
CA LEU D 279 -51.84 -4.74 1.73
C LEU D 279 -52.31 -4.77 3.19
N LEU D 280 -51.42 -4.39 4.12
CA LEU D 280 -51.83 -4.35 5.53
C LEU D 280 -52.89 -3.27 5.77
N ALA D 281 -52.77 -2.13 5.10
CA ALA D 281 -53.80 -1.11 5.20
C ALA D 281 -55.11 -1.61 4.60
N LEU D 282 -55.04 -2.37 3.50
CA LEU D 282 -56.24 -2.97 2.93
C LEU D 282 -56.91 -3.92 3.91
N LEU D 283 -56.10 -4.67 4.67
CA LEU D 283 -56.65 -5.53 5.72
C LEU D 283 -57.32 -4.71 6.81
N LEU D 284 -56.61 -3.70 7.33
CA LEU D 284 -57.12 -2.90 8.44
C LEU D 284 -58.42 -2.18 8.06
N ALA D 285 -58.57 -1.83 6.78
CA ALA D 285 -59.77 -1.13 6.32
C ALA D 285 -61.03 -1.91 6.67
N TYR D 286 -61.09 -3.20 6.29
CA TYR D 286 -62.27 -3.97 6.63
C TYR D 286 -62.19 -4.57 8.04
N ILE D 287 -61.01 -4.59 8.66
CA ILE D 287 -60.95 -5.00 10.06
C ILE D 287 -61.71 -4.02 10.93
N MET D 288 -61.53 -2.71 10.70
CA MET D 288 -62.15 -1.71 11.56
C MET D 288 -63.42 -1.10 10.97
N CYS D 289 -63.60 -1.14 9.65
CA CYS D 289 -64.74 -0.47 9.04
C CYS D 289 -66.05 -1.20 9.33
N CYS D 290 -65.99 -2.52 9.49
CA CYS D 290 -67.21 -3.30 9.73
C CYS D 290 -67.87 -2.90 11.05
N ARG D 291 -67.09 -2.81 12.12
CA ARG D 291 -67.65 -2.43 13.44
C ARG D 291 -68.85 -3.34 13.72
N ARG D 292 -68.63 -4.66 13.72
CA ARG D 292 -69.69 -5.66 13.94
C ARG D 292 -70.86 -5.31 13.01
N GLU D 293 -72.09 -5.46 13.46
CA GLU D 293 -73.25 -5.12 12.62
C GLU D 293 -74.45 -4.91 13.53
N GLY D 294 -75.41 -4.14 13.03
CA GLY D 294 -76.61 -3.86 13.79
C GLY D 294 -77.65 -4.97 13.68
N ARG D 295 -78.58 -4.96 14.63
CA ARG D 295 -79.68 -5.92 14.65
C ARG D 295 -81.00 -5.21 14.79
N LEU D 296 -80.96 -3.97 15.30
CA LEU D 296 -82.19 -3.22 15.52
C LEU D 296 -82.84 -2.82 14.21
N LYS D 297 -82.03 -2.52 13.18
CA LYS D 297 -82.58 -2.21 11.87
C LYS D 297 -83.30 -3.41 11.27
N ARG D 298 -82.75 -4.61 11.48
CA ARG D 298 -83.43 -5.82 11.04
C ARG D 298 -84.73 -6.03 11.81
N ASP D 299 -84.76 -5.58 13.08
CA ASP D 299 -86.01 -5.53 13.82
C ASP D 299 -86.99 -4.54 13.18
N LEU D 300 -86.47 -3.39 12.72
CA LEU D 300 -87.34 -2.40 12.10
C LEU D 300 -88.02 -2.94 10.85
N ALA D 301 -87.27 -3.62 9.98
CA ALA D 301 -87.87 -4.26 8.82
C ALA D 301 -88.77 -5.41 9.23
N THR D 302 -88.44 -6.08 10.33
CA THR D 302 -89.29 -7.14 10.87
C THR D 302 -90.63 -6.59 11.32
N SER D 303 -91.71 -7.26 10.92
CA SER D 303 -93.03 -6.89 11.40
C SER D 303 -93.14 -7.18 12.89
N ASP D 304 -93.90 -6.33 13.59
CA ASP D 304 -94.09 -6.54 15.03
C ASP D 304 -94.83 -7.84 15.32
N ILE D 305 -95.65 -8.33 14.38
CA ILE D 305 -96.22 -9.67 14.53
C ILE D 305 -95.11 -10.71 14.46
N GLN D 306 -94.16 -10.55 13.53
CA GLN D 306 -93.01 -11.44 13.49
C GLN D 306 -92.14 -11.30 14.73
N MET D 307 -92.09 -10.10 15.32
CA MET D 307 -91.42 -9.93 16.61
C MET D 307 -92.19 -10.63 17.71
N VAL D 308 -93.51 -10.65 17.63
CA VAL D 308 -94.31 -11.44 18.56
C VAL D 308 -93.97 -12.92 18.43
N HIS D 309 -93.76 -13.39 17.20
CA HIS D 309 -93.28 -14.75 17.01
C HIS D 309 -91.91 -14.95 17.64
N HIS D 310 -91.02 -13.96 17.51
CA HIS D 310 -89.66 -14.08 18.02
C HIS D 310 -89.65 -14.37 19.52
N CYS D 311 -90.57 -13.76 20.27
CA CYS D 311 -90.72 -14.10 21.68
C CYS D 311 -91.15 -15.54 21.85
N THR D 312 -92.23 -15.93 21.16
CA THR D 312 -92.82 -17.25 21.38
C THR D 312 -91.88 -18.37 20.99
N ILE D 313 -91.19 -18.24 19.85
CA ILE D 313 -90.27 -19.28 19.42
C ILE D 313 -89.08 -19.35 20.38
N HIS D 314 -88.71 -18.21 20.96
CA HIS D 314 -87.69 -18.24 22.01
C HIS D 314 -88.25 -18.72 23.35
N GLU D 315 -89.54 -18.47 23.62
CA GLU D 315 -90.11 -18.86 24.91
C GLU D 315 -90.06 -20.38 25.09
N ASN D 316 -90.46 -21.13 24.07
CA ASN D 316 -90.38 -22.58 24.17
C ASN D 316 -88.94 -23.08 24.01
N THR D 317 -88.12 -22.33 23.27
CA THR D 317 -86.70 -22.68 23.18
C THR D 317 -86.00 -22.49 24.52
N GLU D 318 -86.32 -21.40 25.23
CA GLU D 318 -85.78 -21.24 26.58
C GLU D 318 -86.48 -22.12 27.60
N GLU D 319 -87.62 -22.71 27.23
CA GLU D 319 -88.33 -23.66 28.08
C GLU D 319 -87.82 -25.08 27.90
N LEU D 320 -86.84 -25.27 27.00
CA LEU D 320 -86.20 -26.57 26.81
C LEU D 320 -85.65 -27.11 28.12
N ARG D 321 -85.06 -26.25 28.95
CA ARG D 321 -84.62 -26.69 30.27
C ARG D 321 -85.80 -27.09 31.14
N GLN D 322 -86.87 -26.31 31.13
CA GLN D 322 -88.07 -26.70 31.87
C GLN D 322 -88.79 -27.87 31.21
N MET D 323 -88.48 -28.19 29.96
CA MET D 323 -88.93 -29.47 29.41
C MET D 323 -88.30 -30.63 30.17
N ALA D 324 -87.00 -30.53 30.47
CA ALA D 324 -86.32 -31.57 31.24
C ALA D 324 -86.83 -31.61 32.67
N ALA D 325 -87.08 -30.44 33.27
CA ALA D 325 -87.57 -30.40 34.64
C ALA D 325 -88.97 -31.00 34.74
N SER D 326 -89.82 -30.73 33.75
CA SER D 326 -91.18 -31.26 33.74
C SER D 326 -91.19 -32.68 33.23
N LEU E 57 -60.07 -23.56 31.52
CA LEU E 57 -61.14 -22.67 31.08
C LEU E 57 -60.75 -21.98 29.77
N ARG E 58 -61.77 -21.66 28.96
CA ARG E 58 -61.51 -20.93 27.73
C ARG E 58 -60.92 -19.56 28.01
N GLY E 59 -61.42 -18.89 29.05
CA GLY E 59 -60.86 -17.60 29.44
C GLY E 59 -59.41 -17.70 29.86
N ARG E 60 -59.08 -18.72 30.66
CA ARG E 60 -57.70 -18.88 31.11
C ARG E 60 -56.77 -19.25 29.95
N LYS E 61 -57.23 -20.13 29.05
CA LYS E 61 -56.43 -20.45 27.88
C LYS E 61 -56.21 -19.22 27.02
N GLY E 62 -57.24 -18.39 26.88
CA GLY E 62 -57.08 -17.13 26.17
C GLY E 62 -56.09 -16.21 26.85
N ASN E 63 -56.11 -16.15 28.18
CA ASN E 63 -55.17 -15.29 28.91
C ASN E 63 -53.72 -15.76 28.73
N LEU E 64 -53.49 -17.07 28.79
CA LEU E 64 -52.15 -17.57 28.52
C LEU E 64 -51.74 -17.31 27.07
N ALA E 65 -52.70 -17.39 26.14
CA ALA E 65 -52.40 -17.03 24.76
C ALA E 65 -52.03 -15.55 24.63
N ILE E 66 -52.70 -14.69 25.41
CA ILE E 66 -52.36 -13.27 25.43
C ILE E 66 -50.95 -13.08 25.97
N CYS E 67 -50.58 -13.84 27.01
CA CYS E 67 -49.22 -13.77 27.52
C CYS E 67 -48.21 -14.19 26.46
N VAL E 68 -48.54 -15.23 25.69
CA VAL E 68 -47.69 -15.65 24.57
C VAL E 68 -47.56 -14.52 23.56
N ILE E 69 -48.67 -13.87 23.23
CA ILE E 69 -48.66 -12.76 22.28
C ILE E 69 -47.78 -11.63 22.78
N VAL E 70 -47.89 -11.30 24.05
CA VAL E 70 -47.11 -10.20 24.64
C VAL E 70 -45.62 -10.53 24.62
N LEU E 71 -45.25 -11.77 24.97
CA LEU E 71 -43.83 -12.12 24.96
C LEU E 71 -43.28 -12.12 23.53
N LEU E 72 -44.06 -12.59 22.56
CA LEU E 72 -43.62 -12.50 21.17
C LEU E 72 -43.46 -11.05 20.74
N PHE E 73 -44.38 -10.19 21.16
CA PHE E 73 -44.31 -8.78 20.81
C PHE E 73 -43.05 -8.13 21.35
N LEU E 74 -42.73 -8.37 22.62
CA LEU E 74 -41.53 -7.78 23.19
C LEU E 74 -40.26 -8.38 22.59
N LEU E 75 -40.28 -9.68 22.26
CA LEU E 75 -39.14 -10.28 21.56
C LEU E 75 -38.91 -9.59 20.23
N ALA E 76 -39.98 -9.34 19.47
CA ALA E 76 -39.83 -8.64 18.20
C ALA E 76 -39.35 -7.21 18.39
N VAL E 77 -39.80 -6.54 19.46
CA VAL E 77 -39.34 -5.18 19.72
C VAL E 77 -37.84 -5.15 19.98
N ILE E 78 -37.35 -6.07 20.82
CA ILE E 78 -35.91 -6.05 21.10
C ILE E 78 -35.11 -6.51 19.88
N ASN E 79 -35.68 -7.37 19.03
CA ASN E 79 -35.03 -7.70 17.76
C ASN E 79 -34.89 -6.45 16.89
N LEU E 80 -35.95 -5.67 16.77
CA LEU E 80 -35.87 -4.42 16.01
C LEU E 80 -34.87 -3.45 16.64
N ILE E 81 -34.80 -3.42 17.97
CA ILE E 81 -33.87 -2.52 18.65
C ILE E 81 -32.42 -2.88 18.32
N ILE E 82 -32.08 -4.17 18.44
CA ILE E 82 -30.70 -4.55 18.16
C ILE E 82 -30.39 -4.41 16.68
N THR E 83 -31.39 -4.56 15.81
CA THR E 83 -31.16 -4.33 14.39
C THR E 83 -30.89 -2.86 14.10
N LEU E 84 -31.59 -1.95 14.79
CA LEU E 84 -31.27 -0.53 14.66
C LEU E 84 -29.86 -0.23 15.17
N VAL E 85 -29.47 -0.87 16.27
CA VAL E 85 -28.11 -0.66 16.79
C VAL E 85 -27.07 -1.11 15.78
N ILE E 86 -27.30 -2.26 15.15
CA ILE E 86 -26.41 -2.74 14.09
C ILE E 86 -26.38 -1.75 12.93
N TRP E 87 -27.54 -1.22 12.56
CA TRP E 87 -27.62 -0.25 11.47
C TRP E 87 -26.81 1.00 11.80
N ALA E 88 -26.87 1.45 13.05
CA ALA E 88 -26.38 2.78 13.41
C ALA E 88 -24.90 2.77 13.78
N VAL E 89 -24.40 1.72 14.42
CA VAL E 89 -23.00 1.71 14.85
C VAL E 89 -22.08 1.68 13.63
N ILE E 90 -22.37 0.83 12.65
CA ILE E 90 -21.64 0.86 11.38
C ILE E 90 -22.06 2.07 10.54
N ARG E 91 -23.08 2.80 10.96
CA ARG E 91 -23.52 4.05 10.33
C ARG E 91 -23.98 3.80 8.90
N ILE E 92 -24.97 2.92 8.76
CA ILE E 92 -25.47 2.50 7.46
C ILE E 92 -26.55 3.46 7.01
N GLY E 93 -26.48 3.87 5.74
CA GLY E 93 -27.50 4.71 5.14
C GLY E 93 -28.24 3.96 4.06
N PRO E 94 -29.08 4.67 3.30
CA PRO E 94 -29.78 4.02 2.18
C PRO E 94 -28.83 3.43 1.14
N ASN E 95 -27.72 4.11 0.87
CA ASN E 95 -26.69 3.52 0.02
C ASN E 95 -25.95 2.41 0.76
N GLY E 96 -25.62 2.64 2.01
CA GLY E 96 -24.86 1.70 2.79
C GLY E 96 -24.07 2.43 3.87
N CYS E 97 -23.25 1.66 4.58
CA CYS E 97 -22.43 2.24 5.62
C CYS E 97 -21.38 3.16 5.03
N ASP E 98 -21.02 4.20 5.77
CA ASP E 98 -20.03 5.17 5.31
C ASP E 98 -18.62 4.74 5.69
N SER E 99 -18.32 3.46 5.44
CA SER E 99 -17.00 2.89 5.66
C SER E 99 -16.41 2.28 4.41
N MET E 100 -17.17 1.42 3.72
CA MET E 100 -16.61 0.63 2.63
C MET E 100 -17.75 0.01 1.82
N GLU E 101 -17.36 -0.68 0.76
CA GLU E 101 -18.26 -1.48 -0.05
C GLU E 101 -17.47 -2.65 -0.62
N PHE E 102 -18.17 -3.72 -0.97
CA PHE E 102 -17.54 -4.91 -1.53
C PHE E 102 -17.86 -4.93 -3.02
N HIS E 103 -16.90 -4.55 -3.85
CA HIS E 103 -17.10 -4.63 -5.28
C HIS E 103 -17.23 -6.09 -5.70
N GLU E 104 -18.08 -6.33 -6.70
CA GLU E 104 -18.53 -7.68 -6.99
C GLU E 104 -17.41 -8.58 -7.50
N SER E 105 -16.34 -7.99 -8.05
CA SER E 105 -15.20 -8.79 -8.47
C SER E 105 -14.34 -9.23 -7.29
N GLY E 106 -14.64 -8.77 -6.08
CA GLY E 106 -13.84 -9.07 -4.91
C GLY E 106 -12.98 -7.93 -4.44
N LEU E 107 -12.95 -6.82 -5.16
CA LEU E 107 -12.09 -5.68 -4.84
C LEU E 107 -12.67 -4.93 -3.64
N LEU E 108 -12.07 -5.13 -2.47
CA LEU E 108 -12.47 -4.39 -1.29
C LEU E 108 -12.02 -2.94 -1.38
N ARG E 109 -12.89 -2.07 -1.86
CA ARG E 109 -12.65 -0.64 -1.83
C ARG E 109 -13.01 -0.09 -0.45
N PHE E 110 -12.50 1.10 -0.16
CA PHE E 110 -12.86 1.84 1.03
C PHE E 110 -13.40 3.20 0.60
N LYS E 111 -13.81 4.01 1.57
CA LYS E 111 -14.50 5.26 1.25
C LYS E 111 -13.91 6.50 1.90
N GLN E 112 -12.99 6.36 2.84
CA GLN E 112 -12.46 7.51 3.56
C GLN E 112 -11.12 7.13 4.17
N VAL E 113 -10.59 8.01 5.03
CA VAL E 113 -9.26 7.81 5.59
C VAL E 113 -9.22 6.52 6.43
N SER E 114 -8.01 5.98 6.58
CA SER E 114 -7.80 4.73 7.28
C SER E 114 -6.61 4.87 8.21
N ASP E 115 -6.74 4.34 9.42
CA ASP E 115 -5.65 4.31 10.40
C ASP E 115 -5.35 2.84 10.67
N MET E 116 -4.43 2.28 9.88
CA MET E 116 -4.17 0.84 9.90
C MET E 116 -3.21 0.41 11.00
N GLY E 117 -2.66 1.34 11.77
CA GLY E 117 -1.73 0.95 12.82
C GLY E 117 -0.53 0.21 12.25
N VAL E 118 -0.18 -0.91 12.86
CA VAL E 118 0.86 -1.78 12.32
C VAL E 118 0.28 -2.56 11.16
N ILE E 119 1.14 -2.94 10.21
CA ILE E 119 0.76 -3.77 9.07
C ILE E 119 1.83 -4.83 8.90
N HIS E 120 1.42 -6.09 8.78
CA HIS E 120 2.33 -7.21 8.55
C HIS E 120 1.89 -7.97 7.31
N PRO E 121 2.30 -7.51 6.13
CA PRO E 121 2.02 -8.30 4.92
C PRO E 121 2.71 -9.66 4.99
N LEU E 122 1.93 -10.72 4.78
CA LEU E 122 2.48 -12.08 4.78
C LEU E 122 2.77 -12.60 3.38
N TYR E 123 1.75 -12.75 2.54
CA TYR E 123 1.89 -13.53 1.32
C TYR E 123 1.42 -12.70 0.14
N LYS E 124 2.31 -12.50 -0.81
CA LYS E 124 2.01 -11.84 -2.08
C LYS E 124 1.32 -10.50 -1.84
N SER E 125 2.05 -9.59 -1.21
CA SER E 125 1.51 -8.28 -0.83
C SER E 125 2.49 -7.20 -1.27
N THR E 126 2.27 -6.66 -2.46
CA THR E 126 3.11 -5.64 -3.07
C THR E 126 2.38 -4.31 -2.99
N VAL E 127 2.83 -3.44 -2.08
CA VAL E 127 2.18 -2.15 -1.87
C VAL E 127 2.42 -1.28 -3.10
N GLY E 128 1.39 -1.12 -3.92
CA GLY E 128 1.52 -0.36 -5.15
C GLY E 128 0.73 0.93 -5.17
N GLY E 129 0.06 1.19 -6.29
CA GLY E 129 -0.74 2.39 -6.45
C GLY E 129 -1.50 2.33 -7.74
N ARG E 130 -2.39 3.31 -7.93
CA ARG E 130 -3.27 3.29 -9.08
C ARG E 130 -2.51 3.66 -10.35
N ARG E 131 -3.11 3.32 -11.50
CA ARG E 131 -2.49 3.61 -12.79
C ARG E 131 -2.40 5.11 -13.02
N ASN E 132 -1.29 5.53 -13.63
CA ASN E 132 -1.05 6.94 -13.97
C ASN E 132 -1.18 7.81 -12.72
N GLU E 133 -0.68 7.30 -11.61
CA GLU E 133 -0.75 7.97 -10.33
C GLU E 133 0.58 7.83 -9.61
N ASN E 134 0.80 8.72 -8.65
CA ASN E 134 2.06 8.81 -7.93
C ASN E 134 1.83 8.41 -6.47
N LEU E 135 2.60 7.42 -6.01
CA LEU E 135 2.65 7.18 -4.58
C LEU E 135 3.26 8.40 -3.92
N VAL E 136 2.59 8.91 -2.90
CA VAL E 136 3.06 10.09 -2.19
C VAL E 136 3.22 9.66 -0.73
N ILE E 137 4.41 9.16 -0.40
CA ILE E 137 4.67 8.59 0.91
C ILE E 137 5.20 9.73 1.79
N THR E 138 4.28 10.48 2.36
CA THR E 138 4.68 11.62 3.16
C THR E 138 4.55 11.40 4.64
N GLY E 139 5.50 11.92 5.41
CA GLY E 139 5.41 11.84 6.85
C GLY E 139 5.03 13.20 7.37
N ASN E 140 3.82 13.33 7.90
CA ASN E 140 3.34 14.63 8.34
C ASN E 140 4.10 15.04 9.58
N ASN E 141 5.18 15.80 9.39
CA ASN E 141 6.08 16.26 10.44
C ASN E 141 6.73 15.09 11.19
N GLN E 142 7.01 13.99 10.50
CA GLN E 142 7.65 12.82 11.07
C GLN E 142 8.65 12.24 10.08
N PRO E 143 9.74 11.65 10.56
CA PRO E 143 10.72 11.06 9.66
C PRO E 143 10.21 9.78 9.02
N ILE E 144 10.97 9.32 8.03
CA ILE E 144 10.72 8.07 7.32
C ILE E 144 12.04 7.32 7.26
N VAL E 145 12.07 6.11 7.81
CA VAL E 145 13.31 5.36 7.93
C VAL E 145 13.14 4.00 7.28
N PHE E 146 13.85 3.78 6.18
CA PHE E 146 13.93 2.44 5.59
C PHE E 146 15.08 1.72 6.29
N GLN E 147 14.74 0.76 7.15
CA GLN E 147 15.72 0.10 8.00
C GLN E 147 15.86 -1.36 7.57
N GLN E 148 17.09 -1.87 7.68
CA GLN E 148 17.34 -3.30 7.51
C GLN E 148 18.60 -3.61 8.30
N GLY E 149 18.43 -4.20 9.49
CA GLY E 149 19.55 -4.50 10.35
C GLY E 149 20.26 -3.24 10.80
N THR E 150 21.46 -3.00 10.27
CA THR E 150 22.19 -1.77 10.50
C THR E 150 21.87 -0.71 9.45
N THR E 151 21.65 -1.14 8.21
CA THR E 151 21.47 -0.20 7.10
C THR E 151 20.24 0.67 7.30
N LYS E 152 20.41 1.96 7.11
CA LYS E 152 19.34 2.92 7.33
C LYS E 152 19.29 3.91 6.17
N LEU E 153 18.08 4.25 5.74
CA LEU E 153 17.82 5.32 4.79
C LEU E 153 16.83 6.25 5.47
N SER E 154 17.34 7.28 6.14
CA SER E 154 16.49 8.15 6.94
C SER E 154 16.26 9.46 6.18
N VAL E 155 15.01 9.81 5.98
CA VAL E 155 14.63 11.02 5.27
C VAL E 155 13.90 11.89 6.27
N GLU E 156 14.64 12.74 6.96
CA GLU E 156 14.04 13.63 7.94
C GLU E 156 13.76 14.98 7.28
N LYS E 157 13.24 15.92 8.07
CA LYS E 157 12.69 17.16 7.50
C LYS E 157 13.79 18.03 6.89
N ASN E 158 15.04 17.82 7.28
CA ASN E 158 16.15 18.68 6.88
C ASN E 158 17.48 17.92 6.79
N LYS E 159 17.41 16.64 6.46
CA LYS E 159 18.60 15.80 6.28
C LYS E 159 18.17 14.52 5.59
N THR E 160 18.74 14.24 4.42
CA THR E 160 18.44 13.01 3.68
C THR E 160 19.54 11.99 3.98
N SER E 161 19.64 11.63 5.25
CA SER E 161 20.80 10.87 5.68
C SER E 161 20.69 9.41 5.26
N ILE E 162 21.86 8.79 5.14
CA ILE E 162 21.97 7.38 4.81
C ILE E 162 23.02 6.81 5.76
N THR E 163 23.02 5.49 5.94
CA THR E 163 23.98 4.88 6.85
C THR E 163 24.11 3.41 6.53
N SER E 164 25.35 2.94 6.43
CA SER E 164 25.64 1.53 6.23
C SER E 164 27.12 1.30 6.50
N ASP E 165 27.53 0.04 6.40
CA ASP E 165 28.94 -0.28 6.57
C ASP E 165 29.75 0.12 5.36
N ILE E 166 29.21 -0.07 4.15
CA ILE E 166 29.94 0.22 2.92
C ILE E 166 29.60 1.62 2.44
N GLY E 167 28.33 1.87 2.15
CA GLY E 167 27.91 3.22 1.83
C GLY E 167 27.01 3.39 0.62
N MET E 168 27.04 4.59 0.04
CA MET E 168 26.24 4.93 -1.12
C MET E 168 26.76 4.23 -2.37
N GLN E 169 25.88 4.04 -3.33
CA GLN E 169 26.26 3.51 -4.63
C GLN E 169 25.30 4.05 -5.68
N PHE E 170 25.76 4.07 -6.93
CA PHE E 170 24.91 4.32 -8.08
C PHE E 170 25.61 3.94 -9.37
N PHE E 171 24.91 3.20 -10.22
CA PHE E 171 25.39 2.83 -11.55
C PHE E 171 24.23 2.91 -12.52
N ASP E 172 24.48 3.51 -13.67
CA ASP E 172 23.49 3.56 -14.72
C ASP E 172 23.29 2.16 -15.29
N PRO E 173 22.06 1.62 -15.28
CA PRO E 173 21.86 0.26 -15.80
C PRO E 173 22.12 0.14 -17.29
N ARG E 174 22.15 1.24 -18.04
CA ARG E 174 22.44 1.18 -19.46
C ARG E 174 23.93 1.09 -19.75
N THR E 175 24.77 1.07 -18.72
CA THR E 175 26.19 0.81 -18.90
C THR E 175 26.74 -0.23 -17.94
N GLN E 176 26.05 -0.52 -16.84
CA GLN E 176 26.54 -1.42 -15.77
C GLN E 176 27.93 -1.01 -15.30
N ASN E 177 28.19 0.30 -15.29
CA ASN E 177 29.43 0.87 -14.76
C ASN E 177 29.06 1.72 -13.55
N ILE E 178 29.79 1.55 -12.46
CA ILE E 178 29.46 2.26 -11.23
C ILE E 178 29.85 3.71 -11.43
N LEU E 179 28.87 4.54 -11.79
CA LEU E 179 29.16 5.95 -12.04
C LEU E 179 29.53 6.69 -10.76
N PHE E 180 29.13 6.17 -9.60
CA PHE E 180 29.53 6.82 -8.36
C PHE E 180 29.43 5.81 -7.23
N SER E 181 30.43 5.81 -6.35
CA SER E 181 30.46 4.90 -5.21
C SER E 181 31.15 5.61 -4.06
N THR E 182 31.04 5.01 -2.86
CA THR E 182 31.68 5.56 -1.67
C THR E 182 32.43 4.49 -0.88
N ASP E 183 32.84 3.40 -1.53
CA ASP E 183 33.85 2.49 -0.98
C ASP E 183 35.19 2.79 -1.64
N TYR E 184 35.85 3.83 -1.10
CA TYR E 184 36.95 4.50 -1.79
C TYR E 184 38.12 3.57 -2.08
N GLU E 185 38.33 2.56 -1.23
CA GLU E 185 39.45 1.64 -1.44
C GLU E 185 39.31 0.89 -2.75
N THR E 186 38.07 0.62 -3.18
CA THR E 186 37.86 -0.13 -4.41
C THR E 186 37.98 0.76 -5.64
N HIS E 187 37.11 1.76 -5.75
CA HIS E 187 37.05 2.63 -6.91
C HIS E 187 37.77 3.94 -6.62
N GLU E 188 38.65 4.35 -7.55
CA GLU E 188 39.45 5.54 -7.39
C GLU E 188 38.61 6.77 -7.68
N PHE E 189 38.76 7.80 -6.84
CA PHE E 189 38.04 9.04 -7.06
C PHE E 189 38.70 9.87 -8.15
N HIS E 190 37.88 10.58 -8.91
CA HIS E 190 38.34 11.45 -9.99
C HIS E 190 37.84 12.86 -9.75
N LEU E 191 38.54 13.82 -10.33
CA LEU E 191 38.15 15.21 -10.15
C LEU E 191 36.90 15.52 -10.97
N PRO E 192 35.85 16.05 -10.37
CA PRO E 192 34.65 16.42 -11.13
C PRO E 192 34.89 17.70 -11.92
N SER E 193 33.97 17.96 -12.86
CA SER E 193 34.08 19.11 -13.73
C SER E 193 33.25 20.28 -13.20
N GLY E 194 33.74 21.49 -13.45
CA GLY E 194 33.05 22.68 -12.99
C GLY E 194 33.38 23.09 -11.57
N VAL E 195 34.55 22.72 -11.06
CA VAL E 195 34.91 22.97 -9.67
C VAL E 195 35.53 24.36 -9.55
N LYS E 196 35.02 25.15 -8.60
CA LYS E 196 35.56 26.48 -8.36
C LYS E 196 36.82 26.44 -7.51
N SER E 197 36.72 25.86 -6.31
CA SER E 197 37.84 25.73 -5.40
C SER E 197 37.89 24.32 -4.86
N LEU E 198 39.06 23.90 -4.40
CA LEU E 198 39.17 22.65 -3.67
C LEU E 198 40.19 22.80 -2.55
N ASN E 199 39.81 22.32 -1.38
CA ASN E 199 40.57 22.50 -0.14
C ASN E 199 41.06 21.11 0.28
N VAL E 200 42.23 20.74 -0.23
CA VAL E 200 42.83 19.44 0.04
C VAL E 200 43.95 19.62 1.05
N GLN E 201 44.02 18.72 2.03
CA GLN E 201 44.94 18.87 3.14
C GLN E 201 46.38 18.55 2.80
N LYS E 202 46.67 18.06 1.60
CA LYS E 202 48.05 17.81 1.18
C LYS E 202 48.12 17.77 -0.34
N ALA E 203 49.01 18.54 -0.93
CA ALA E 203 49.09 18.69 -2.37
C ALA E 203 50.51 18.41 -2.86
N SER E 204 50.62 17.66 -3.94
CA SER E 204 51.88 17.40 -4.63
C SER E 204 51.80 18.11 -5.98
N THR E 205 52.25 19.35 -6.02
CA THR E 205 52.11 20.21 -7.19
C THR E 205 53.47 20.43 -7.84
N GLU E 206 53.55 20.12 -9.13
CA GLU E 206 54.78 20.37 -9.87
C GLU E 206 55.00 21.86 -10.10
N ARG E 207 53.93 22.60 -10.35
CA ARG E 207 54.04 24.02 -10.71
C ARG E 207 52.72 24.72 -10.46
N ILE E 208 52.78 25.91 -9.88
CA ILE E 208 51.62 26.78 -9.70
C ILE E 208 51.83 28.00 -10.59
N THR E 209 50.85 28.30 -11.45
CA THR E 209 50.94 29.44 -12.35
C THR E 209 49.58 30.09 -12.48
N SER E 210 49.60 31.38 -12.81
CA SER E 210 48.38 32.12 -13.09
C SER E 210 48.09 32.08 -14.58
N ASN E 211 47.02 32.73 -14.98
CA ASN E 211 46.75 32.96 -16.38
C ASN E 211 47.31 34.32 -16.78
N ALA E 212 47.14 34.67 -18.06
CA ALA E 212 47.86 35.81 -18.62
C ALA E 212 47.26 37.16 -18.23
N THR E 213 46.37 37.22 -17.25
CA THR E 213 45.71 38.47 -16.93
C THR E 213 46.03 38.98 -15.53
N SER E 214 45.82 38.17 -14.51
CA SER E 214 45.91 38.62 -13.12
C SER E 214 47.10 37.96 -12.41
N ASP E 215 47.26 38.34 -11.15
CA ASP E 215 48.43 38.00 -10.36
C ASP E 215 48.16 36.85 -9.42
N LEU E 216 49.08 35.88 -9.38
CA LEU E 216 49.08 34.91 -8.29
C LEU E 216 49.24 35.63 -6.96
N ASN E 217 48.52 35.12 -5.95
CA ASN E 217 48.59 35.66 -4.60
C ASN E 217 48.72 34.49 -3.64
N ILE E 218 49.95 34.23 -3.20
CA ILE E 218 50.20 33.23 -2.16
C ILE E 218 49.96 33.96 -0.84
N LYS E 219 48.69 34.03 -0.46
CA LYS E 219 48.25 34.75 0.72
C LYS E 219 47.85 33.73 1.77
N VAL E 220 48.20 34.00 3.01
CA VAL E 220 47.91 33.05 4.08
C VAL E 220 47.86 33.79 5.41
N ASP E 221 46.84 33.48 6.21
CA ASP E 221 46.78 34.04 7.56
C ASP E 221 47.87 33.44 8.44
N GLY E 222 48.24 32.19 8.17
CA GLY E 222 49.34 31.55 8.85
C GLY E 222 50.68 31.95 8.26
N ARG E 223 51.72 31.28 8.74
CA ARG E 223 53.09 31.58 8.34
C ARG E 223 53.49 30.79 7.10
N ALA E 224 54.35 31.38 6.28
CA ALA E 224 54.77 30.79 5.02
C ALA E 224 56.20 30.29 5.16
N ILE E 225 56.38 28.98 5.07
CA ILE E 225 57.70 28.38 5.21
C ILE E 225 58.09 27.71 3.90
N VAL E 226 58.79 28.45 3.04
CA VAL E 226 59.27 27.92 1.77
C VAL E 226 60.72 27.51 1.93
N ARG E 227 61.01 26.25 1.62
CA ARG E 227 62.32 25.68 1.89
C ARG E 227 62.85 25.04 0.61
N GLY E 228 64.03 25.48 0.19
CA GLY E 228 64.64 24.96 -1.02
C GLY E 228 65.79 24.03 -0.72
N ASN E 229 65.60 22.75 -0.97
CA ASN E 229 66.57 21.75 -0.52
C ASN E 229 67.85 21.84 -1.34
N GLU E 230 67.74 22.13 -2.63
CA GLU E 230 68.91 22.43 -3.44
C GLU E 230 69.10 23.93 -3.68
N GLY E 231 68.26 24.77 -3.10
CA GLY E 231 68.42 26.21 -3.24
C GLY E 231 67.24 26.90 -3.89
N VAL E 232 67.10 28.21 -3.66
CA VAL E 232 66.02 29.01 -4.20
C VAL E 232 66.60 30.07 -5.11
N PHE E 233 65.86 30.41 -6.17
CA PHE E 233 66.27 31.42 -7.14
C PHE E 233 65.11 32.36 -7.37
N ILE E 234 65.26 33.61 -6.94
CA ILE E 234 64.23 34.63 -7.14
C ILE E 234 64.61 35.46 -8.36
N MET E 235 63.78 35.41 -9.39
CA MET E 235 63.97 36.17 -10.62
C MET E 235 62.80 37.11 -10.79
N GLY E 236 63.09 38.40 -10.97
CA GLY E 236 62.03 39.38 -11.11
C GLY E 236 62.59 40.73 -11.48
N LYS E 237 61.67 41.65 -11.80
CA LYS E 237 62.07 43.01 -12.17
C LYS E 237 62.22 43.88 -10.93
N THR E 238 61.14 44.04 -10.17
CA THR E 238 61.16 44.78 -8.91
C THR E 238 60.88 43.78 -7.79
N ILE E 239 61.89 43.50 -6.98
CA ILE E 239 61.81 42.46 -5.96
C ILE E 239 61.87 43.13 -4.59
N GLU E 240 60.80 42.98 -3.82
CA GLU E 240 60.62 43.70 -2.57
C GLU E 240 60.62 42.73 -1.40
N PHE E 241 61.00 43.25 -0.23
CA PHE E 241 60.94 42.52 1.04
C PHE E 241 60.41 43.50 2.09
N HIS E 242 59.09 43.49 2.29
CA HIS E 242 58.44 44.35 3.28
C HIS E 242 58.11 43.51 4.51
N MET E 243 59.04 43.47 5.46
CA MET E 243 58.82 42.80 6.73
C MET E 243 58.50 43.83 7.80
N GLY E 244 57.69 43.41 8.78
CA GLY E 244 57.36 44.27 9.89
C GLY E 244 58.51 44.42 10.86
N GLY E 245 59.01 43.29 11.36
CA GLY E 245 60.12 43.31 12.29
C GLY E 245 61.47 43.19 11.61
N ASN E 246 62.39 42.45 12.22
CA ASN E 246 63.73 42.33 11.68
C ASN E 246 63.75 41.47 10.42
N MET E 247 64.76 41.70 9.60
CA MET E 247 65.04 40.85 8.44
C MET E 247 66.35 40.13 8.69
N GLU E 248 66.33 38.81 8.57
CA GLU E 248 67.48 37.98 8.93
C GLU E 248 68.00 37.28 7.68
N LEU E 249 69.27 37.51 7.38
CA LEU E 249 69.96 36.91 6.23
C LEU E 249 71.20 36.19 6.75
N LYS E 250 71.12 34.87 6.86
CA LYS E 250 72.18 34.06 7.44
C LYS E 250 72.76 33.13 6.38
N ALA E 251 74.09 33.09 6.31
CA ALA E 251 74.80 32.17 5.43
C ALA E 251 75.88 31.46 6.22
N GLU E 252 76.43 30.40 5.63
CA GLU E 252 77.52 29.66 6.25
C GLU E 252 78.88 30.07 5.70
N ASN E 253 79.04 30.11 4.37
CA ASN E 253 80.32 30.48 3.79
C ASN E 253 80.48 31.99 3.72
N SER E 254 79.62 32.67 2.95
CA SER E 254 79.75 34.11 2.77
C SER E 254 78.45 34.66 2.19
N ILE E 255 78.31 35.97 2.30
CA ILE E 255 77.23 36.71 1.64
C ILE E 255 77.83 37.41 0.44
N ILE E 256 77.02 37.59 -0.61
CA ILE E 256 77.44 38.29 -1.82
C ILE E 256 76.38 39.32 -2.17
N LEU E 257 76.77 40.59 -2.15
CA LEU E 257 75.89 41.69 -2.53
C LEU E 257 76.46 42.29 -3.81
N ASN E 258 76.07 41.71 -4.94
CA ASN E 258 76.59 42.09 -6.24
C ASN E 258 75.65 43.12 -6.87
N GLY E 259 76.15 44.32 -7.09
CA GLY E 259 75.35 45.36 -7.71
C GLY E 259 75.76 46.74 -7.20
N THR E 260 75.14 47.75 -7.80
CA THR E 260 75.37 49.14 -7.42
C THR E 260 74.42 49.45 -6.27
N VAL E 261 74.94 49.32 -5.05
CA VAL E 261 74.09 49.34 -3.86
C VAL E 261 73.74 50.78 -3.48
N MET E 262 72.50 50.98 -3.08
CA MET E 262 72.06 52.23 -2.47
C MET E 262 71.85 52.02 -0.97
N VAL E 263 71.40 53.10 -0.31
CA VAL E 263 71.09 53.04 1.12
C VAL E 263 70.15 54.19 1.43
N SER E 264 69.30 54.01 2.44
CA SER E 264 68.39 55.05 2.90
C SER E 264 69.12 55.94 3.90
N THR E 265 69.59 57.10 3.41
CA THR E 265 70.40 57.99 4.25
C THR E 265 69.60 58.56 5.42
N THR E 266 68.37 58.99 5.16
CA THR E 266 67.53 59.54 6.22
C THR E 266 67.22 58.49 7.28
N ARG E 267 67.00 57.25 6.83
CA ARG E 267 66.55 56.18 7.72
C ARG E 267 67.70 55.71 8.61
N LEU E 268 68.89 55.60 8.05
CA LEU E 268 70.08 55.25 8.84
C LEU E 268 70.55 56.46 9.63
N PRO E 269 70.84 56.31 10.92
CA PRO E 269 71.34 57.44 11.71
C PRO E 269 72.73 57.87 11.28
N SER E 270 73.01 59.17 11.42
CA SER E 270 74.31 59.75 11.13
C SER E 270 74.83 60.46 12.36
N SER E 271 76.13 60.32 12.61
CA SER E 271 76.74 60.90 13.80
C SER E 271 77.12 62.35 13.52
N SER E 272 76.43 63.28 14.17
CA SER E 272 76.73 64.69 14.02
C SER E 272 77.99 65.07 14.80
N SER E 273 78.63 66.15 14.37
CA SER E 273 79.86 66.63 14.97
C SER E 273 79.62 67.70 16.02
N ALA E 274 78.38 67.87 16.47
CA ALA E 274 78.10 68.87 17.51
C ALA E 274 78.79 68.52 18.82
N ASP E 275 78.79 67.23 19.18
CA ASP E 275 79.50 66.79 20.38
C ASP E 275 81.00 66.78 20.14
N GLN E 276 81.75 67.26 21.14
CA GLN E 276 83.20 67.40 21.03
C GLN E 276 83.85 66.09 21.50
N LEU E 277 83.90 65.13 20.57
CA LEU E 277 84.57 63.84 20.79
C LEU E 277 84.02 63.12 22.03
N GLY E 278 82.69 62.98 22.08
CA GLY E 278 82.09 62.21 23.15
C GLY E 278 82.54 60.76 23.14
N GLY E 279 82.75 60.21 21.95
CA GLY E 279 83.34 58.89 21.81
C GLY E 279 84.83 58.99 21.51
N GLY E 280 85.51 59.91 22.17
CA GLY E 280 86.95 60.07 21.93
C GLY E 280 87.72 58.85 22.38
N ASP E 281 88.79 58.54 21.63
CA ASP E 281 89.64 57.36 21.79
C ASP E 281 88.87 56.10 22.11
N TRP E 282 87.72 55.91 21.45
CA TRP E 282 86.84 54.80 21.72
C TRP E 282 87.06 53.70 20.69
N VAL E 283 86.79 52.46 21.10
CA VAL E 283 87.01 51.31 20.24
C VAL E 283 85.87 51.23 19.24
N ARG E 284 86.08 51.78 18.05
CA ARG E 284 85.12 51.73 16.96
C ARG E 284 85.84 51.30 15.69
N TYR E 285 85.14 50.52 14.85
CA TYR E 285 85.75 49.92 13.69
C TYR E 285 85.27 50.59 12.41
N LYS E 286 86.15 50.63 11.42
CA LYS E 286 85.89 51.19 10.11
C LYS E 286 85.88 50.07 9.08
N LEU E 287 84.87 50.08 8.21
CA LEU E 287 84.76 49.07 7.17
C LEU E 287 85.72 49.40 6.02
N CYS E 288 86.41 48.36 5.53
CA CYS E 288 87.40 48.53 4.49
C CYS E 288 87.28 47.42 3.47
N MET E 289 87.74 47.75 2.26
CA MET E 289 87.50 46.98 1.04
C MET E 289 88.75 46.17 0.70
N CYS E 290 88.60 44.85 0.61
CA CYS E 290 89.71 44.02 0.16
C CYS E 290 89.82 44.07 -1.37
N ALA E 291 90.88 43.45 -1.89
CA ALA E 291 91.06 43.39 -3.33
C ALA E 291 90.12 42.38 -3.97
N ASP E 292 89.76 41.33 -3.24
CA ASP E 292 88.90 40.27 -3.76
C ASP E 292 87.44 40.45 -3.37
N GLY E 293 87.02 41.67 -3.07
CA GLY E 293 85.65 41.96 -2.77
C GLY E 293 85.27 41.83 -1.31
N THR E 294 86.10 41.17 -0.51
CA THR E 294 85.80 40.96 0.89
C THR E 294 85.82 42.29 1.65
N LEU E 295 85.07 42.36 2.74
CA LEU E 295 85.09 43.51 3.61
C LEU E 295 85.66 43.12 4.97
N PHE E 296 86.29 44.09 5.64
CA PHE E 296 86.88 43.81 6.95
C PHE E 296 86.92 45.08 7.78
N LYS E 297 86.80 44.92 9.09
CA LYS E 297 86.73 46.05 10.00
C LYS E 297 88.07 46.29 10.68
N VAL E 298 88.50 47.54 10.70
CA VAL E 298 89.76 47.95 11.30
C VAL E 298 89.45 48.89 12.46
N GLN E 299 89.98 48.56 13.65
CA GLN E 299 89.77 49.42 14.80
C GLN E 299 90.48 50.76 14.60
N VAL E 300 89.86 51.83 15.07
CA VAL E 300 90.37 53.18 14.91
C VAL E 300 90.98 53.64 16.22
N THR E 301 92.25 54.07 16.16
CA THR E 301 92.96 54.58 17.33
C THR E 301 93.04 56.10 17.34
N GLY E 302 93.43 56.71 16.23
CA GLY E 302 93.52 58.16 16.15
C GLY E 302 92.68 58.74 15.04
N GLN E 303 92.83 60.05 14.80
CA GLN E 303 92.05 60.73 13.77
C GLN E 303 92.51 60.40 12.36
N ASN E 304 93.68 59.76 12.20
CA ASN E 304 94.27 59.53 10.89
C ASN E 304 94.55 58.04 10.70
N VAL E 305 93.55 57.22 10.99
CA VAL E 305 93.62 55.78 10.77
C VAL E 305 92.94 55.47 9.44
N GLY E 306 93.69 54.93 8.50
CA GLY E 306 93.18 54.57 7.19
C GLY E 306 92.75 53.13 7.14
N CYS E 307 92.79 52.56 5.92
CA CYS E 307 92.42 51.17 5.70
C CYS E 307 93.61 50.31 5.34
N GLN E 308 94.83 50.83 5.44
CA GLN E 308 96.03 50.05 5.15
C GLN E 308 96.33 49.11 6.31
N VAL E 309 96.56 47.84 5.99
CA VAL E 309 96.85 46.82 6.99
C VAL E 309 98.10 46.06 6.59
N SER E 310 98.80 45.53 7.59
CA SER E 310 99.95 44.66 7.37
C SER E 310 99.57 43.18 7.52
N ASP E 311 98.96 42.83 8.65
CA ASP E 311 98.39 41.49 8.84
C ASP E 311 97.01 41.49 8.21
N ASN E 312 96.92 40.98 6.99
CA ASN E 312 95.69 41.08 6.21
C ASN E 312 94.68 40.05 6.68
N PRO E 313 93.50 40.45 7.16
CA PRO E 313 92.44 39.46 7.41
C PRO E 313 91.75 39.01 6.13
N CYS E 314 91.94 39.73 5.02
CA CYS E 314 91.44 39.30 3.73
C CYS E 314 92.17 38.07 3.22
N GLY E 315 93.27 37.68 3.85
CA GLY E 315 94.16 36.67 3.30
C GLY E 315 95.13 37.34 2.34
N ASN E 316 96.32 36.77 2.20
CA ASN E 316 97.28 37.30 1.24
C ASN E 316 96.71 37.19 -0.16
N THR E 317 96.84 38.26 -0.95
CA THR E 317 96.15 38.37 -2.23
C THR E 317 96.84 37.46 -3.23
N HIS E 318 96.55 36.17 -3.12
CA HIS E 318 97.15 35.17 -3.99
C HIS E 318 96.59 35.28 -5.40
N VAL F 21 -86.10 -9.23 24.36
CA VAL F 21 -85.86 -10.64 24.07
C VAL F 21 -84.65 -10.80 23.16
N TYR F 22 -83.74 -9.82 23.23
CA TYR F 22 -82.49 -9.85 22.50
C TYR F 22 -81.35 -9.96 23.49
N LYS F 23 -80.67 -11.11 23.50
CA LYS F 23 -79.54 -11.34 24.40
C LYS F 23 -78.47 -12.12 23.64
N VAL F 24 -77.46 -11.42 23.14
CA VAL F 24 -76.30 -12.03 22.51
C VAL F 24 -75.05 -11.38 23.06
N GLY F 25 -74.06 -12.21 23.40
CA GLY F 25 -72.79 -11.67 23.84
C GLY F 25 -71.59 -12.35 23.24
N ILE F 26 -70.80 -11.59 22.47
CA ILE F 26 -69.51 -12.04 21.97
C ILE F 26 -68.55 -10.86 22.08
N TYR F 27 -67.37 -11.09 22.64
CA TYR F 27 -66.38 -10.04 22.78
C TYR F 27 -65.91 -9.52 21.43
N GLY F 28 -66.30 -8.29 21.08
CA GLY F 28 -65.96 -7.75 19.78
C GLY F 28 -64.79 -6.79 19.79
N TRP F 29 -64.76 -5.87 20.75
CA TRP F 29 -63.65 -4.92 20.83
C TRP F 29 -62.34 -5.65 21.12
N ARG F 30 -62.41 -6.73 21.88
CA ARG F 30 -61.24 -7.56 22.10
C ARG F 30 -60.75 -8.16 20.78
N LYS F 31 -61.69 -8.55 19.91
CA LYS F 31 -61.32 -9.05 18.60
C LYS F 31 -60.66 -7.97 17.74
N ARG F 32 -61.23 -6.75 17.72
CA ARG F 32 -60.58 -5.68 16.96
C ARG F 32 -59.19 -5.36 17.50
N CYS F 33 -59.02 -5.32 18.83
CA CYS F 33 -57.69 -5.01 19.36
C CYS F 33 -56.70 -6.15 19.08
N LEU F 34 -57.17 -7.40 19.10
CA LEU F 34 -56.31 -8.51 18.72
C LEU F 34 -55.89 -8.43 17.26
N TYR F 35 -56.83 -8.10 16.37
CA TYR F 35 -56.48 -7.92 14.96
C TYR F 35 -55.51 -6.76 14.79
N PHE F 36 -55.70 -5.69 15.56
CA PHE F 36 -54.77 -4.57 15.54
C PHE F 36 -53.37 -5.00 15.95
N PHE F 37 -53.26 -5.79 17.02
CA PHE F 37 -51.94 -6.26 17.46
C PHE F 37 -51.30 -7.16 16.42
N VAL F 38 -52.07 -8.08 15.84
CA VAL F 38 -51.53 -8.96 14.81
C VAL F 38 -51.04 -8.13 13.63
N LEU F 39 -51.80 -7.11 13.25
CA LEU F 39 -51.41 -6.24 12.14
C LEU F 39 -50.10 -5.53 12.43
N LEU F 40 -49.99 -4.90 13.61
CA LEU F 40 -48.78 -4.15 13.92
C LEU F 40 -47.56 -5.05 14.04
N LEU F 41 -47.70 -6.24 14.65
CA LEU F 41 -46.56 -7.15 14.69
C LEU F 41 -46.17 -7.63 13.31
N MET F 42 -47.16 -7.86 12.43
CA MET F 42 -46.85 -8.23 11.05
C MET F 42 -46.05 -7.13 10.36
N ILE F 43 -46.51 -5.88 10.50
CA ILE F 43 -45.79 -4.74 9.92
C ILE F 43 -44.36 -4.69 10.44
N LEU F 44 -44.22 -4.76 11.78
CA LEU F 44 -42.92 -4.55 12.41
C LEU F 44 -41.95 -5.65 12.01
N ILE F 45 -42.40 -6.90 12.00
CA ILE F 45 -41.48 -8.00 11.76
C ILE F 45 -41.13 -8.12 10.28
N LEU F 46 -42.10 -7.83 9.39
CA LEU F 46 -41.75 -7.76 7.97
C LEU F 46 -40.75 -6.64 7.70
N VAL F 47 -40.90 -5.50 8.38
CA VAL F 47 -39.92 -4.43 8.27
C VAL F 47 -38.55 -4.91 8.76
N ASN F 48 -38.53 -5.63 9.89
CA ASN F 48 -37.27 -6.14 10.43
C ASN F 48 -36.60 -7.11 9.47
N LEU F 49 -37.37 -8.00 8.87
CA LEU F 49 -36.81 -8.94 7.90
C LEU F 49 -36.25 -8.22 6.68
N ALA F 50 -37.00 -7.24 6.15
CA ALA F 50 -36.51 -6.48 5.01
C ALA F 50 -35.22 -5.73 5.35
N MET F 51 -35.17 -5.12 6.53
CA MET F 51 -33.98 -4.38 6.93
C MET F 51 -32.77 -5.30 7.09
N THR F 52 -32.99 -6.50 7.67
CA THR F 52 -31.88 -7.43 7.85
C THR F 52 -31.39 -7.97 6.51
N ILE F 53 -32.30 -8.21 5.56
CA ILE F 53 -31.86 -8.61 4.22
C ILE F 53 -31.10 -7.48 3.54
N TRP F 54 -31.50 -6.22 3.81
CA TRP F 54 -30.73 -5.11 3.27
C TRP F 54 -29.32 -5.07 3.86
N ILE F 55 -29.20 -5.36 5.16
CA ILE F 55 -27.87 -5.43 5.78
C ILE F 55 -27.04 -6.53 5.12
N LEU F 56 -27.66 -7.70 4.92
CA LEU F 56 -26.96 -8.82 4.32
C LEU F 56 -26.56 -8.53 2.87
N LYS F 57 -27.33 -7.69 2.18
CA LYS F 57 -26.94 -7.34 0.82
C LYS F 57 -25.86 -6.25 0.81
N VAL F 58 -25.92 -5.31 1.74
CA VAL F 58 -24.94 -4.23 1.77
C VAL F 58 -23.56 -4.77 2.14
N MET F 59 -23.50 -5.58 3.21
CA MET F 59 -22.21 -6.06 3.68
C MET F 59 -21.82 -7.42 3.08
N ASN F 60 -22.71 -8.05 2.32
CA ASN F 60 -22.42 -9.33 1.64
C ASN F 60 -21.99 -10.40 2.64
N PHE F 61 -22.84 -10.65 3.63
CA PHE F 61 -22.57 -11.65 4.66
C PHE F 61 -22.73 -13.03 4.06
N THR F 62 -21.66 -13.52 3.45
CA THR F 62 -21.65 -14.87 2.90
C THR F 62 -21.47 -15.88 4.02
N ILE F 63 -21.28 -17.15 3.65
CA ILE F 63 -21.20 -18.23 4.62
C ILE F 63 -19.96 -18.09 5.51
N ASP F 64 -18.93 -17.40 5.04
CA ASP F 64 -17.63 -17.41 5.70
C ASP F 64 -17.23 -16.06 6.29
N GLY F 65 -18.19 -15.17 6.53
CA GLY F 65 -17.83 -13.88 7.07
C GLY F 65 -18.09 -12.75 6.08
N MET F 66 -17.51 -11.58 6.35
CA MET F 66 -17.80 -10.38 5.57
C MET F 66 -17.08 -10.47 4.23
N GLY F 67 -17.65 -11.28 3.33
CA GLY F 67 -17.01 -11.52 2.05
C GLY F 67 -15.68 -12.20 2.23
N ASN F 68 -14.64 -11.65 1.57
CA ASN F 68 -13.30 -12.18 1.76
C ASN F 68 -12.66 -11.66 3.04
N LEU F 69 -13.07 -10.47 3.50
CA LEU F 69 -12.59 -9.94 4.77
C LEU F 69 -12.94 -10.90 5.90
N ARG F 70 -11.98 -11.09 6.82
CA ARG F 70 -12.26 -11.83 8.06
C ARG F 70 -11.73 -11.01 9.23
N ILE F 71 -12.41 -11.13 10.36
CA ILE F 71 -12.00 -10.47 11.59
C ILE F 71 -11.66 -11.53 12.63
N THR F 72 -10.46 -11.42 13.21
CA THR F 72 -9.96 -12.40 14.17
C THR F 72 -9.51 -11.71 15.45
N GLU F 73 -8.82 -12.46 16.32
CA GLU F 73 -8.33 -11.90 17.58
C GLU F 73 -7.32 -10.77 17.33
N LYS F 74 -6.32 -11.01 16.49
CA LYS F 74 -5.30 -9.99 16.25
C LYS F 74 -5.88 -8.79 15.54
N GLY F 75 -6.63 -9.00 14.46
CA GLY F 75 -7.16 -7.91 13.68
C GLY F 75 -7.58 -8.40 12.32
N LEU F 76 -7.77 -7.44 11.41
CA LEU F 76 -8.23 -7.73 10.07
C LEU F 76 -7.30 -8.70 9.34
N LYS F 77 -7.90 -9.67 8.67
CA LYS F 77 -7.19 -10.53 7.73
C LYS F 77 -7.91 -10.41 6.39
N LEU F 78 -7.22 -9.88 5.40
CA LEU F 78 -7.83 -9.43 4.15
C LEU F 78 -7.50 -10.44 3.05
N GLU F 79 -8.47 -11.28 2.72
CA GLU F 79 -8.32 -12.24 1.63
C GLU F 79 -8.79 -11.68 0.30
N GLY F 80 -8.75 -10.37 0.13
CA GLY F 80 -8.98 -9.75 -1.16
C GLY F 80 -8.08 -8.55 -1.34
N ASP F 81 -8.05 -8.03 -2.57
CA ASP F 81 -7.32 -6.81 -2.85
C ASP F 81 -7.92 -5.65 -2.05
N SER F 82 -7.16 -4.56 -1.95
CA SER F 82 -7.62 -3.42 -1.17
C SER F 82 -7.09 -2.14 -1.79
N GLU F 83 -7.92 -1.49 -2.61
CA GLU F 83 -7.60 -0.19 -3.19
C GLU F 83 -8.44 0.87 -2.50
N PHE F 84 -7.78 1.87 -1.93
CA PHE F 84 -8.47 2.91 -1.17
C PHE F 84 -8.51 4.21 -1.97
N LEU F 85 -9.64 4.90 -1.89
CA LEU F 85 -9.80 6.15 -2.64
C LEU F 85 -9.15 7.31 -1.90
N GLN F 86 -9.13 7.28 -0.59
CA GLN F 86 -8.61 8.40 0.19
C GLN F 86 -7.30 8.01 0.84
N PRO F 87 -6.48 8.99 1.26
CA PRO F 87 -5.19 8.66 1.87
C PRO F 87 -5.34 7.84 3.14
N LEU F 88 -4.50 6.83 3.28
CA LEU F 88 -4.48 6.00 4.46
C LEU F 88 -3.42 6.52 5.42
N TYR F 89 -3.38 5.93 6.61
CA TYR F 89 -2.39 6.25 7.61
C TYR F 89 -1.71 4.96 8.05
N ALA F 90 -0.60 5.09 8.75
CA ALA F 90 0.13 3.92 9.22
C ALA F 90 0.98 4.31 10.43
N LYS F 91 1.48 3.29 11.11
CA LYS F 91 2.40 3.46 12.22
C LYS F 91 3.72 2.78 11.97
N GLU F 92 3.69 1.55 11.47
CA GLU F 92 4.89 0.84 11.04
C GLU F 92 4.49 -0.07 9.89
N ILE F 93 5.47 -0.50 9.11
CA ILE F 93 5.25 -1.58 8.16
C ILE F 93 6.38 -2.57 8.32
N GLN F 94 6.16 -3.60 9.13
CA GLN F 94 7.19 -4.59 9.43
C GLN F 94 6.81 -5.90 8.78
N SER F 95 7.28 -6.12 7.55
CA SER F 95 7.01 -7.37 6.87
C SER F 95 7.66 -8.52 7.61
N ARG F 96 7.03 -9.69 7.54
CA ARG F 96 7.55 -10.86 8.22
C ARG F 96 8.85 -11.32 7.57
N PRO F 97 9.79 -11.84 8.36
CA PRO F 97 11.00 -12.44 7.77
C PRO F 97 10.66 -13.52 6.77
N GLY F 98 11.37 -13.52 5.64
CA GLY F 98 11.11 -14.43 4.56
C GLY F 98 10.45 -13.83 3.33
N ASN F 99 10.26 -12.52 3.29
CA ASN F 99 9.66 -11.86 2.14
C ASN F 99 10.25 -10.45 2.03
N ALA F 100 10.16 -9.89 0.84
CA ALA F 100 10.72 -8.57 0.55
C ALA F 100 9.59 -7.58 0.34
N LEU F 101 9.46 -6.63 1.27
CA LEU F 101 8.49 -5.55 1.14
C LEU F 101 8.82 -4.69 -0.07
N TYR F 102 7.82 -4.44 -0.90
CA TYR F 102 8.01 -3.67 -2.12
C TYR F 102 7.20 -2.37 -2.09
N PHE F 103 7.54 -1.48 -3.02
CA PHE F 103 6.78 -0.29 -3.32
C PHE F 103 6.85 -0.11 -4.83
N LYS F 104 5.70 -0.10 -5.50
CA LYS F 104 5.68 0.04 -6.94
C LYS F 104 4.63 1.05 -7.37
N SER F 105 4.74 1.47 -8.63
CA SER F 105 3.78 2.36 -9.25
C SER F 105 4.02 2.32 -10.76
N ALA F 106 3.08 2.89 -11.50
CA ALA F 106 3.26 3.07 -12.93
C ALA F 106 3.90 4.42 -13.26
N ARG F 107 4.30 5.17 -12.24
CA ARG F 107 4.73 6.55 -12.39
C ARG F 107 5.79 6.84 -11.33
N ASN F 108 6.01 8.12 -11.06
CA ASN F 108 6.97 8.54 -10.05
C ASN F 108 6.58 8.04 -8.66
N VAL F 109 7.59 7.79 -7.83
CA VAL F 109 7.40 7.64 -6.39
C VAL F 109 7.99 8.91 -5.77
N THR F 110 7.11 9.82 -5.37
CA THR F 110 7.53 11.13 -4.88
C THR F 110 7.46 11.13 -3.35
N VAL F 111 8.45 10.50 -2.71
CA VAL F 111 8.55 10.56 -1.26
C VAL F 111 8.82 11.99 -0.87
N ASN F 112 8.05 12.53 0.06
CA ASN F 112 8.32 13.88 0.52
C ASN F 112 7.98 14.00 2.00
N ILE F 113 8.27 15.18 2.54
CA ILE F 113 7.99 15.51 3.93
C ILE F 113 7.27 16.84 3.94
N LEU F 114 6.34 17.01 4.87
CA LEU F 114 5.60 18.26 5.02
C LEU F 114 5.73 18.78 6.43
N ASN F 115 5.85 20.10 6.55
CA ASN F 115 5.85 20.77 7.84
C ASN F 115 4.40 20.91 8.32
N ASP F 116 4.21 21.67 9.40
CA ASP F 116 2.85 21.91 9.88
C ASP F 116 2.01 22.72 8.92
N GLN F 117 2.65 23.52 8.06
CA GLN F 117 1.96 24.30 7.05
C GLN F 117 1.82 23.54 5.73
N THR F 118 2.14 22.25 5.71
CA THR F 118 2.11 21.42 4.52
C THR F 118 2.97 22.01 3.40
N LYS F 119 4.18 22.40 3.76
CA LYS F 119 5.18 22.89 2.81
C LYS F 119 6.33 21.90 2.74
N VAL F 120 6.86 21.69 1.55
CA VAL F 120 7.90 20.69 1.34
C VAL F 120 9.24 21.24 1.78
N LEU F 121 9.97 20.43 2.55
CA LEU F 121 11.31 20.79 3.02
C LEU F 121 12.38 19.95 2.36
N THR F 122 12.29 18.63 2.48
CA THR F 122 13.14 17.71 1.75
C THR F 122 12.25 16.81 0.90
N GLN F 123 12.80 16.37 -0.24
CA GLN F 123 12.04 15.52 -1.15
C GLN F 123 12.98 14.47 -1.73
N LEU F 124 12.41 13.34 -2.10
CA LEU F 124 13.15 12.27 -2.75
C LEU F 124 12.20 11.73 -3.80
N ILE F 125 12.41 12.15 -5.04
CA ILE F 125 11.56 11.74 -6.15
C ILE F 125 12.33 10.70 -6.95
N THR F 126 11.88 9.46 -6.90
CA THR F 126 12.40 8.42 -7.78
C THR F 126 11.47 8.39 -8.98
N GLY F 127 11.94 8.91 -10.10
CA GLY F 127 11.16 8.95 -11.32
C GLY F 127 11.62 7.88 -12.28
N PRO F 128 11.23 8.00 -13.53
CA PRO F 128 11.63 6.99 -14.52
C PRO F 128 13.09 7.14 -14.94
N LYS F 129 13.54 8.38 -15.11
CA LYS F 129 14.88 8.64 -15.64
C LYS F 129 15.85 9.11 -14.57
N ALA F 130 15.42 9.97 -13.66
CA ALA F 130 16.30 10.58 -12.68
C ALA F 130 15.79 10.30 -11.27
N VAL F 131 16.72 10.15 -10.34
CA VAL F 131 16.42 9.97 -8.92
C VAL F 131 16.89 11.23 -8.20
N GLU F 132 15.99 12.17 -8.00
CA GLU F 132 16.34 13.44 -7.38
C GLU F 132 16.20 13.33 -5.87
N ALA F 133 17.08 14.02 -5.16
CA ALA F 133 17.00 14.16 -3.71
C ALA F 133 17.10 15.65 -3.38
N TYR F 134 15.97 16.34 -3.42
CA TYR F 134 15.94 17.72 -2.97
C TYR F 134 16.01 17.77 -1.45
N GLY F 135 16.46 18.90 -0.95
CA GLY F 135 16.53 19.10 0.47
C GLY F 135 17.48 20.23 0.82
N LYS F 136 17.85 20.27 2.09
CA LYS F 136 18.81 21.25 2.56
C LYS F 136 20.18 20.64 2.78
N LYS F 137 20.35 19.35 2.51
CA LYS F 137 21.63 18.69 2.76
C LYS F 137 21.61 17.31 2.11
N PHE F 138 22.72 16.61 2.28
CA PHE F 138 22.87 15.20 2.02
C PHE F 138 23.93 14.68 2.99
N GLU F 139 23.92 13.38 3.26
CA GLU F 139 25.00 12.77 4.02
C GLU F 139 25.13 11.31 3.64
N VAL F 140 26.33 10.79 3.79
CA VAL F 140 26.61 9.37 3.85
C VAL F 140 27.56 9.16 5.02
N LYS F 141 27.13 8.38 6.01
CA LYS F 141 27.98 8.07 7.14
C LYS F 141 28.34 6.59 7.12
N THR F 142 29.31 6.24 7.96
CA THR F 142 29.60 4.85 8.24
C THR F 142 29.06 4.50 9.63
N VAL F 143 29.24 3.24 10.02
CA VAL F 143 28.72 2.79 11.31
C VAL F 143 29.42 3.50 12.46
N SER F 144 30.73 3.69 12.34
CA SER F 144 31.50 4.30 13.43
C SER F 144 31.38 5.81 13.50
N GLY F 145 30.76 6.45 12.50
CA GLY F 145 30.52 7.88 12.54
C GLY F 145 31.41 8.72 11.66
N LYS F 146 32.28 8.12 10.86
CA LYS F 146 33.12 8.88 9.94
C LYS F 146 32.31 9.26 8.71
N LEU F 147 32.37 10.54 8.34
CA LEU F 147 31.57 11.07 7.24
C LEU F 147 32.25 10.76 5.90
N LEU F 148 31.53 10.09 5.01
CA LEU F 148 32.09 9.68 3.74
C LEU F 148 31.49 10.38 2.54
N PHE F 149 30.46 11.20 2.72
CA PHE F 149 29.92 12.04 1.66
C PHE F 149 28.93 13.02 2.25
N SER F 150 28.98 14.26 1.75
CA SER F 150 27.93 15.22 2.03
C SER F 150 27.89 16.22 0.89
N ALA F 151 26.70 16.77 0.63
CA ALA F 151 26.52 17.71 -0.46
C ALA F 151 25.42 18.68 -0.05
N ASP F 152 25.81 19.83 0.49
CA ASP F 152 24.86 20.81 1.00
C ASP F 152 25.03 22.15 0.26
N ASP F 153 24.32 23.17 0.74
CA ASP F 153 24.14 24.42 0.00
C ASP F 153 25.45 25.18 -0.22
N ASN F 154 26.50 24.87 0.53
CA ASN F 154 27.76 25.57 0.37
C ASN F 154 28.73 24.82 -0.53
N GLU F 155 28.81 23.51 -0.36
CA GLU F 155 29.97 22.75 -0.83
C GLU F 155 29.61 21.28 -0.83
N VAL F 156 30.52 20.46 -1.36
CA VAL F 156 30.38 19.01 -1.37
C VAL F 156 31.67 18.40 -0.82
N VAL F 157 31.55 17.65 0.28
CA VAL F 157 32.66 16.95 0.92
C VAL F 157 32.64 15.50 0.47
N VAL F 158 33.76 15.05 -0.07
CA VAL F 158 33.96 13.64 -0.39
C VAL F 158 35.10 13.14 0.48
N GLY F 159 34.86 12.06 1.22
CA GLY F 159 35.83 11.58 2.18
C GLY F 159 36.81 10.57 1.63
N ALA F 160 37.17 10.72 0.35
CA ALA F 160 38.11 9.80 -0.28
C ALA F 160 39.47 9.86 0.39
N GLU F 161 40.15 8.71 0.42
CA GLU F 161 41.49 8.64 1.01
C GLU F 161 42.47 9.52 0.26
N ARG F 162 42.32 9.62 -1.06
CA ARG F 162 43.21 10.44 -1.86
C ARG F 162 42.43 11.03 -3.02
N LEU F 163 42.96 12.13 -3.56
CA LEU F 163 42.43 12.78 -4.75
C LEU F 163 43.45 12.59 -5.86
N ARG F 164 43.05 11.89 -6.92
CA ARG F 164 43.98 11.48 -7.97
C ARG F 164 43.43 11.95 -9.31
N VAL F 165 44.04 12.99 -9.87
CA VAL F 165 43.64 13.54 -11.16
C VAL F 165 44.52 12.96 -12.26
N LEU F 166 43.91 12.64 -13.39
CA LEU F 166 44.64 12.20 -14.56
C LEU F 166 44.87 13.39 -15.49
N GLY F 167 45.48 13.12 -16.64
CA GLY F 167 45.71 14.16 -17.62
C GLY F 167 47.01 14.90 -17.39
N ALA F 168 47.85 14.97 -18.42
CA ALA F 168 49.11 15.72 -18.33
C ALA F 168 48.95 17.17 -18.74
N GLU F 169 47.81 17.55 -19.31
CA GLU F 169 47.63 18.92 -19.78
C GLU F 169 47.46 19.90 -18.61
N GLY F 170 47.15 19.39 -17.43
CA GLY F 170 46.97 20.21 -16.27
C GLY F 170 45.51 20.31 -15.85
N THR F 171 45.18 21.43 -15.23
CA THR F 171 43.82 21.69 -14.78
C THR F 171 43.67 23.19 -14.53
N VAL F 172 42.42 23.62 -14.39
CA VAL F 172 42.10 25.03 -14.13
C VAL F 172 41.14 25.09 -12.96
N PHE F 173 41.51 25.85 -11.94
CA PHE F 173 40.63 26.10 -10.78
C PHE F 173 40.33 27.59 -10.72
N PRO F 174 39.17 28.03 -11.20
CA PRO F 174 38.95 29.47 -11.41
C PRO F 174 38.99 30.31 -10.15
N LYS F 175 38.85 29.73 -8.96
CA LYS F 175 38.74 30.52 -7.75
C LYS F 175 39.98 30.44 -6.87
N SER F 176 40.35 29.27 -6.38
CA SER F 176 41.44 29.17 -5.42
C SER F 176 41.78 27.71 -5.15
N ILE F 177 42.87 27.52 -4.40
CA ILE F 177 43.20 26.26 -3.73
C ILE F 177 43.59 26.60 -2.30
N GLU F 178 43.00 25.91 -1.33
CA GLU F 178 43.38 26.07 0.06
C GLU F 178 44.04 24.77 0.51
N THR F 179 45.37 24.76 0.54
CA THR F 179 46.12 23.57 0.93
C THR F 179 47.07 23.94 2.07
N PRO F 180 47.00 23.28 3.22
CA PRO F 180 47.94 23.59 4.30
C PRO F 180 49.39 23.32 3.96
N ASN F 181 49.70 22.33 3.13
CA ASN F 181 51.08 21.98 2.83
C ASN F 181 51.23 21.66 1.36
N VAL F 182 51.95 22.51 0.63
CA VAL F 182 52.31 22.26 -0.75
C VAL F 182 53.68 21.60 -0.77
N ARG F 183 53.76 20.41 -1.37
CA ARG F 183 54.99 19.66 -1.42
C ARG F 183 55.32 19.35 -2.87
N ALA F 184 56.61 19.41 -3.20
CA ALA F 184 57.05 19.08 -4.54
C ALA F 184 56.98 17.57 -4.75
N ASP F 185 56.76 17.18 -6.00
CA ASP F 185 56.85 15.77 -6.35
C ASP F 185 58.29 15.30 -6.15
N PRO F 186 58.48 14.06 -5.67
CA PRO F 186 59.84 13.53 -5.56
C PRO F 186 60.48 13.42 -6.93
N PHE F 187 61.79 13.71 -6.97
CA PHE F 187 62.60 13.78 -8.19
C PHE F 187 62.13 14.92 -9.11
N LYS F 188 61.39 15.89 -8.58
CA LYS F 188 60.80 16.94 -9.39
C LYS F 188 60.97 18.30 -8.73
N GLU F 189 61.02 19.34 -9.57
CA GLU F 189 61.18 20.72 -9.15
C GLU F 189 59.85 21.31 -8.67
N LEU F 190 59.94 22.43 -7.96
CA LEU F 190 58.79 23.24 -7.60
C LEU F 190 58.99 24.63 -8.20
N ARG F 191 57.94 25.17 -8.79
CA ARG F 191 58.05 26.42 -9.54
C ARG F 191 56.83 27.28 -9.25
N LEU F 192 57.08 28.53 -8.86
CA LEU F 192 56.03 29.48 -8.47
C LEU F 192 56.20 30.72 -9.35
N GLU F 193 55.55 30.73 -10.50
CA GLU F 193 55.77 31.78 -11.48
C GLU F 193 54.44 32.30 -12.05
N SER F 194 54.50 33.51 -12.58
CA SER F 194 53.45 34.11 -13.38
C SER F 194 53.92 34.24 -14.82
N PRO F 195 53.08 33.91 -15.80
CA PRO F 195 53.56 33.95 -17.20
C PRO F 195 53.85 35.34 -17.70
N THR F 196 53.01 36.33 -17.36
CA THR F 196 53.20 37.69 -17.86
C THR F 196 53.01 38.77 -16.82
N ARG F 197 52.66 38.43 -15.59
CA ARG F 197 52.19 39.41 -14.63
C ARG F 197 52.98 39.33 -13.33
N ALA F 198 52.53 40.06 -12.32
CA ALA F 198 53.21 40.14 -11.04
C ALA F 198 52.84 38.96 -10.15
N LEU F 199 53.70 38.70 -9.18
CA LEU F 199 53.45 37.73 -8.13
C LEU F 199 53.54 38.43 -6.79
N VAL F 200 52.51 38.28 -5.96
CA VAL F 200 52.48 38.86 -4.62
C VAL F 200 52.23 37.73 -3.64
N MET F 201 53.01 37.69 -2.56
CA MET F 201 52.81 36.67 -1.55
C MET F 201 52.95 37.29 -0.17
N GLU F 202 52.05 36.91 0.73
CA GLU F 202 51.90 37.58 2.02
C GLU F 202 51.80 36.54 3.13
N ALA F 203 52.37 36.89 4.29
CA ALA F 203 52.27 36.08 5.49
C ALA F 203 52.49 36.97 6.71
N PRO F 204 51.42 37.43 7.38
CA PRO F 204 51.59 38.40 8.47
C PRO F 204 52.39 37.88 9.66
N LYS F 205 52.54 36.57 9.83
CA LYS F 205 53.27 36.03 10.97
C LYS F 205 54.61 35.44 10.58
N GLY F 206 55.22 35.91 9.50
CA GLY F 206 56.58 35.48 9.19
C GLY F 206 56.73 34.75 7.87
N VAL F 207 57.90 34.88 7.25
CA VAL F 207 58.28 34.07 6.10
C VAL F 207 59.67 33.51 6.35
N GLU F 208 59.80 32.18 6.27
CA GLU F 208 61.09 31.49 6.33
C GLU F 208 61.41 30.97 4.94
N ILE F 209 62.36 31.63 4.27
CA ILE F 209 63.03 31.08 3.10
C ILE F 209 64.27 30.36 3.61
N ASN F 210 64.34 29.06 3.40
CA ASN F 210 65.49 28.28 3.86
C ASN F 210 66.06 27.49 2.70
N ALA F 211 67.37 27.60 2.51
CA ALA F 211 68.11 26.75 1.58
C ALA F 211 69.00 25.87 2.44
N GLU F 212 68.47 24.68 2.79
CA GLU F 212 69.17 23.78 3.70
C GLU F 212 70.51 23.30 3.15
N ALA F 213 70.71 23.36 1.84
CA ALA F 213 72.01 23.10 1.26
C ALA F 213 72.32 23.98 0.05
N GLY F 214 71.46 24.95 -0.29
CA GLY F 214 71.57 25.67 -1.53
C GLY F 214 71.81 27.16 -1.35
N ASN F 215 71.54 27.89 -2.43
CA ASN F 215 71.77 29.32 -2.53
C ASN F 215 70.45 30.09 -2.54
N MET F 216 70.56 31.39 -2.28
CA MET F 216 69.44 32.32 -2.43
C MET F 216 69.84 33.30 -3.53
N GLU F 217 69.59 32.93 -4.78
CA GLU F 217 69.98 33.75 -5.92
C GLU F 217 68.89 34.78 -6.19
N ALA F 218 68.96 35.89 -5.47
CA ALA F 218 67.99 36.98 -5.61
C ALA F 218 68.38 37.80 -6.83
N THR F 219 67.99 37.33 -8.01
CA THR F 219 68.30 37.98 -9.27
C THR F 219 67.20 38.98 -9.59
N CYS F 220 67.52 40.27 -9.48
CA CYS F 220 66.59 41.31 -9.87
C CYS F 220 67.23 42.13 -10.98
N ARG F 221 66.57 43.22 -11.37
CA ARG F 221 67.22 44.20 -12.22
C ARG F 221 66.95 45.64 -11.83
N THR F 222 65.98 45.92 -10.97
CA THR F 222 65.71 47.31 -10.58
C THR F 222 65.97 47.57 -9.11
N GLU F 223 65.41 46.76 -8.22
CA GLU F 223 65.50 47.08 -6.80
C GLU F 223 65.33 45.81 -5.98
N LEU F 224 66.31 45.51 -5.13
CA LEU F 224 66.17 44.49 -4.08
C LEU F 224 65.85 45.21 -2.79
N ARG F 225 64.59 45.62 -2.65
CA ARG F 225 64.18 46.43 -1.51
C ARG F 225 64.07 45.56 -0.27
N LEU F 226 64.85 45.90 0.76
CA LEU F 226 64.75 45.27 2.06
C LEU F 226 64.22 46.34 3.01
N GLU F 227 62.91 46.47 3.05
CA GLU F 227 62.25 47.54 3.79
C GLU F 227 61.59 46.95 5.03
N SER F 228 62.18 47.24 6.19
CA SER F 228 61.61 46.82 7.46
C SER F 228 60.95 48.03 8.12
N LYS F 229 59.74 47.82 8.66
CA LYS F 229 59.00 48.91 9.27
C LYS F 229 59.72 49.47 10.49
N ASP F 230 60.07 48.59 11.44
CA ASP F 230 60.76 49.02 12.65
C ASP F 230 61.80 48.01 13.11
N GLY F 231 62.20 47.08 12.26
CA GLY F 231 63.16 46.06 12.58
C GLY F 231 64.55 46.40 12.11
N GLU F 232 65.29 45.38 11.69
CA GLU F 232 66.68 45.55 11.31
C GLU F 232 67.06 44.48 10.28
N ILE F 233 68.24 44.65 9.69
CA ILE F 233 68.79 43.71 8.72
C ILE F 233 70.16 43.28 9.19
N LYS F 234 70.45 41.98 9.07
CA LYS F 234 71.77 41.46 9.40
C LYS F 234 72.19 40.47 8.33
N LEU F 235 73.50 40.36 8.14
CA LEU F 235 74.09 39.46 7.15
C LEU F 235 75.02 38.51 7.89
N ASP F 236 74.45 37.40 8.38
CA ASP F 236 75.21 36.42 9.14
C ASP F 236 75.98 35.54 8.17
N ALA F 237 77.25 35.88 7.95
CA ALA F 237 78.11 35.09 7.08
C ALA F 237 79.55 35.36 7.46
N ALA F 238 80.42 34.38 7.19
CA ALA F 238 81.82 34.52 7.56
C ALA F 238 82.49 35.66 6.80
N LYS F 239 82.15 35.82 5.52
CA LYS F 239 82.71 36.87 4.68
C LYS F 239 81.59 37.65 4.02
N ILE F 240 81.88 38.91 3.69
CA ILE F 240 80.93 39.79 3.00
C ILE F 240 81.62 40.33 1.76
N LYS F 241 80.99 40.13 0.60
CA LYS F 241 81.57 40.54 -0.68
C LYS F 241 80.78 41.70 -1.28
N LEU F 242 81.51 42.64 -1.87
CA LEU F 242 80.92 43.79 -2.57
C LEU F 242 81.58 43.89 -3.94
N PRO F 243 81.27 42.97 -4.85
CA PRO F 243 82.08 42.83 -6.06
C PRO F 243 81.88 43.93 -7.10
N ARG F 244 80.80 44.67 -7.06
CA ARG F 244 80.51 45.63 -8.13
C ARG F 244 80.08 46.98 -7.58
N LEU F 245 80.83 47.51 -6.63
CA LEU F 245 80.63 48.90 -6.23
C LEU F 245 81.57 49.78 -7.05
N PRO F 246 81.05 50.72 -7.83
CA PRO F 246 81.89 51.47 -8.77
C PRO F 246 82.86 52.39 -8.04
N HIS F 247 83.98 52.66 -8.71
CA HIS F 247 85.01 53.52 -8.16
C HIS F 247 84.58 54.98 -8.20
N GLY F 248 85.27 55.80 -7.41
CA GLY F 248 85.04 57.24 -7.44
C GLY F 248 86.31 57.98 -7.79
N SER F 249 86.32 58.65 -8.94
CA SER F 249 87.50 59.39 -9.36
C SER F 249 87.74 60.58 -8.45
N TYR F 250 89.01 60.90 -8.23
CA TYR F 250 89.39 61.89 -7.25
C TYR F 250 89.07 63.31 -7.72
N THR F 251 88.78 64.17 -6.75
CA THR F 251 88.58 65.61 -6.96
C THR F 251 89.56 66.36 -6.07
N PRO F 252 90.78 66.60 -6.56
CA PRO F 252 91.70 67.48 -5.81
C PRO F 252 91.17 68.91 -5.67
N THR F 253 90.31 69.36 -6.58
CA THR F 253 89.74 70.70 -6.49
C THR F 253 88.25 70.72 -6.82
N GLY F 254 87.56 69.58 -6.73
CA GLY F 254 86.15 69.53 -7.02
C GLY F 254 85.32 70.19 -5.94
N THR F 255 84.03 70.36 -6.25
CA THR F 255 83.10 71.00 -5.33
C THR F 255 82.96 70.17 -4.06
N ARG F 256 82.78 70.87 -2.93
CA ARG F 256 82.72 70.22 -1.63
C ARG F 256 81.34 69.60 -1.44
N GLN F 257 81.28 68.28 -1.45
CA GLN F 257 80.05 67.53 -1.23
C GLN F 257 80.19 66.70 0.04
N LYS F 258 79.21 66.80 0.93
CA LYS F 258 79.28 66.16 2.24
C LYS F 258 79.04 64.67 2.07
N VAL F 259 80.12 63.93 1.80
CA VAL F 259 80.05 62.48 1.75
C VAL F 259 79.99 61.93 3.17
N PHE F 260 79.62 60.65 3.27
CA PHE F 260 79.44 60.00 4.56
C PHE F 260 80.32 58.77 4.67
N GLU F 261 80.55 58.36 5.91
CA GLU F 261 81.39 57.22 6.23
C GLU F 261 80.63 56.31 7.19
N ILE F 262 81.08 55.06 7.26
CA ILE F 262 80.41 54.01 8.04
C ILE F 262 81.18 53.80 9.33
N CYS F 263 80.46 53.84 10.46
CA CYS F 263 81.04 53.56 11.76
C CYS F 263 80.29 52.40 12.38
N VAL F 264 81.04 51.44 12.94
CA VAL F 264 80.50 50.17 13.41
C VAL F 264 80.45 50.18 14.93
N CYS F 265 79.26 49.97 15.49
CA CYS F 265 79.12 49.81 16.92
C CYS F 265 79.69 48.46 17.36
N ALA F 266 79.83 48.30 18.67
CA ALA F 266 80.46 47.10 19.22
C ALA F 266 79.64 45.83 18.96
N ASN F 267 78.33 45.96 18.71
CA ASN F 267 77.48 44.82 18.42
C ASN F 267 77.26 44.62 16.92
N GLY F 268 78.10 45.24 16.10
CA GLY F 268 77.94 45.17 14.66
C GLY F 268 76.95 46.16 14.08
N ARG F 269 76.30 46.97 14.91
CA ARG F 269 75.39 47.98 14.41
C ARG F 269 76.15 49.06 13.64
N LEU F 270 75.62 49.42 12.49
CA LEU F 270 76.27 50.40 11.61
C LEU F 270 75.52 51.73 11.67
N PHE F 271 76.27 52.82 11.58
CA PHE F 271 75.65 54.13 11.51
C PHE F 271 76.54 55.08 10.70
N LEU F 272 75.90 56.10 10.14
CA LEU F 272 76.60 57.03 9.27
C LEU F 272 77.37 58.07 10.09
N SER F 273 78.30 58.74 9.40
CA SER F 273 79.04 59.83 10.01
C SER F 273 79.45 60.80 8.91
N GLN F 274 79.46 62.09 9.25
CA GLN F 274 79.88 63.10 8.29
C GLN F 274 81.39 63.02 8.09
N ALA F 275 81.82 62.94 6.83
CA ALA F 275 83.24 62.83 6.54
C ALA F 275 83.96 64.13 6.88
N GLY F 276 85.17 63.98 7.41
CA GLY F 276 85.97 65.14 7.79
C GLY F 276 87.38 65.06 7.24
N THR F 277 88.30 65.85 7.82
CA THR F 277 89.69 65.82 7.39
C THR F 277 90.32 64.47 7.64
N GLY F 278 90.02 63.86 8.78
CA GLY F 278 90.49 62.53 9.10
C GLY F 278 89.34 61.59 9.39
N SER F 279 89.62 60.47 10.06
CA SER F 279 88.56 59.55 10.45
C SER F 279 87.74 60.17 11.58
N THR F 280 86.42 60.19 11.39
CA THR F 280 85.50 60.80 12.35
C THR F 280 84.52 59.77 12.90
N CYS F 281 85.01 58.56 13.18
CA CYS F 281 84.24 57.51 13.85
C CYS F 281 84.57 57.45 15.33
N GLN F 282 84.82 58.60 15.97
CA GLN F 282 85.06 58.66 17.40
C GLN F 282 84.38 59.89 17.99
N ILE F 283 83.15 60.16 17.57
CA ILE F 283 82.42 61.36 17.97
C ILE F 283 81.35 61.06 18.99
N ASN F 284 80.47 60.10 18.70
CA ASN F 284 79.32 59.81 19.55
C ASN F 284 79.21 58.31 19.82
N THR F 285 78.72 57.99 21.01
CA THR F 285 78.42 56.61 21.38
C THR F 285 76.96 56.39 21.73
N SER F 286 76.15 57.45 21.77
CA SER F 286 74.74 57.31 22.13
C SER F 286 73.98 56.45 21.12
N VAL F 287 74.37 56.51 19.85
CA VAL F 287 73.80 55.60 18.86
C VAL F 287 74.16 54.16 19.20
N CYS F 288 75.42 53.91 19.56
CA CYS F 288 75.84 52.61 20.03
C CYS F 288 75.31 52.28 21.42
N LEU F 289 74.83 53.28 22.17
CA LEU F 289 74.27 53.06 23.49
C LEU F 289 72.76 52.86 23.42
N ILE G 28 -67.88 -19.20 10.41
CA ILE G 28 -67.89 -19.99 11.68
C ILE G 28 -66.70 -19.56 12.54
N TYR G 29 -66.97 -18.94 13.70
CA TYR G 29 -65.88 -18.44 14.56
C TYR G 29 -64.82 -19.53 14.74
N GLY G 30 -65.20 -20.80 14.54
CA GLY G 30 -64.23 -21.86 14.74
C GLY G 30 -63.03 -21.77 13.84
N TRP G 31 -63.26 -21.90 12.53
CA TRP G 31 -62.17 -21.72 11.58
C TRP G 31 -61.62 -20.31 11.58
N ARG G 32 -62.41 -19.33 12.00
CA ARG G 32 -61.90 -17.97 12.20
C ARG G 32 -60.77 -17.95 13.23
N LYS G 33 -61.04 -18.52 14.41
CA LYS G 33 -59.99 -18.61 15.43
C LYS G 33 -58.84 -19.48 14.94
N ARG G 34 -59.16 -20.55 14.20
CA ARG G 34 -58.13 -21.44 13.70
C ARG G 34 -57.13 -20.70 12.81
N CYS G 35 -57.62 -19.97 11.81
CA CYS G 35 -56.72 -19.22 10.94
C CYS G 35 -56.07 -18.07 11.70
N LEU G 36 -56.73 -17.54 12.73
CA LEU G 36 -56.11 -16.49 13.55
C LEU G 36 -54.83 -16.99 14.20
N TYR G 37 -54.89 -18.12 14.92
CA TYR G 37 -53.63 -18.55 15.51
C TYR G 37 -52.75 -19.29 14.52
N LEU G 38 -53.24 -19.65 13.34
CA LEU G 38 -52.33 -20.03 12.26
C LEU G 38 -51.46 -18.86 11.84
N LEU G 39 -52.06 -17.67 11.70
CA LEU G 39 -51.28 -16.48 11.42
C LEU G 39 -50.34 -16.16 12.56
N VAL G 40 -50.77 -16.40 13.80
CA VAL G 40 -49.89 -16.25 14.94
C VAL G 40 -48.68 -17.18 14.81
N LEU G 41 -48.91 -18.42 14.38
CA LEU G 41 -47.82 -19.37 14.14
C LEU G 41 -46.85 -18.86 13.08
N LEU G 42 -47.38 -18.30 11.99
CA LEU G 42 -46.51 -17.76 10.94
C LEU G 42 -45.66 -16.60 11.48
N LEU G 43 -46.26 -15.72 12.27
CA LEU G 43 -45.48 -14.65 12.85
C LEU G 43 -44.44 -15.18 13.82
N LEU G 44 -44.77 -16.27 14.53
CA LEU G 44 -43.82 -16.92 15.41
C LEU G 44 -42.61 -17.43 14.65
N ILE G 45 -42.83 -18.12 13.53
CA ILE G 45 -41.69 -18.68 12.82
C ILE G 45 -40.84 -17.56 12.22
N ILE G 46 -41.46 -16.48 11.76
CA ILE G 46 -40.66 -15.39 11.20
C ILE G 46 -39.82 -14.75 12.29
N LEU G 47 -40.38 -14.61 13.50
CA LEU G 47 -39.58 -14.08 14.61
C LEU G 47 -38.44 -15.03 14.96
N VAL G 48 -38.69 -16.34 14.97
CA VAL G 48 -37.65 -17.30 15.34
C VAL G 48 -36.49 -17.24 14.34
N VAL G 49 -36.81 -17.26 13.04
CA VAL G 49 -35.74 -17.20 12.05
C VAL G 49 -35.04 -15.85 12.10
N ASN G 50 -35.76 -14.77 12.40
CA ASN G 50 -35.09 -13.48 12.49
C ASN G 50 -34.11 -13.42 13.66
N LEU G 51 -34.48 -13.98 14.82
CA LEU G 51 -33.52 -14.05 15.92
C LEU G 51 -32.32 -14.92 15.56
N ALA G 52 -32.54 -16.02 14.85
CA ALA G 52 -31.41 -16.84 14.44
C ALA G 52 -30.45 -16.07 13.54
N LEU G 53 -30.99 -15.36 12.54
CA LEU G 53 -30.14 -14.56 11.67
C LEU G 53 -29.44 -13.44 12.41
N THR G 54 -30.10 -12.81 13.38
CA THR G 54 -29.44 -11.71 14.10
C THR G 54 -28.38 -12.21 15.07
N ILE G 55 -28.56 -13.39 15.67
CA ILE G 55 -27.47 -13.95 16.47
C ILE G 55 -26.29 -14.29 15.57
N TRP G 56 -26.56 -14.79 14.37
CA TRP G 56 -25.49 -14.97 13.39
C TRP G 56 -24.80 -13.64 13.09
N ILE G 57 -25.59 -12.59 12.84
CA ILE G 57 -25.02 -11.32 12.40
C ILE G 57 -24.23 -10.68 13.52
N LEU G 58 -24.56 -11.01 14.78
CA LEU G 58 -23.76 -10.53 15.90
C LEU G 58 -22.48 -11.34 16.07
N LYS G 59 -22.51 -12.64 15.75
CA LYS G 59 -21.37 -13.50 16.07
C LYS G 59 -20.20 -13.24 15.14
N VAL G 60 -20.40 -13.33 13.82
CA VAL G 60 -19.30 -13.25 12.87
C VAL G 60 -18.79 -11.82 12.74
N MET G 61 -19.43 -10.89 13.45
CA MET G 61 -19.06 -9.48 13.36
C MET G 61 -18.26 -8.98 14.56
N TRP G 62 -18.17 -9.76 15.64
CA TRP G 62 -17.49 -9.34 16.87
C TRP G 62 -17.99 -7.98 17.33
N PHE G 63 -19.31 -7.77 17.21
CA PHE G 63 -19.85 -6.42 17.22
C PHE G 63 -19.72 -5.76 18.58
N SER G 64 -19.36 -4.49 18.57
CA SER G 64 -19.25 -3.66 19.75
C SER G 64 -19.81 -2.29 19.43
N PRO G 65 -20.26 -1.53 20.43
CA PRO G 65 -20.68 -0.15 20.17
C PRO G 65 -19.59 0.72 19.59
N THR G 66 -18.33 0.40 19.88
CA THR G 66 -17.22 1.10 19.24
C THR G 66 -17.23 0.89 17.73
N GLY G 67 -17.45 -0.34 17.30
CA GLY G 67 -17.48 -0.64 15.88
C GLY G 67 -17.34 -2.13 15.63
N MET G 68 -17.32 -2.46 14.34
CA MET G 68 -17.16 -3.84 13.91
C MET G 68 -15.80 -4.37 14.35
N GLY G 69 -15.78 -5.60 14.87
CA GLY G 69 -14.53 -6.25 15.22
C GLY G 69 -13.84 -5.57 16.39
N HIS G 70 -12.50 -5.65 16.39
CA HIS G 70 -11.69 -4.98 17.39
C HIS G 70 -11.27 -3.57 16.98
N LEU G 71 -11.46 -3.21 15.71
CA LEU G 71 -11.23 -1.86 15.26
C LEU G 71 -12.41 -0.97 15.62
N HIS G 72 -12.39 0.27 15.15
CA HIS G 72 -13.51 1.18 15.32
C HIS G 72 -13.75 1.92 14.02
N VAL G 73 -14.97 1.81 13.48
CA VAL G 73 -15.38 2.59 12.33
C VAL G 73 -15.96 3.89 12.87
N THR G 74 -15.14 4.94 12.89
CA THR G 74 -15.55 6.21 13.45
C THR G 74 -16.36 7.01 12.41
N LYS G 75 -16.70 8.25 12.78
CA LYS G 75 -17.56 9.07 11.94
C LYS G 75 -16.84 9.51 10.67
N ASP G 76 -15.63 10.04 10.80
CA ASP G 76 -14.88 10.56 9.67
C ASP G 76 -13.89 9.56 9.10
N GLY G 77 -13.67 8.45 9.79
CA GLY G 77 -12.69 7.49 9.36
C GLY G 77 -12.89 6.18 10.09
N LEU G 78 -11.83 5.39 10.14
CA LEU G 78 -11.89 4.12 10.88
C LEU G 78 -10.51 3.85 11.47
N ARG G 79 -10.46 3.72 12.80
CA ARG G 79 -9.21 3.49 13.51
C ARG G 79 -9.04 2.01 13.80
N LEU G 80 -7.86 1.48 13.48
CA LEU G 80 -7.53 0.08 13.71
C LEU G 80 -6.28 -0.01 14.57
N GLU G 81 -6.34 -0.81 15.63
CA GLU G 81 -5.23 -0.98 16.56
C GLU G 81 -4.50 -2.30 16.37
N GLY G 82 -4.78 -3.03 15.30
CA GLY G 82 -4.26 -4.38 15.19
C GLY G 82 -3.47 -4.67 13.93
N GLU G 83 -2.80 -5.82 13.92
CA GLU G 83 -1.93 -6.23 12.82
C GLU G 83 -2.77 -6.68 11.64
N SER G 84 -3.02 -5.76 10.71
CA SER G 84 -3.90 -6.02 9.57
C SER G 84 -3.10 -6.69 8.47
N GLU G 85 -2.90 -7.99 8.59
CA GLU G 85 -2.13 -8.73 7.61
C GLU G 85 -2.93 -8.90 6.32
N PHE G 86 -2.46 -8.25 5.25
CA PHE G 86 -3.10 -8.36 3.94
C PHE G 86 -2.50 -9.55 3.21
N LEU G 87 -3.26 -10.64 3.12
CA LEU G 87 -2.78 -11.83 2.44
C LEU G 87 -2.78 -11.70 0.92
N PHE G 88 -3.12 -10.54 0.40
CA PHE G 88 -3.14 -10.19 -1.01
C PHE G 88 -2.70 -8.73 -1.18
N PRO G 89 -2.39 -8.30 -2.41
CA PRO G 89 -1.81 -6.97 -2.61
C PRO G 89 -2.68 -5.83 -2.10
N LEU G 90 -2.06 -4.68 -1.98
CA LEU G 90 -2.69 -3.45 -1.55
C LEU G 90 -2.59 -2.42 -2.66
N TYR G 91 -3.49 -1.42 -2.62
CA TYR G 91 -3.43 -0.30 -3.54
C TYR G 91 -3.93 0.94 -2.81
N ALA G 92 -3.41 2.08 -3.21
CA ALA G 92 -3.78 3.37 -2.61
C ALA G 92 -3.23 4.47 -3.50
N LYS G 93 -3.39 5.71 -3.07
CA LYS G 93 -2.78 6.85 -3.75
C LYS G 93 -1.84 7.62 -2.85
N GLU G 94 -2.22 7.89 -1.60
CA GLU G 94 -1.38 8.60 -0.66
C GLU G 94 -1.22 7.77 0.61
N ILE G 95 0.01 7.40 0.92
CA ILE G 95 0.34 6.68 2.15
C ILE G 95 0.95 7.68 3.11
N HIS G 96 0.29 7.89 4.25
CA HIS G 96 0.75 8.85 5.24
C HIS G 96 1.26 8.12 6.47
N SER G 97 1.83 8.90 7.38
CA SER G 97 2.16 8.46 8.73
C SER G 97 1.43 9.34 9.73
N ARG G 98 1.28 8.83 10.95
CA ARG G 98 0.62 9.62 11.97
C ARG G 98 1.46 10.82 12.35
N VAL G 99 0.78 11.86 12.84
CA VAL G 99 1.45 13.12 13.15
C VAL G 99 2.38 12.96 14.35
N ASP G 100 1.97 12.17 15.34
CA ASP G 100 2.73 12.00 16.57
C ASP G 100 3.64 10.77 16.58
N SER G 101 3.68 10.00 15.49
CA SER G 101 4.54 8.83 15.43
C SER G 101 5.23 8.77 14.09
N SER G 102 6.49 8.32 14.10
CA SER G 102 7.32 8.30 12.91
C SER G 102 7.16 6.97 12.19
N LEU G 103 6.84 7.03 10.89
CA LEU G 103 6.72 5.83 10.08
C LEU G 103 8.05 5.08 10.07
N LEU G 104 7.99 3.79 10.27
CA LEU G 104 9.13 2.90 10.10
C LEU G 104 8.71 1.78 9.18
N LEU G 105 9.65 1.32 8.37
CA LEU G 105 9.38 0.22 7.41
C LEU G 105 10.64 -0.64 7.34
N GLN G 106 10.60 -1.89 7.76
CA GLN G 106 11.81 -2.69 7.81
C GLN G 106 11.50 -4.11 7.39
N SER G 107 12.55 -4.87 7.13
CA SER G 107 12.43 -6.26 6.72
C SER G 107 13.70 -6.98 7.12
N THR G 108 13.90 -8.18 6.56
CA THR G 108 15.09 -8.95 6.85
C THR G 108 16.00 -9.10 5.64
N GLN G 109 15.46 -9.13 4.43
CA GLN G 109 16.29 -9.25 3.23
C GLN G 109 16.60 -7.88 2.64
N ASN G 110 15.56 -7.16 2.22
CA ASN G 110 15.72 -5.84 1.62
C ASN G 110 14.33 -5.22 1.45
N VAL G 111 14.32 -3.90 1.27
CA VAL G 111 13.13 -3.15 0.95
C VAL G 111 13.36 -2.43 -0.37
N THR G 112 12.37 -2.49 -1.26
CA THR G 112 12.53 -1.98 -2.61
C THR G 112 11.47 -0.94 -2.92
N VAL G 113 11.90 0.19 -3.47
CA VAL G 113 11.02 1.17 -4.09
C VAL G 113 11.18 1.03 -5.60
N ASN G 114 10.08 1.02 -6.33
CA ASN G 114 10.13 0.85 -7.77
C ASN G 114 9.27 1.89 -8.45
N ALA G 115 9.64 2.23 -9.68
CA ALA G 115 8.85 3.10 -10.54
C ALA G 115 8.97 2.59 -11.96
N ARG G 116 7.88 2.69 -12.72
CA ARG G 116 7.80 2.07 -14.03
C ARG G 116 7.46 3.09 -15.11
N ASN G 117 7.84 2.73 -16.33
CA ASN G 117 7.50 3.52 -17.51
C ASN G 117 6.07 3.22 -17.92
N SER G 118 5.62 3.79 -19.04
CA SER G 118 4.26 3.56 -19.51
C SER G 118 4.05 2.10 -19.88
N ASP G 119 5.08 1.43 -20.37
CA ASP G 119 5.00 0.01 -20.68
C ASP G 119 5.23 -0.87 -19.46
N GLY G 120 5.22 -0.31 -18.26
CA GLY G 120 5.40 -1.07 -17.05
C GLY G 120 6.83 -1.47 -16.74
N GLU G 121 7.80 -0.96 -17.49
CA GLU G 121 9.20 -1.32 -17.28
C GLU G 121 9.75 -0.54 -16.10
N VAL G 122 10.19 -1.25 -15.06
CA VAL G 122 10.78 -0.59 -13.91
C VAL G 122 12.08 0.06 -14.34
N THR G 123 12.17 1.37 -14.17
CA THR G 123 13.30 2.13 -14.69
C THR G 123 14.13 2.83 -13.62
N GLY G 124 13.52 3.18 -12.49
CA GLY G 124 14.27 3.80 -11.41
C GLY G 124 14.06 3.07 -10.10
N ARG G 125 15.14 2.51 -9.55
CA ARG G 125 15.06 1.72 -8.33
C ARG G 125 15.84 2.39 -7.21
N LEU G 126 15.24 2.42 -6.02
CA LEU G 126 15.86 2.87 -4.78
C LEU G 126 15.85 1.68 -3.85
N LYS G 127 16.87 0.84 -3.93
CA LYS G 127 16.88 -0.43 -3.20
C LYS G 127 17.78 -0.32 -1.98
N VAL G 128 17.26 -0.75 -0.83
CA VAL G 128 18.08 -0.83 0.36
C VAL G 128 18.41 -2.28 0.62
N GLY G 129 19.54 -2.74 0.10
CA GLY G 129 19.92 -4.12 0.20
C GLY G 129 20.36 -4.49 1.60
N PRO G 130 20.81 -5.73 1.75
CA PRO G 130 21.25 -6.19 3.09
C PRO G 130 22.41 -5.39 3.68
N GLN G 131 23.35 -4.94 2.85
CA GLN G 131 24.52 -4.23 3.36
C GLN G 131 24.48 -2.74 3.06
N MET G 132 24.38 -2.35 1.79
CA MET G 132 24.54 -0.95 1.42
C MET G 132 23.57 -0.61 0.30
N VAL G 133 23.17 0.66 0.28
CA VAL G 133 22.10 1.15 -0.59
C VAL G 133 22.54 1.12 -2.05
N GLU G 134 21.59 0.88 -2.96
CA GLU G 134 21.81 1.06 -4.38
C GLU G 134 20.74 1.96 -4.97
N VAL G 135 21.14 2.82 -5.89
CA VAL G 135 20.24 3.62 -6.70
C VAL G 135 20.54 3.31 -8.16
N GLN G 136 19.50 2.97 -8.91
CA GLN G 136 19.67 2.64 -10.33
C GLN G 136 18.74 3.51 -11.15
N SER G 137 19.32 4.24 -12.11
CA SER G 137 18.62 5.27 -12.86
C SER G 137 19.53 5.75 -13.98
N GLN G 138 18.99 6.62 -14.83
CA GLN G 138 19.79 7.26 -15.88
C GLN G 138 20.43 8.56 -15.41
N GLN G 139 20.07 9.03 -14.23
CA GLN G 139 20.54 10.33 -13.75
C GLN G 139 20.37 10.36 -12.23
N PHE G 140 21.15 11.21 -11.58
CA PHE G 140 21.07 11.32 -10.12
C PHE G 140 21.39 12.77 -9.76
N GLN G 141 20.35 13.58 -9.67
CA GLN G 141 20.49 14.98 -9.32
C GLN G 141 20.51 15.16 -7.81
N ILE G 142 21.02 16.31 -7.38
CA ILE G 142 20.80 16.83 -6.04
C ILE G 142 20.61 18.33 -6.17
N ASN G 143 19.59 18.87 -5.50
CA ASN G 143 19.34 20.30 -5.59
C ASN G 143 19.11 20.84 -4.18
N SER G 144 18.78 22.12 -4.12
CA SER G 144 18.27 22.71 -2.89
C SER G 144 16.75 22.76 -2.98
N ARG G 145 16.12 23.35 -1.97
CA ARG G 145 14.67 23.48 -1.98
C ARG G 145 14.20 24.40 -3.11
N GLU G 146 15.06 25.31 -3.55
CA GLU G 146 14.73 26.27 -4.59
C GLU G 146 15.02 25.76 -6.00
N GLY G 147 15.49 24.52 -6.14
CA GLY G 147 15.73 23.94 -7.44
C GLY G 147 17.11 24.17 -8.02
N LYS G 148 17.98 24.92 -7.33
CA LYS G 148 19.34 25.13 -7.81
C LYS G 148 20.13 23.83 -7.72
N SER G 149 20.77 23.46 -8.83
CA SER G 149 21.59 22.26 -8.86
C SER G 149 22.78 22.41 -7.91
N LEU G 150 23.15 21.30 -7.27
CA LEU G 150 24.15 21.35 -6.22
C LEU G 150 25.24 20.32 -6.46
N PHE G 151 24.84 19.16 -6.97
CA PHE G 151 25.72 18.06 -7.30
C PHE G 151 24.95 17.07 -8.17
N THR G 152 25.45 16.79 -9.36
CA THR G 152 24.74 15.89 -10.26
C THR G 152 25.74 14.94 -10.89
N VAL G 153 25.30 13.71 -11.15
CA VAL G 153 26.11 12.75 -11.88
C VAL G 153 25.26 12.21 -13.02
N ASP G 154 25.95 11.69 -14.04
CA ASP G 154 25.32 11.01 -15.15
C ASP G 154 26.39 10.20 -15.87
N GLU G 155 26.05 9.68 -17.04
CA GLU G 155 27.04 8.96 -17.83
C GLU G 155 28.00 9.87 -18.58
N GLU G 156 27.77 11.18 -18.54
CA GLU G 156 28.56 12.15 -19.30
C GLU G 156 29.64 12.82 -18.46
N GLU G 157 29.30 13.32 -17.29
CA GLU G 157 30.27 13.98 -16.42
C GLU G 157 29.77 13.92 -14.98
N VAL G 158 30.44 14.65 -14.10
CA VAL G 158 30.02 14.80 -12.72
C VAL G 158 30.05 16.28 -12.39
N VAL G 159 28.91 16.94 -12.48
CA VAL G 159 28.83 18.40 -12.35
C VAL G 159 28.73 18.75 -10.87
N VAL G 160 29.56 19.68 -10.43
CA VAL G 160 29.51 20.23 -9.08
C VAL G 160 29.24 21.72 -9.20
N GLY G 161 28.02 22.14 -8.89
CA GLY G 161 27.64 23.54 -9.02
C GLY G 161 28.01 24.42 -7.85
N THR G 162 28.60 23.86 -6.79
CA THR G 162 29.00 24.65 -5.65
C THR G 162 30.39 25.23 -5.87
N ASP G 163 30.90 25.96 -4.87
CA ASP G 163 32.16 26.65 -5.01
C ASP G 163 33.29 26.05 -4.18
N ARG G 164 33.07 24.95 -3.46
CA ARG G 164 34.14 24.32 -2.73
C ARG G 164 34.05 22.80 -2.84
N LEU G 165 35.20 22.14 -2.78
CA LEU G 165 35.32 20.69 -2.91
C LEU G 165 36.42 20.23 -1.98
N ARG G 166 36.07 19.85 -0.75
CA ARG G 166 37.06 19.46 0.24
C ARG G 166 37.19 17.94 0.27
N VAL G 167 38.43 17.45 0.23
CA VAL G 167 38.72 16.02 0.31
C VAL G 167 39.51 15.79 1.60
N THR G 168 38.94 15.02 2.51
CA THR G 168 39.44 14.92 3.87
C THR G 168 40.52 13.87 4.05
N GLY G 169 40.85 13.11 3.01
CA GLY G 169 41.80 12.03 3.11
C GLY G 169 43.19 12.50 3.55
N PRO G 170 43.75 11.84 4.57
CA PRO G 170 45.09 12.20 5.03
C PRO G 170 46.20 11.99 4.02
N GLU G 171 45.95 11.21 2.97
CA GLU G 171 46.97 11.06 1.94
C GLU G 171 47.11 12.32 1.11
N GLY G 172 45.99 12.90 0.69
CA GLY G 172 46.00 14.16 -0.01
C GLY G 172 45.81 14.01 -1.51
N ALA G 173 46.00 15.13 -2.19
CA ALA G 173 45.86 15.20 -3.63
C ALA G 173 47.13 14.72 -4.32
N LEU G 174 47.01 14.52 -5.63
CA LEU G 174 48.15 14.14 -6.46
C LEU G 174 47.91 14.75 -7.84
N PHE G 175 48.47 15.94 -8.06
CA PHE G 175 48.26 16.70 -9.30
C PHE G 175 49.41 16.41 -10.25
N GLU G 176 49.12 15.65 -11.31
CA GLU G 176 50.18 15.07 -12.13
C GLU G 176 50.89 16.08 -13.03
N HIS G 177 50.39 17.31 -13.11
CA HIS G 177 51.17 18.39 -13.72
C HIS G 177 50.72 19.70 -13.11
N SER G 178 51.07 20.81 -13.75
CA SER G 178 50.90 22.13 -13.17
C SER G 178 49.42 22.48 -13.00
N VAL G 179 49.17 23.40 -12.08
CA VAL G 179 47.83 23.75 -11.62
C VAL G 179 47.61 25.25 -11.84
N GLU G 180 46.55 25.59 -12.55
CA GLU G 180 46.23 26.98 -12.84
C GLU G 180 45.28 27.53 -11.79
N THR G 181 45.63 28.68 -11.22
CA THR G 181 44.80 29.33 -10.21
C THR G 181 45.23 30.78 -10.05
N PRO G 182 44.33 31.67 -9.63
CA PRO G 182 44.75 33.03 -9.21
C PRO G 182 44.96 33.20 -7.72
N LEU G 183 44.90 32.13 -6.92
CA LEU G 183 45.02 32.24 -5.48
C LEU G 183 45.29 30.90 -4.83
N VAL G 184 46.27 30.84 -3.93
CA VAL G 184 46.52 29.68 -3.10
C VAL G 184 46.64 30.15 -1.65
N THR G 185 46.07 29.37 -0.73
CA THR G 185 46.02 29.73 0.68
C THR G 185 45.82 28.47 1.49
N ALA G 186 45.42 28.63 2.75
CA ALA G 186 45.02 27.52 3.60
C ALA G 186 43.83 27.98 4.44
N ASP G 187 43.32 27.07 5.27
CA ASP G 187 42.25 27.41 6.19
C ASP G 187 42.77 28.41 7.23
N PRO G 188 41.87 29.20 7.84
CA PRO G 188 42.32 30.26 8.74
C PRO G 188 43.12 29.74 9.92
N PHE G 189 44.10 30.55 10.34
CA PHE G 189 44.99 30.23 11.45
C PHE G 189 45.73 28.90 11.22
N GLN G 190 46.28 28.75 10.02
CA GLN G 190 46.99 27.54 9.62
C GLN G 190 48.20 27.91 8.78
N ASP G 191 49.33 27.30 9.08
CA ASP G 191 50.55 27.58 8.34
C ASP G 191 50.50 26.97 6.95
N LEU G 192 51.35 27.49 6.06
CA LEU G 192 51.53 26.93 4.73
C LEU G 192 53.02 26.80 4.46
N ARG G 193 53.45 25.61 4.06
CA ARG G 193 54.83 25.33 3.74
C ARG G 193 54.96 24.94 2.28
N LEU G 194 55.86 25.59 1.57
CA LEU G 194 56.14 25.29 0.16
C LEU G 194 57.49 24.61 0.12
N GLU G 195 57.50 23.29 0.34
CA GLU G 195 58.75 22.54 0.40
C GLU G 195 59.11 22.00 -0.97
N SER G 196 60.41 21.88 -1.21
CA SER G 196 60.96 21.25 -2.42
C SER G 196 61.92 20.19 -1.92
N PRO G 197 61.41 19.07 -1.38
CA PRO G 197 62.25 18.19 -0.55
C PRO G 197 63.41 17.54 -1.27
N THR G 198 63.43 17.55 -2.60
CA THR G 198 64.51 16.89 -3.31
C THR G 198 65.07 17.67 -4.50
N ARG G 199 64.51 18.82 -4.84
CA ARG G 199 65.01 19.62 -5.95
C ARG G 199 65.00 21.09 -5.55
N SER G 200 65.23 21.96 -6.52
CA SER G 200 65.33 23.39 -6.24
C SER G 200 63.98 24.07 -6.44
N LEU G 201 63.94 25.38 -6.23
CA LEU G 201 62.72 26.16 -6.33
C LEU G 201 63.04 27.53 -6.90
N SER G 202 62.09 28.09 -7.64
CA SER G 202 62.25 29.41 -8.24
C SER G 202 60.98 30.22 -8.05
N MET G 203 61.14 31.55 -8.10
CA MET G 203 60.02 32.48 -8.04
C MET G 203 60.22 33.50 -9.15
N ASP G 204 59.35 33.47 -10.16
CA ASP G 204 59.56 34.20 -11.41
C ASP G 204 58.33 35.05 -11.72
N ALA G 205 58.55 36.34 -11.93
CA ALA G 205 57.44 37.21 -12.32
C ALA G 205 57.93 38.34 -13.22
N PRO G 206 57.42 38.43 -14.45
CA PRO G 206 57.85 39.51 -15.36
C PRO G 206 57.49 40.91 -14.86
N ARG G 207 56.52 41.04 -13.95
CA ARG G 207 56.15 42.34 -13.42
C ARG G 207 56.71 42.60 -12.02
N GLY G 208 57.19 41.56 -11.34
CA GLY G 208 57.82 41.75 -10.04
C GLY G 208 57.25 40.89 -8.93
N VAL G 209 58.06 40.61 -7.92
CA VAL G 209 57.67 39.80 -6.77
C VAL G 209 57.80 40.65 -5.52
N HIS G 210 56.75 40.69 -4.71
CA HIS G 210 56.71 41.51 -3.50
C HIS G 210 56.40 40.61 -2.31
N ILE G 211 57.46 40.15 -1.63
CA ILE G 211 57.30 39.33 -0.43
C ILE G 211 56.92 40.24 0.73
N GLU G 212 55.84 39.89 1.44
CA GLU G 212 55.30 40.73 2.49
C GLU G 212 55.12 39.96 3.77
N ALA G 213 55.61 40.53 4.88
CA ALA G 213 55.22 40.11 6.23
C ALA G 213 54.99 41.41 7.01
N HIS G 214 53.78 41.95 6.92
CA HIS G 214 53.53 43.28 7.44
C HIS G 214 53.60 43.31 8.97
N ALA G 215 53.15 42.25 9.64
CA ALA G 215 53.24 42.15 11.08
C ALA G 215 54.27 41.14 11.55
N GLY G 216 55.01 40.52 10.64
CA GLY G 216 55.97 39.52 11.01
C GLY G 216 57.38 39.83 10.53
N GLU G 217 58.18 38.79 10.31
CA GLU G 217 59.58 38.94 9.94
C GLU G 217 59.90 38.02 8.78
N VAL G 218 60.90 38.40 7.99
CA VAL G 218 61.38 37.57 6.90
C VAL G 218 62.65 36.90 7.35
N GLU G 219 62.63 35.57 7.40
CA GLU G 219 63.76 34.76 7.83
C GLU G 219 64.36 34.08 6.61
N ALA G 220 65.65 34.31 6.37
CA ALA G 220 66.31 33.76 5.19
C ALA G 220 67.71 33.28 5.60
N LEU G 221 67.81 32.02 5.98
CA LEU G 221 69.09 31.40 6.27
C LEU G 221 69.37 30.33 5.22
N SER G 222 70.62 30.25 4.80
CA SER G 222 71.04 29.28 3.80
C SER G 222 72.37 28.67 4.21
N GLN G 223 72.53 27.39 3.89
CA GLN G 223 73.74 26.65 4.24
C GLN G 223 74.93 27.01 3.35
N MET G 224 74.70 27.80 2.31
CA MET G 224 75.75 28.11 1.33
C MET G 224 75.83 29.60 1.06
N ASP G 225 76.55 29.98 0.02
CA ASP G 225 76.63 31.38 -0.39
C ASP G 225 75.26 31.91 -0.78
N ILE G 226 75.02 33.18 -0.49
CA ILE G 226 73.78 33.86 -0.84
C ILE G 226 74.12 34.98 -1.80
N VAL G 227 73.42 35.03 -2.93
CA VAL G 227 73.72 35.94 -4.03
C VAL G 227 72.62 36.97 -4.14
N LEU G 228 72.92 38.21 -3.77
CA LEU G 228 72.00 39.34 -3.96
C LEU G 228 72.40 40.02 -5.27
N HIS G 229 72.10 39.33 -6.38
CA HIS G 229 72.61 39.71 -7.69
C HIS G 229 71.65 40.67 -8.37
N SER G 230 71.84 41.97 -8.11
CA SER G 230 71.23 43.00 -8.94
C SER G 230 72.13 43.18 -10.16
N SER G 231 71.60 42.83 -11.33
CA SER G 231 72.44 42.75 -12.53
C SER G 231 73.09 44.08 -12.85
N ASP G 232 72.30 45.09 -13.20
CA ASP G 232 72.82 46.44 -13.40
C ASP G 232 72.00 47.48 -12.65
N GLY G 233 71.09 47.07 -11.77
CA GLY G 233 70.21 47.97 -11.07
C GLY G 233 70.74 48.41 -9.73
N THR G 234 69.82 48.92 -8.90
CA THR G 234 70.15 49.46 -7.59
C THR G 234 69.65 48.53 -6.49
N LEU G 235 70.14 48.78 -5.27
CA LEU G 235 69.80 47.97 -4.09
C LEU G 235 69.58 48.93 -2.92
N VAL G 236 68.33 49.33 -2.71
CA VAL G 236 67.96 50.20 -1.59
C VAL G 236 67.66 49.32 -0.39
N LEU G 237 68.36 49.59 0.73
CA LEU G 237 68.18 48.82 1.96
C LEU G 237 67.63 49.76 3.03
N ASP G 238 66.32 49.69 3.25
CA ASP G 238 65.59 50.62 4.10
C ASP G 238 65.34 50.01 5.48
N ALA G 239 66.18 50.35 6.46
CA ALA G 239 66.04 49.85 7.83
C ALA G 239 66.57 50.85 8.84
N GLU G 240 65.97 50.84 10.05
CA GLU G 240 66.45 51.70 11.13
C GLU G 240 67.85 51.30 11.57
N THR G 241 68.11 50.01 11.61
CA THR G 241 69.38 49.48 12.09
C THR G 241 69.89 48.43 11.11
N VAL G 242 71.19 48.46 10.87
CA VAL G 242 71.88 47.43 10.12
C VAL G 242 72.95 46.84 11.03
N CYS G 243 72.89 45.53 11.23
CA CYS G 243 73.80 44.83 12.12
C CYS G 243 74.73 43.95 11.30
N LEU G 244 76.04 44.15 11.47
CA LEU G 244 77.07 43.35 10.79
C LEU G 244 78.03 42.82 11.85
N PRO G 245 77.64 41.80 12.60
CA PRO G 245 78.49 41.29 13.67
C PRO G 245 79.53 40.25 13.25
N LYS G 246 79.56 39.87 11.97
CA LYS G 246 80.43 38.79 11.54
C LYS G 246 81.42 39.27 10.48
N LEU G 247 82.03 40.43 10.72
CA LEU G 247 83.06 40.96 9.84
C LEU G 247 84.44 40.50 10.31
N LEU G 248 85.36 40.39 9.36
CA LEU G 248 86.74 40.07 9.70
C LEU G 248 87.41 41.30 10.29
N GLN G 249 88.23 41.08 11.32
CA GLN G 249 88.87 42.16 12.04
C GLN G 249 90.23 42.49 11.43
N GLY G 250 90.44 43.76 11.12
CA GLY G 250 91.67 44.22 10.49
C GLY G 250 92.53 45.02 11.45
N THR G 251 93.85 44.91 11.26
CA THR G 251 94.83 45.57 12.13
C THR G 251 95.47 46.71 11.36
N GLN G 252 95.25 47.94 11.84
CA GLN G 252 95.83 49.10 11.18
C GLN G 252 97.35 49.12 11.36
N ALA G 253 98.06 49.32 10.25
CA ALA G 253 99.51 49.42 10.29
C ALA G 253 99.98 50.25 9.10
N ALA G 254 101.18 50.80 9.24
CA ALA G 254 101.77 51.57 8.14
C ALA G 254 102.09 50.68 6.94
N SER G 255 102.55 49.46 7.21
CA SER G 255 102.85 48.52 6.14
C SER G 255 101.57 48.07 5.44
N GLY G 256 101.67 47.89 4.13
CA GLY G 256 100.56 47.40 3.32
C GLY G 256 100.82 45.96 2.89
N SER G 257 99.87 45.09 3.20
CA SER G 257 99.99 43.68 2.84
C SER G 257 100.04 43.51 1.33
N SER G 258 99.18 44.21 0.61
CA SER G 258 99.14 44.16 -0.84
C SER G 258 98.46 45.42 -1.35
N GLN G 259 98.13 45.44 -2.64
CA GLN G 259 97.42 46.55 -3.26
C GLN G 259 95.95 46.21 -3.39
N GLY G 260 95.20 47.08 -4.06
CA GLY G 260 93.77 46.87 -4.23
C GLY G 260 92.94 47.17 -3.01
N LEU G 261 93.52 47.80 -1.99
CA LEU G 261 92.79 48.12 -0.77
C LEU G 261 92.04 49.43 -0.96
N TYR G 262 90.77 49.44 -0.56
CA TYR G 262 89.92 50.62 -0.74
C TYR G 262 89.09 50.83 0.53
N GLU G 263 88.42 51.97 0.56
CA GLU G 263 87.51 52.31 1.65
C GLU G 263 86.16 52.70 1.07
N ILE G 264 85.12 52.47 1.85
CA ILE G 264 83.74 52.62 1.39
C ILE G 264 83.30 54.06 1.65
N CYS G 265 82.65 54.66 0.64
CA CYS G 265 82.30 56.07 0.66
C CYS G 265 80.83 56.20 0.25
N VAL G 266 80.16 57.20 0.80
CA VAL G 266 78.72 57.36 0.62
C VAL G 266 78.43 58.69 -0.05
N CYS G 267 77.69 58.64 -1.16
CA CYS G 267 77.16 59.86 -1.77
C CYS G 267 75.99 60.40 -0.95
N PRO G 268 75.72 61.70 -1.03
CA PRO G 268 74.62 62.27 -0.23
C PRO G 268 73.25 61.71 -0.57
N ASP G 269 73.05 61.16 -1.76
CA ASP G 269 71.76 60.61 -2.16
C ASP G 269 71.61 59.14 -1.78
N GLY G 270 72.62 58.53 -1.16
CA GLY G 270 72.59 57.12 -0.84
C GLY G 270 73.42 56.25 -1.76
N LYS G 271 74.00 56.82 -2.82
CA LYS G 271 74.85 56.04 -3.70
C LYS G 271 76.15 55.67 -2.99
N LEU G 272 76.54 54.40 -3.10
CA LEU G 272 77.71 53.89 -2.42
C LEU G 272 78.82 53.59 -3.42
N TYR G 273 80.04 54.02 -3.09
CA TYR G 273 81.18 53.84 -3.97
C TYR G 273 82.41 53.59 -3.10
N LEU G 274 83.59 53.63 -3.72
CA LEU G 274 84.83 53.37 -3.02
C LEU G 274 85.87 54.41 -3.39
N SER G 275 86.83 54.59 -2.48
CA SER G 275 87.98 55.46 -2.69
C SER G 275 89.24 54.69 -2.34
N VAL G 276 90.37 55.17 -2.85
CA VAL G 276 91.64 54.48 -2.64
C VAL G 276 92.06 54.61 -1.19
N ALA G 277 92.41 53.49 -0.57
CA ALA G 277 92.80 53.50 0.83
C ALA G 277 94.17 54.16 1.01
N GLY G 278 94.32 54.92 2.08
CA GLY G 278 95.57 55.58 2.40
C GLY G 278 95.83 55.66 3.88
N ALA G 279 96.75 56.52 4.30
CA ALA G 279 97.00 56.72 5.72
C ALA G 279 95.79 57.34 6.40
N GLY G 280 95.17 58.32 5.77
CA GLY G 280 93.95 58.92 6.25
C GLY G 280 92.75 58.60 5.36
N THR G 281 91.69 59.35 5.57
CA THR G 281 90.48 59.18 4.78
C THR G 281 90.66 59.78 3.38
N THR G 282 90.04 59.15 2.39
CA THR G 282 90.09 59.64 1.03
C THR G 282 88.71 59.71 0.38
N CYS G 283 87.63 59.56 1.16
CA CYS G 283 86.29 59.75 0.63
C CYS G 283 86.08 61.18 0.15
N GLN G 284 86.54 62.16 0.93
CA GLN G 284 86.30 63.56 0.58
C GLN G 284 87.03 63.96 -0.69
N GLU G 285 88.17 63.33 -0.98
CA GLU G 285 88.95 63.67 -2.16
C GLU G 285 88.36 63.10 -3.44
N HIS G 286 87.39 62.18 -3.36
CA HIS G 286 86.91 61.47 -4.53
C HIS G 286 85.41 61.67 -4.74
N SER G 287 84.95 62.93 -4.66
CA SER G 287 83.53 63.25 -4.76
C SER G 287 83.07 63.54 -6.18
N HIS G 288 83.76 62.98 -7.19
CA HIS G 288 83.34 63.22 -8.57
C HIS G 288 82.11 62.40 -8.93
N ILE G 289 82.05 61.16 -8.46
CA ILE G 289 80.95 60.27 -8.84
C ILE G 289 79.63 60.75 -8.26
N CYS G 290 79.65 61.35 -7.07
CA CYS G 290 78.43 61.87 -6.48
C CYS G 290 77.93 63.06 -7.28
N LEU G 291 76.66 63.03 -7.65
CA LEU G 291 76.08 64.08 -8.49
C LEU G 291 74.68 64.45 -8.01
N CYS H 42 -56.09 -53.40 26.80
CA CYS H 42 -56.21 -51.97 26.54
C CYS H 42 -55.44 -51.56 25.30
N CYS H 43 -56.17 -51.27 24.21
CA CYS H 43 -55.54 -50.93 22.95
C CYS H 43 -54.74 -49.63 23.05
N GLY H 44 -55.26 -48.64 23.79
CA GLY H 44 -54.54 -47.41 23.98
C GLY H 44 -53.46 -47.45 25.03
N CYS H 45 -53.25 -48.59 25.68
CA CYS H 45 -52.26 -48.71 26.75
C CYS H 45 -50.99 -49.44 26.33
N ARG H 46 -51.09 -50.49 25.50
CA ARG H 46 -49.88 -51.18 25.08
C ARG H 46 -49.16 -50.47 23.94
N PHE H 47 -49.84 -49.55 23.25
CA PHE H 47 -49.18 -48.78 22.20
C PHE H 47 -48.04 -47.90 22.75
N PRO H 48 -48.20 -47.16 23.85
CA PRO H 48 -47.02 -46.48 24.42
C PRO H 48 -45.91 -47.43 24.81
N LEU H 49 -46.24 -48.65 25.26
CA LEU H 49 -45.19 -49.60 25.63
C LEU H 49 -44.39 -50.06 24.42
N LEU H 50 -45.08 -50.42 23.33
CA LEU H 50 -44.37 -50.85 22.13
C LEU H 50 -43.58 -49.70 21.52
N LEU H 51 -44.13 -48.49 21.53
CA LEU H 51 -43.39 -47.33 21.05
C LEU H 51 -42.15 -47.08 21.91
N ALA H 52 -42.29 -47.24 23.23
CA ALA H 52 -41.17 -47.03 24.13
C ALA H 52 -40.05 -48.04 23.89
N LEU H 53 -40.41 -49.31 23.70
CA LEU H 53 -39.37 -50.31 23.46
C LEU H 53 -38.72 -50.13 22.09
N LEU H 54 -39.51 -49.76 21.08
CA LEU H 54 -38.94 -49.45 19.78
C LEU H 54 -37.97 -48.28 19.86
N GLN H 55 -38.34 -47.23 20.60
CA GLN H 55 -37.45 -46.10 20.77
C GLN H 55 -36.23 -46.47 21.61
N LEU H 56 -36.38 -47.41 22.54
CA LEU H 56 -35.23 -47.94 23.28
C LEU H 56 -34.23 -48.58 22.33
N ALA H 57 -34.73 -49.45 21.44
CA ALA H 57 -33.84 -50.09 20.47
C ALA H 57 -33.18 -49.08 19.56
N LEU H 58 -33.95 -48.09 19.10
CA LEU H 58 -33.39 -47.05 18.23
C LEU H 58 -32.32 -46.25 18.96
N GLY H 59 -32.56 -45.88 20.22
CA GLY H 59 -31.57 -45.13 20.97
C GLY H 59 -30.32 -45.93 21.26
N VAL H 60 -30.47 -47.23 21.52
CA VAL H 60 -29.31 -48.10 21.72
C VAL H 60 -28.48 -48.16 20.45
N ALA H 61 -29.14 -48.30 19.30
CA ALA H 61 -28.41 -48.31 18.03
C ALA H 61 -27.72 -46.98 17.78
N VAL H 62 -28.39 -45.86 18.09
CA VAL H 62 -27.81 -44.54 17.90
C VAL H 62 -26.56 -44.37 18.77
N THR H 63 -26.65 -44.78 20.04
CA THR H 63 -25.51 -44.65 20.95
C THR H 63 -24.35 -45.53 20.49
N VAL H 64 -24.65 -46.74 20.01
CA VAL H 64 -23.59 -47.63 19.53
C VAL H 64 -22.90 -47.03 18.31
N VAL H 65 -23.68 -46.49 17.37
CA VAL H 65 -23.10 -45.88 16.18
C VAL H 65 -22.27 -44.65 16.55
N GLY H 66 -22.76 -43.85 17.50
CA GLY H 66 -22.01 -42.68 17.93
C GLY H 66 -20.70 -43.04 18.60
N PHE H 67 -20.71 -44.08 19.43
CA PHE H 67 -19.46 -44.52 20.06
C PHE H 67 -18.50 -45.11 19.04
N LEU H 68 -19.02 -45.79 18.01
CA LEU H 68 -18.17 -46.27 16.93
C LEU H 68 -17.53 -45.09 16.18
N MET H 69 -18.31 -44.04 15.93
CA MET H 69 -17.77 -42.85 15.29
C MET H 69 -16.70 -42.19 16.15
N ALA H 70 -16.93 -42.15 17.47
CA ALA H 70 -15.92 -41.62 18.38
C ALA H 70 -14.67 -42.49 18.40
N SER H 71 -14.82 -43.80 18.19
CA SER H 71 -13.68 -44.69 18.10
C SER H 71 -12.99 -44.64 16.75
N VAL H 72 -13.62 -44.06 15.73
CA VAL H 72 -12.98 -43.93 14.42
C VAL H 72 -11.74 -43.05 14.53
N SER H 73 -11.86 -41.89 15.19
CA SER H 73 -10.74 -40.98 15.35
C SER H 73 -10.91 -40.21 16.65
N SER H 74 -9.81 -39.65 17.14
CA SER H 74 -9.79 -39.00 18.44
C SER H 74 -9.88 -37.48 18.38
N SER H 75 -9.45 -36.86 17.29
CA SER H 75 -9.44 -35.40 17.20
C SER H 75 -10.82 -34.80 16.99
N LEU H 76 -11.84 -35.62 16.75
CA LEU H 76 -13.17 -35.09 16.48
C LEU H 76 -13.82 -34.55 17.75
N LEU H 77 -14.82 -33.69 17.56
CA LEU H 77 -15.44 -32.97 18.65
C LEU H 77 -16.76 -33.62 19.07
N VAL H 78 -17.29 -33.15 20.20
CA VAL H 78 -18.59 -33.63 20.67
C VAL H 78 -19.70 -33.15 19.74
N ARG H 79 -19.57 -31.93 19.20
CA ARG H 79 -20.54 -31.41 18.25
C ARG H 79 -20.61 -32.27 16.99
N ALA H 80 -19.51 -32.93 16.63
CA ALA H 80 -19.47 -33.70 15.39
C ALA H 80 -20.37 -34.93 15.47
N THR H 81 -20.27 -35.69 16.57
CA THR H 81 -21.05 -36.91 16.69
C THR H 81 -22.17 -36.75 17.71
N PRO H 82 -23.40 -37.13 17.36
CA PRO H 82 -24.54 -36.99 18.28
C PRO H 82 -24.72 -38.19 19.21
N TYR H 83 -23.61 -38.64 19.82
CA TYR H 83 -23.74 -39.66 20.85
C TYR H 83 -24.30 -39.06 22.13
N TRP H 84 -24.04 -37.77 22.36
CA TRP H 84 -24.71 -37.05 23.44
C TRP H 84 -26.21 -36.99 23.19
N ALA H 85 -26.61 -36.79 21.93
CA ALA H 85 -28.03 -36.83 21.58
C ALA H 85 -28.61 -38.22 21.83
N GLY H 86 -27.84 -39.27 21.51
CA GLY H 86 -28.30 -40.62 21.82
C GLY H 86 -28.46 -40.86 23.31
N ILE H 87 -27.54 -40.33 24.11
CA ILE H 87 -27.65 -40.44 25.56
C ILE H 87 -28.90 -39.72 26.05
N ILE H 88 -29.16 -38.52 25.51
CA ILE H 88 -30.33 -37.75 25.93
C ILE H 88 -31.62 -38.49 25.57
N VAL H 89 -31.71 -39.03 24.35
CA VAL H 89 -32.94 -39.69 23.95
C VAL H 89 -33.10 -41.02 24.69
N CYS H 90 -31.99 -41.64 25.11
CA CYS H 90 -32.10 -42.82 25.97
C CYS H 90 -32.60 -42.46 27.35
N VAL H 91 -32.20 -41.30 27.89
CA VAL H 91 -32.76 -40.82 29.15
C VAL H 91 -34.25 -40.53 28.98
N VAL H 92 -34.63 -39.99 27.82
CA VAL H 92 -36.04 -39.79 27.49
C VAL H 92 -36.79 -41.12 27.53
N ALA H 93 -36.22 -42.16 26.93
CA ALA H 93 -36.83 -43.49 26.97
C ALA H 93 -36.93 -44.01 28.40
N TYR H 94 -35.90 -43.75 29.21
CA TYR H 94 -35.90 -44.18 30.61
C TYR H 94 -37.05 -43.53 31.38
N LEU H 95 -37.23 -42.22 31.22
CA LEU H 95 -38.28 -41.54 31.97
C LEU H 95 -39.65 -41.96 31.45
N GLY H 96 -39.78 -42.18 30.14
CA GLY H 96 -41.02 -42.69 29.60
C GLY H 96 -41.37 -44.06 30.13
N LEU H 97 -40.37 -44.93 30.25
CA LEU H 97 -40.60 -46.25 30.85
C LEU H 97 -41.03 -46.14 32.29
N PHE H 98 -40.39 -45.24 33.06
CA PHE H 98 -40.77 -45.06 34.45
C PHE H 98 -42.21 -44.57 34.58
N MET H 99 -42.59 -43.60 33.73
CA MET H 99 -43.95 -43.09 33.76
C MET H 99 -44.96 -44.17 33.37
N LEU H 100 -44.64 -44.98 32.36
CA LEU H 100 -45.52 -46.06 31.94
C LEU H 100 -45.66 -47.11 33.04
N CYS H 101 -44.56 -47.41 33.74
CA CYS H 101 -44.63 -48.37 34.83
C CYS H 101 -45.48 -47.83 35.98
N VAL H 102 -45.38 -46.54 36.27
CA VAL H 102 -46.22 -45.95 37.29
C VAL H 102 -47.69 -45.98 36.88
N SER H 103 -47.97 -45.67 35.61
CA SER H 103 -49.35 -45.58 35.15
C SER H 103 -50.02 -46.95 35.04
N TYR H 104 -49.26 -47.98 34.64
CA TYR H 104 -49.83 -49.32 34.54
C TYR H 104 -50.27 -49.84 35.90
N GLN H 105 -49.45 -49.61 36.93
CA GLN H 105 -49.87 -49.85 38.29
C GLN H 105 -50.92 -48.82 38.70
N VAL H 106 -51.72 -49.15 39.71
CA VAL H 106 -52.79 -48.27 40.16
C VAL H 106 -52.17 -46.99 40.70
N ASP H 107 -52.30 -45.92 39.90
CA ASP H 107 -51.66 -44.63 40.28
C ASP H 107 -52.24 -44.09 41.57
N GLU H 108 -51.39 -43.48 42.41
CA GLU H 108 -51.84 -42.87 43.65
C GLU H 108 -52.73 -41.67 43.38
N ARG H 109 -52.36 -40.84 42.41
CA ARG H 109 -53.12 -39.63 42.10
C ARG H 109 -53.33 -39.55 40.59
N THR H 110 -54.53 -39.11 40.19
CA THR H 110 -54.74 -38.77 38.79
C THR H 110 -54.04 -37.48 38.41
N CYS H 111 -53.79 -36.61 39.41
CA CYS H 111 -53.03 -35.39 39.17
C CYS H 111 -51.63 -35.71 38.67
N ILE H 112 -50.96 -36.64 39.34
CA ILE H 112 -49.67 -37.14 38.90
C ILE H 112 -49.79 -37.74 37.50
N GLN H 113 -50.93 -38.38 37.22
CA GLN H 113 -51.11 -39.06 35.95
C GLN H 113 -51.12 -38.05 34.79
N PHE H 114 -51.94 -36.99 34.89
CA PHE H 114 -51.95 -36.12 33.72
C PHE H 114 -50.74 -35.20 33.70
N SER H 115 -50.13 -34.91 34.87
CA SER H 115 -48.86 -34.21 34.86
C SER H 115 -47.79 -35.03 34.14
N MET H 116 -47.76 -36.34 34.40
CA MET H 116 -46.82 -37.22 33.72
C MET H 116 -47.14 -37.37 32.24
N LYS H 117 -48.42 -37.35 31.87
CA LYS H 117 -48.75 -37.41 30.45
C LYS H 117 -48.32 -36.14 29.72
N LEU H 118 -48.49 -34.98 30.36
CA LEU H 118 -47.99 -33.74 29.79
C LEU H 118 -46.46 -33.77 29.66
N LEU H 119 -45.79 -34.31 30.69
CA LEU H 119 -44.35 -34.48 30.60
C LEU H 119 -43.97 -35.44 29.48
N TYR H 120 -44.78 -36.48 29.25
CA TYR H 120 -44.52 -37.42 28.16
C TYR H 120 -44.62 -36.73 26.81
N PHE H 121 -45.63 -35.88 26.63
CA PHE H 121 -45.75 -35.10 25.41
C PHE H 121 -44.55 -34.17 25.22
N VAL H 122 -44.13 -33.52 26.32
CA VAL H 122 -42.99 -32.62 26.26
C VAL H 122 -41.72 -33.35 25.86
N LEU H 123 -41.48 -34.52 26.47
CA LEU H 123 -40.26 -35.27 26.13
C LEU H 123 -40.32 -35.87 24.74
N SER H 124 -41.51 -36.24 24.25
CA SER H 124 -41.62 -36.69 22.87
C SER H 124 -41.25 -35.57 21.92
N ALA H 125 -41.74 -34.36 22.19
CA ALA H 125 -41.34 -33.21 21.37
C ALA H 125 -39.85 -32.93 21.46
N LEU H 126 -39.28 -33.06 22.66
CA LEU H 126 -37.85 -32.84 22.84
C LEU H 126 -37.01 -33.87 22.09
N GLY H 127 -37.43 -35.13 22.15
CA GLY H 127 -36.74 -36.15 21.36
C GLY H 127 -36.85 -35.89 19.88
N LEU H 128 -38.01 -35.41 19.43
CA LEU H 128 -38.18 -35.05 18.02
C LEU H 128 -37.21 -33.94 17.62
N VAL H 129 -37.14 -32.86 18.42
CA VAL H 129 -36.28 -31.74 18.04
C VAL H 129 -34.81 -32.13 18.11
N VAL H 130 -34.42 -32.95 19.09
CA VAL H 130 -33.03 -33.38 19.19
C VAL H 130 -32.66 -34.28 18.02
N CYS H 131 -33.55 -35.20 17.64
CA CYS H 131 -33.28 -36.06 16.49
C CYS H 131 -33.21 -35.25 15.20
N VAL H 132 -34.05 -34.22 15.07
CA VAL H 132 -33.98 -33.35 13.89
C VAL H 132 -32.63 -32.63 13.84
N LEU H 133 -32.18 -32.11 14.98
CA LEU H 133 -30.87 -31.44 15.02
C LEU H 133 -29.75 -32.42 14.67
N ALA H 134 -29.84 -33.66 15.15
CA ALA H 134 -28.85 -34.67 14.81
C ALA H 134 -28.87 -34.98 13.32
N VAL H 135 -30.06 -35.07 12.73
CA VAL H 135 -30.19 -35.29 11.29
C VAL H 135 -29.50 -34.18 10.53
N ALA H 136 -29.76 -32.93 10.92
CA ALA H 136 -29.17 -31.79 10.21
C ALA H 136 -27.66 -31.79 10.33
N PHE H 137 -27.13 -32.02 11.54
CA PHE H 137 -25.68 -32.03 11.72
C PHE H 137 -25.02 -33.17 10.96
N ALA H 138 -25.63 -34.36 10.97
CA ALA H 138 -25.07 -35.48 10.22
C ALA H 138 -25.08 -35.22 8.73
N ALA H 139 -26.17 -34.66 8.21
CA ALA H 139 -26.25 -34.34 6.79
C ALA H 139 -25.20 -33.30 6.42
N HIS H 140 -25.03 -32.27 7.25
CA HIS H 140 -24.02 -31.26 6.96
C HIS H 140 -22.61 -31.84 6.99
N HIS H 141 -22.32 -32.71 7.96
CA HIS H 141 -20.99 -33.30 8.05
C HIS H 141 -20.72 -34.20 6.85
N TYR H 142 -21.73 -34.97 6.40
CA TYR H 142 -21.55 -35.79 5.22
C TYR H 142 -21.34 -34.93 3.97
N SER H 143 -22.10 -33.84 3.85
CA SER H 143 -21.93 -32.94 2.71
C SER H 143 -20.54 -32.31 2.72
N LEU H 144 -20.01 -32.02 3.92
CA LEU H 144 -18.63 -31.55 4.01
C LEU H 144 -17.65 -32.62 3.55
N LEU H 145 -17.77 -33.83 4.11
CA LEU H 145 -16.82 -34.89 3.82
C LEU H 145 -16.86 -35.34 2.37
N THR H 146 -17.95 -35.08 1.66
CA THR H 146 -17.99 -35.37 0.23
C THR H 146 -17.06 -34.48 -0.57
N HIS H 147 -16.60 -33.36 -0.01
CA HIS H 147 -15.83 -32.37 -0.76
C HIS H 147 -14.50 -32.04 -0.07
N LEU H 148 -13.82 -33.05 0.45
CA LEU H 148 -12.45 -32.90 0.92
C LEU H 148 -11.55 -33.93 0.25
N THR H 149 -10.32 -33.52 -0.06
CA THR H 149 -9.29 -34.40 -0.58
C THR H 149 -8.25 -34.59 0.51
N CYS H 150 -8.00 -35.84 0.88
CA CYS H 150 -7.22 -36.14 2.07
C CYS H 150 -6.02 -37.01 1.72
N GLU H 151 -4.95 -36.86 2.51
CA GLU H 151 -3.72 -37.60 2.29
C GLU H 151 -3.21 -38.13 3.63
N ASN H 152 -2.39 -39.18 3.55
CA ASN H 152 -1.90 -39.86 4.73
C ASN H 152 -0.67 -39.15 5.30
N ALA H 153 -0.76 -38.73 6.55
CA ALA H 153 0.27 -38.07 7.30
C ALA H 153 0.75 -39.03 8.40
N PRO H 154 1.95 -38.80 9.01
CA PRO H 154 2.41 -39.73 10.05
C PRO H 154 1.42 -39.88 11.20
N ASP H 155 0.93 -41.12 11.36
CA ASP H 155 -0.16 -41.52 12.25
C ASP H 155 -1.33 -40.55 12.25
N SER H 156 -1.65 -39.98 11.08
CA SER H 156 -2.73 -39.01 10.99
C SER H 156 -3.16 -38.86 9.52
N CYS H 157 -4.13 -37.99 9.31
CA CYS H 157 -4.60 -37.64 7.98
C CYS H 157 -4.66 -36.13 7.86
N GLN H 158 -4.29 -35.61 6.69
CA GLN H 158 -4.41 -34.19 6.38
C GLN H 158 -5.39 -34.05 5.23
N CYS H 159 -6.57 -33.54 5.53
CA CYS H 159 -7.66 -33.40 4.56
C CYS H 159 -7.77 -31.92 4.23
N LYS H 160 -7.44 -31.55 2.99
CA LYS H 160 -7.55 -30.18 2.53
C LYS H 160 -8.56 -30.08 1.40
N LEU H 161 -9.00 -28.85 1.14
CA LEU H 161 -9.99 -28.56 0.12
C LEU H 161 -9.36 -27.82 -1.06
N PRO H 162 -9.73 -28.19 -2.28
CA PRO H 162 -9.21 -27.47 -3.45
C PRO H 162 -9.68 -26.02 -3.46
N SER H 163 -8.81 -25.14 -3.94
CA SER H 163 -9.10 -23.71 -4.00
C SER H 163 -8.59 -23.15 -5.31
N SER H 164 -9.20 -22.04 -5.73
CA SER H 164 -8.69 -21.32 -6.90
C SER H 164 -7.30 -20.75 -6.62
N GLU H 165 -7.13 -20.11 -5.47
CA GLU H 165 -5.82 -19.67 -5.05
C GLU H 165 -5.00 -20.87 -4.60
N PRO H 166 -3.66 -20.81 -4.74
CA PRO H 166 -2.83 -21.94 -4.29
C PRO H 166 -2.94 -22.23 -2.81
N LEU H 167 -3.26 -21.24 -2.00
CA LEU H 167 -3.47 -21.46 -0.58
C LEU H 167 -4.79 -22.19 -0.34
N SER H 168 -4.87 -22.90 0.78
CA SER H 168 -6.06 -23.67 1.10
C SER H 168 -6.11 -23.92 2.60
N ARG H 169 -7.29 -24.26 3.09
CA ARG H 169 -7.49 -24.60 4.49
C ARG H 169 -7.54 -26.12 4.62
N THR H 170 -6.77 -26.65 5.57
CA THR H 170 -6.68 -28.08 5.79
C THR H 170 -7.12 -28.43 7.22
N PHE H 171 -7.33 -29.72 7.44
CA PHE H 171 -7.71 -30.24 8.74
C PHE H 171 -6.87 -31.47 9.03
N VAL H 172 -6.55 -31.69 10.31
CA VAL H 172 -5.71 -32.80 10.73
C VAL H 172 -6.55 -33.73 11.59
N TYR H 173 -6.61 -35.00 11.19
CA TYR H 173 -7.28 -36.06 11.95
C TYR H 173 -6.20 -36.96 12.52
N ARG H 174 -5.94 -36.83 13.82
CA ARG H 174 -4.86 -37.57 14.45
C ARG H 174 -5.30 -38.99 14.78
N ASP H 175 -4.30 -39.83 15.08
CA ASP H 175 -4.51 -41.23 15.46
C ASP H 175 -5.24 -42.01 14.37
N VAL H 176 -4.97 -41.66 13.12
CA VAL H 176 -5.57 -42.31 11.97
C VAL H 176 -4.43 -42.82 11.08
N THR H 177 -4.31 -44.15 10.96
CA THR H 177 -3.24 -44.72 10.17
C THR H 177 -3.45 -44.45 8.68
N ASP H 178 -4.65 -44.71 8.18
CA ASP H 178 -4.97 -44.51 6.77
C ASP H 178 -6.28 -43.75 6.65
N CYS H 179 -6.35 -42.84 5.68
CA CYS H 179 -7.53 -42.00 5.50
C CYS H 179 -8.74 -42.76 4.98
N THR H 180 -8.57 -44.03 4.58
CA THR H 180 -9.71 -44.83 4.12
C THR H 180 -10.75 -44.97 5.23
N SER H 181 -10.29 -45.08 6.48
CA SER H 181 -11.22 -45.13 7.61
C SER H 181 -12.10 -43.89 7.68
N ILE H 182 -11.60 -42.75 7.20
CA ILE H 182 -12.43 -41.56 7.11
C ILE H 182 -13.32 -41.60 5.87
N THR H 183 -12.83 -42.17 4.77
CA THR H 183 -13.60 -42.27 3.53
C THR H 183 -14.42 -43.55 3.44
N GLY H 184 -14.26 -44.47 4.39
CA GLY H 184 -14.96 -45.74 4.37
C GLY H 184 -16.00 -45.86 5.44
N THR H 185 -15.63 -46.49 6.56
CA THR H 185 -16.58 -46.74 7.64
C THR H 185 -17.11 -45.46 8.27
N PHE H 186 -16.43 -44.32 8.09
CA PHE H 186 -16.90 -43.08 8.70
C PHE H 186 -18.16 -42.57 8.01
N GLN H 187 -18.16 -42.57 6.67
CA GLN H 187 -19.37 -42.12 5.96
C GLN H 187 -20.49 -43.15 6.05
N VAL H 188 -20.16 -44.44 6.14
CA VAL H 188 -21.16 -45.45 6.41
C VAL H 188 -21.78 -45.22 7.79
N PHE H 189 -20.94 -44.90 8.77
CA PHE H 189 -21.43 -44.58 10.10
C PHE H 189 -22.33 -43.35 10.09
N LEU H 190 -21.95 -42.33 9.31
CA LEU H 190 -22.79 -41.15 9.17
C LEU H 190 -24.14 -41.48 8.55
N LEU H 191 -24.15 -42.31 7.51
CA LEU H 191 -25.40 -42.70 6.88
C LEU H 191 -26.29 -43.49 7.83
N VAL H 192 -25.71 -44.42 8.58
CA VAL H 192 -26.49 -45.19 9.55
C VAL H 192 -27.01 -44.27 10.65
N GLN H 193 -26.18 -43.34 11.10
CA GLN H 193 -26.59 -42.40 12.15
C GLN H 193 -27.75 -41.53 11.68
N MET H 194 -27.69 -41.01 10.46
CA MET H 194 -28.77 -40.16 9.97
C MET H 194 -30.04 -40.97 9.72
N VAL H 195 -29.92 -42.22 9.26
CA VAL H 195 -31.10 -43.06 9.08
C VAL H 195 -31.77 -43.33 10.42
N LEU H 196 -30.96 -43.70 11.42
CA LEU H 196 -31.51 -43.95 12.75
C LEU H 196 -32.13 -42.70 13.34
N ASN H 197 -31.48 -41.55 13.13
CA ASN H 197 -32.00 -40.28 13.67
C ASN H 197 -33.32 -39.90 13.03
N LEU H 198 -33.44 -40.07 11.70
CA LEU H 198 -34.69 -39.74 11.04
C LEU H 198 -35.80 -40.71 11.46
N VAL H 199 -35.46 -41.99 11.64
CA VAL H 199 -36.45 -42.96 12.10
C VAL H 199 -36.93 -42.60 13.51
N CYS H 200 -36.00 -42.24 14.40
CA CYS H 200 -36.37 -41.87 15.76
C CYS H 200 -37.19 -40.58 15.79
N GLY H 201 -36.84 -39.62 14.95
CA GLY H 201 -37.64 -38.41 14.85
C GLY H 201 -39.04 -38.68 14.35
N LEU H 202 -39.17 -39.57 13.36
CA LEU H 202 -40.50 -39.97 12.89
C LEU H 202 -41.29 -40.65 14.01
N VAL H 203 -40.61 -41.48 14.80
CA VAL H 203 -41.27 -42.17 15.92
C VAL H 203 -41.79 -41.16 16.94
N CYS H 204 -40.95 -40.19 17.30
CA CYS H 204 -41.38 -39.17 18.26
C CYS H 204 -42.53 -38.33 17.70
N LEU H 205 -42.46 -37.98 16.42
CA LEU H 205 -43.51 -37.17 15.81
C LEU H 205 -44.84 -37.93 15.78
N VAL H 206 -44.83 -39.21 15.41
CA VAL H 206 -46.08 -39.95 15.37
C VAL H 206 -46.57 -40.26 16.78
N ALA H 207 -45.67 -40.36 17.75
CA ALA H 207 -46.09 -40.47 19.14
C ALA H 207 -46.86 -39.23 19.58
N CYS H 208 -46.32 -38.05 19.24
CA CYS H 208 -47.05 -36.81 19.50
C CYS H 208 -48.37 -36.78 18.74
N PHE H 209 -48.37 -37.29 17.51
CA PHE H 209 -49.57 -37.33 16.68
C PHE H 209 -50.67 -38.13 17.35
N VAL H 210 -50.35 -39.34 17.82
CA VAL H 210 -51.35 -40.15 18.50
C VAL H 210 -51.75 -39.52 19.83
N MET H 211 -50.79 -38.86 20.50
CA MET H 211 -51.09 -38.21 21.77
C MET H 211 -52.14 -37.13 21.60
N TRP H 212 -52.01 -36.27 20.59
CA TRP H 212 -53.02 -35.24 20.41
C TRP H 212 -54.24 -35.76 19.67
N LYS H 213 -54.15 -36.89 18.97
CA LYS H 213 -55.33 -37.54 18.41
C LYS H 213 -56.19 -38.18 19.49
N HIS H 214 -55.59 -38.46 20.65
CA HIS H 214 -56.35 -38.91 21.82
C HIS H 214 -56.54 -37.83 22.87
N ARG H 215 -55.96 -36.64 22.69
CA ARG H 215 -55.95 -35.62 23.73
C ARG H 215 -56.81 -34.40 23.43
N TYR H 216 -56.80 -33.91 22.20
CA TYR H 216 -57.44 -32.63 21.87
C TYR H 216 -58.95 -32.63 22.11
N MET I 1 -140.12 -24.71 16.81
CA MET I 1 -140.94 -23.93 15.89
C MET I 1 -140.70 -22.43 16.10
N ILE I 2 -140.80 -21.99 17.36
CA ILE I 2 -140.54 -20.58 17.68
C ILE I 2 -139.07 -20.25 17.48
N GLU I 3 -138.17 -21.13 17.92
CA GLU I 3 -136.75 -20.91 17.71
C GLU I 3 -136.40 -20.96 16.24
N ASP I 4 -137.07 -21.82 15.47
CA ASP I 4 -136.86 -21.84 14.02
C ASP I 4 -137.29 -20.52 13.39
N SER I 5 -138.42 -19.96 13.83
CA SER I 5 -138.86 -18.67 13.33
C SER I 5 -137.87 -17.57 13.70
N GLY I 6 -137.33 -17.61 14.92
CA GLY I 6 -136.33 -16.63 15.31
C GLY I 6 -135.07 -16.72 14.49
N LYS I 7 -134.59 -17.94 14.24
CA LYS I 7 -133.41 -18.12 13.40
C LYS I 7 -133.65 -17.66 11.98
N ARG I 8 -134.84 -17.96 11.43
CA ARG I 8 -135.17 -17.50 10.09
C ARG I 8 -135.21 -15.99 10.02
N GLY I 9 -135.80 -15.34 11.03
CA GLY I 9 -135.81 -13.88 11.07
C GLY I 9 -134.41 -13.29 11.18
N ASN I 10 -133.56 -13.91 11.99
CA ASN I 10 -132.18 -13.44 12.10
C ASN I 10 -131.44 -13.57 10.78
N THR I 11 -131.60 -14.70 10.08
CA THR I 11 -130.94 -14.89 8.80
C THR I 11 -131.46 -13.91 7.76
N MET I 12 -132.77 -13.65 7.74
CA MET I 12 -133.33 -12.67 6.82
C MET I 12 -132.82 -11.27 7.12
N ALA I 13 -132.70 -10.92 8.40
CA ALA I 13 -132.16 -9.62 8.78
C ALA I 13 -130.71 -9.49 8.36
N GLU I 14 -129.92 -10.56 8.52
CA GLU I 14 -128.52 -10.52 8.10
C GLU I 14 -128.41 -10.37 6.58
N ARG I 15 -129.26 -11.07 5.82
CA ARG I 15 -129.25 -10.92 4.37
C ARG I 15 -129.65 -9.51 3.95
N ARG I 16 -130.65 -8.94 4.64
CA ARG I 16 -131.06 -7.56 4.36
C ARG I 16 -129.94 -6.58 4.67
N GLN I 17 -129.23 -6.80 5.78
CA GLN I 17 -128.10 -5.94 6.12
C GLN I 17 -126.98 -6.04 5.08
N LEU I 18 -126.71 -7.26 4.62
CA LEU I 18 -125.67 -7.45 3.59
C LEU I 18 -126.06 -6.74 2.29
N PHE I 19 -127.33 -6.86 1.89
CA PHE I 19 -127.77 -6.19 0.66
C PHE I 19 -127.76 -4.67 0.83
N ALA I 20 -128.12 -4.19 2.03
CA ALA I 20 -128.07 -2.75 2.28
C ALA I 20 -126.63 -2.24 2.24
N GLU I 21 -125.69 -3.01 2.77
CA GLU I 21 -124.28 -2.63 2.68
C GLU I 21 -123.79 -2.64 1.24
N MET I 22 -124.23 -3.62 0.45
CA MET I 22 -123.87 -3.67 -0.96
C MET I 22 -124.41 -2.46 -1.72
N ARG I 23 -125.66 -2.08 -1.44
CA ARG I 23 -126.25 -0.92 -2.10
C ARG I 23 -125.63 0.38 -1.60
N ALA I 24 -125.16 0.41 -0.36
CA ALA I 24 -124.53 1.60 0.20
C ALA I 24 -123.10 1.80 -0.28
N GLN I 25 -122.51 0.81 -0.95
CA GLN I 25 -121.16 0.94 -1.49
C GLN I 25 -121.11 1.75 -2.77
N ASP I 26 -122.27 2.19 -3.28
CA ASP I 26 -122.38 3.00 -4.50
C ASP I 26 -121.82 2.27 -5.72
N LEU I 27 -121.86 0.94 -5.70
CA LEU I 27 -121.45 0.17 -6.86
C LEU I 27 -122.50 0.17 -7.96
N ASP I 28 -123.76 0.48 -7.63
CA ASP I 28 -124.80 0.55 -8.64
C ASP I 28 -124.66 1.78 -9.53
N ARG I 29 -123.95 2.81 -9.06
CA ARG I 29 -123.68 3.98 -9.88
C ARG I 29 -122.69 3.69 -11.01
N ILE I 30 -122.00 2.55 -10.95
CA ILE I 30 -121.06 2.19 -12.00
C ILE I 30 -121.82 1.93 -13.30
N ARG I 31 -121.41 2.62 -14.37
CA ARG I 31 -122.12 2.49 -15.64
C ARG I 31 -121.80 1.16 -16.32
N LEU I 32 -120.55 0.72 -16.25
CA LEU I 32 -120.16 -0.54 -16.89
C LEU I 32 -120.76 -1.71 -16.11
N SER I 33 -121.52 -2.56 -16.81
CA SER I 33 -122.16 -3.69 -16.15
C SER I 33 -121.14 -4.73 -15.71
N THR I 34 -120.12 -4.98 -16.54
CA THR I 34 -119.10 -5.97 -16.18
C THR I 34 -118.33 -5.55 -14.93
N TYR I 35 -117.87 -4.30 -14.89
CA TYR I 35 -117.13 -3.83 -13.72
C TYR I 35 -118.03 -3.70 -12.50
N ARG I 36 -119.30 -3.32 -12.68
CA ARG I 36 -120.22 -3.29 -11.56
C ARG I 36 -120.42 -4.68 -10.97
N THR I 37 -120.62 -5.69 -11.83
CA THR I 37 -120.78 -7.06 -11.35
C THR I 37 -119.51 -7.56 -10.67
N ALA I 38 -118.34 -7.23 -11.24
CA ALA I 38 -117.08 -7.64 -10.62
C ALA I 38 -116.90 -6.99 -9.25
N CYS I 39 -117.24 -5.70 -9.14
CA CYS I 39 -117.12 -5.00 -7.86
C CYS I 39 -118.08 -5.57 -6.83
N LYS I 40 -119.31 -5.87 -7.24
CA LYS I 40 -120.27 -6.47 -6.32
C LYS I 40 -119.80 -7.84 -5.85
N LEU I 41 -119.27 -8.66 -6.77
CA LEU I 41 -118.74 -9.97 -6.38
C LEU I 41 -117.56 -9.83 -5.44
N ARG I 42 -116.67 -8.86 -5.70
CA ARG I 42 -115.52 -8.63 -4.83
C ARG I 42 -115.96 -8.19 -3.44
N PHE I 43 -116.95 -7.30 -3.37
CA PHE I 43 -117.45 -6.85 -2.07
C PHE I 43 -118.11 -7.98 -1.30
N VAL I 44 -118.87 -8.82 -2.00
CA VAL I 44 -119.49 -9.98 -1.34
C VAL I 44 -118.43 -10.95 -0.84
N GLN I 45 -117.40 -11.19 -1.66
CA GLN I 45 -116.34 -12.11 -1.26
C GLN I 45 -115.55 -11.56 -0.06
N LYS I 46 -115.30 -10.25 -0.04
CA LYS I 46 -114.53 -9.66 1.05
C LYS I 46 -115.35 -9.60 2.34
N LYS I 47 -116.63 -9.27 2.22
CA LYS I 47 -117.49 -9.22 3.42
C LYS I 47 -117.66 -10.61 4.02
N CYS I 48 -117.80 -11.64 3.18
CA CYS I 48 -117.90 -13.01 3.64
C CYS I 48 -116.53 -13.65 3.89
N ASN I 49 -115.44 -12.93 3.62
CA ASN I 49 -114.08 -13.40 3.82
C ASN I 49 -113.79 -14.68 3.04
N LEU I 50 -114.50 -14.86 1.92
CA LEU I 50 -114.32 -16.04 1.08
C LEU I 50 -113.14 -15.90 0.14
N HIS I 51 -112.50 -14.73 0.10
CA HIS I 51 -111.27 -14.57 -0.65
C HIS I 51 -110.09 -15.29 0.00
N LEU I 52 -110.22 -15.63 1.28
CA LEU I 52 -109.19 -16.34 2.02
C LEU I 52 -109.30 -17.86 1.86
N VAL I 53 -110.31 -18.35 1.14
CA VAL I 53 -110.54 -19.77 0.96
C VAL I 53 -110.24 -20.12 -0.50
N ASP I 54 -109.35 -21.09 -0.70
CA ASP I 54 -109.02 -21.55 -2.04
C ASP I 54 -109.92 -22.72 -2.42
N ILE I 55 -109.72 -23.23 -3.64
CA ILE I 55 -110.52 -24.36 -4.12
C ILE I 55 -110.18 -25.63 -3.35
N TRP I 56 -108.94 -25.76 -2.86
CA TRP I 56 -108.52 -26.98 -2.21
C TRP I 56 -109.20 -27.17 -0.86
N ASN I 57 -109.43 -26.07 -0.13
CA ASN I 57 -110.18 -26.16 1.12
C ASN I 57 -111.60 -26.65 0.87
N VAL I 58 -112.25 -26.15 -0.17
CA VAL I 58 -113.59 -26.61 -0.53
C VAL I 58 -113.56 -28.08 -0.91
N ILE I 59 -112.55 -28.49 -1.67
CA ILE I 59 -112.44 -29.88 -2.10
C ILE I 59 -112.31 -30.81 -0.90
N GLU I 60 -111.42 -30.44 0.04
CA GLU I 60 -111.24 -31.26 1.23
C GLU I 60 -112.49 -31.28 2.10
N ALA I 61 -113.18 -30.14 2.20
CA ALA I 61 -114.40 -30.07 3.00
C ALA I 61 -115.50 -30.95 2.41
N LEU I 62 -115.67 -30.91 1.08
CA LEU I 62 -116.71 -31.75 0.47
C LEU I 62 -116.31 -33.22 0.51
N ARG I 63 -115.01 -33.52 0.46
CA ARG I 63 -114.57 -34.89 0.68
C ARG I 63 -114.89 -35.35 2.08
N GLU I 64 -114.75 -34.47 3.08
CA GLU I 64 -115.11 -34.82 4.45
C GLU I 64 -116.61 -35.06 4.57
N ASN I 65 -117.43 -34.23 3.94
CA ASN I 65 -118.88 -34.36 4.02
C ASN I 65 -119.44 -35.38 3.04
N ALA I 66 -118.58 -36.23 2.47
CA ALA I 66 -118.99 -37.31 1.55
C ALA I 66 -119.73 -36.76 0.33
N LEU I 67 -119.36 -35.56 -0.11
CA LEU I 67 -119.98 -34.95 -1.28
C LEU I 67 -119.26 -35.28 -2.58
N ASN I 68 -118.11 -35.96 -2.51
CA ASN I 68 -117.36 -36.26 -3.73
C ASN I 68 -117.99 -37.41 -4.52
N ASN I 69 -118.61 -38.38 -3.84
CA ASN I 69 -119.20 -39.54 -4.49
C ASN I 69 -120.72 -39.46 -4.55
N LEU I 70 -121.26 -38.24 -4.61
CA LEU I 70 -122.69 -38.03 -4.65
C LEU I 70 -123.11 -37.43 -5.99
N ASP I 71 -124.38 -37.62 -6.33
CA ASP I 71 -124.91 -37.09 -7.57
C ASP I 71 -124.93 -35.56 -7.53
N PRO I 72 -124.51 -34.89 -8.61
CA PRO I 72 -124.53 -33.42 -8.61
C PRO I 72 -125.92 -32.83 -8.43
N ASN I 73 -126.95 -33.47 -8.97
CA ASN I 73 -128.32 -32.97 -8.83
C ASN I 73 -129.03 -33.67 -7.68
N THR I 74 -128.50 -33.44 -6.48
CA THR I 74 -129.07 -33.98 -5.24
C THR I 74 -129.47 -32.81 -4.37
N GLU I 75 -130.77 -32.66 -4.13
CA GLU I 75 -131.27 -31.52 -3.36
C GLU I 75 -130.87 -31.66 -1.90
N LEU I 76 -130.32 -30.59 -1.34
CA LEU I 76 -129.83 -30.57 0.04
C LEU I 76 -130.96 -30.17 0.97
N ASN I 77 -131.19 -30.99 1.99
CA ASN I 77 -132.25 -30.72 2.95
C ASN I 77 -131.83 -29.62 3.93
N VAL I 78 -132.82 -29.08 4.63
CA VAL I 78 -132.56 -28.03 5.62
C VAL I 78 -132.11 -28.68 6.92
N ALA I 79 -130.94 -28.26 7.40
CA ALA I 79 -130.37 -28.81 8.62
C ALA I 79 -129.42 -27.78 9.22
N ARG I 80 -129.04 -28.01 10.49
CA ARG I 80 -128.10 -27.12 11.15
C ARG I 80 -126.74 -27.15 10.44
N LEU I 81 -126.20 -28.34 10.22
CA LEU I 81 -124.92 -28.54 9.51
C LEU I 81 -123.79 -27.74 10.15
N GLU I 82 -123.77 -27.71 11.49
CA GLU I 82 -122.77 -26.91 12.21
C GLU I 82 -121.36 -27.43 11.97
N ALA I 83 -121.18 -28.74 11.91
CA ALA I 83 -119.86 -29.28 11.63
C ALA I 83 -119.42 -29.02 10.20
N VAL I 84 -120.36 -28.81 9.27
CA VAL I 84 -119.99 -28.56 7.87
C VAL I 84 -119.21 -27.26 7.75
N LEU I 85 -119.74 -26.17 8.33
CA LEU I 85 -118.95 -24.93 8.35
C LEU I 85 -117.81 -25.00 9.33
N SER I 86 -117.93 -25.81 10.40
CA SER I 86 -116.83 -25.92 11.35
C SER I 86 -115.59 -26.51 10.70
N THR I 87 -115.77 -27.39 9.71
CA THR I 87 -114.62 -27.98 9.01
C THR I 87 -113.77 -26.91 8.36
N ILE I 88 -114.38 -26.05 7.55
CA ILE I 88 -113.64 -24.98 6.89
C ILE I 88 -113.12 -23.98 7.92
N PHE I 89 -113.93 -23.66 8.92
CA PHE I 89 -113.54 -22.67 9.92
C PHE I 89 -112.29 -23.12 10.68
N TYR I 90 -112.25 -24.39 11.11
CA TYR I 90 -111.11 -24.88 11.86
C TYR I 90 -109.91 -25.13 10.95
N GLN I 91 -110.15 -25.53 9.69
CA GLN I 91 -109.06 -25.65 8.73
C GLN I 91 -108.38 -24.30 8.52
N LEU I 92 -109.14 -23.22 8.47
CA LEU I 92 -108.56 -21.89 8.37
C LEU I 92 -107.88 -21.47 9.66
N ASN I 93 -108.53 -21.75 10.81
CA ASN I 93 -108.00 -21.29 12.09
C ASN I 93 -106.67 -21.97 12.43
N LYS I 94 -106.53 -23.26 12.09
CA LYS I 94 -105.27 -23.94 12.33
C LYS I 94 -104.14 -23.37 11.48
N ARG I 95 -104.47 -22.83 10.31
CA ARG I 95 -103.45 -22.28 9.41
C ARG I 95 -103.24 -20.79 9.62
N MET I 96 -104.30 -20.06 9.95
CA MET I 96 -104.20 -18.62 10.15
C MET I 96 -103.73 -18.31 11.57
N PRO I 97 -103.10 -17.13 11.80
CA PRO I 97 -102.65 -16.77 13.15
C PRO I 97 -103.82 -16.23 13.98
N THR I 98 -103.65 -16.20 15.31
CA THR I 98 -104.74 -15.73 16.21
C THR I 98 -105.25 -14.37 15.75
N THR I 99 -104.36 -13.38 15.56
CA THR I 99 -104.82 -12.05 15.21
C THR I 99 -105.50 -12.03 13.85
N HIS I 100 -105.09 -12.91 12.94
CA HIS I 100 -105.66 -12.97 11.59
C HIS I 100 -106.78 -14.01 11.53
N GLN I 101 -107.84 -13.72 12.28
CA GLN I 101 -109.02 -14.58 12.33
C GLN I 101 -110.27 -13.73 12.18
N ILE I 102 -111.37 -14.40 11.81
CA ILE I 102 -112.60 -13.71 11.47
C ILE I 102 -113.74 -14.18 12.37
N HIS I 103 -114.94 -13.65 12.15
CA HIS I 103 -116.10 -14.00 12.95
C HIS I 103 -116.52 -15.45 12.68
N VAL I 104 -117.36 -15.96 13.58
CA VAL I 104 -117.80 -17.35 13.52
C VAL I 104 -119.15 -17.48 12.81
N GLU I 105 -120.11 -16.61 13.15
CA GLU I 105 -121.44 -16.72 12.59
C GLU I 105 -121.64 -15.81 11.38
N GLN I 106 -121.09 -14.60 11.42
CA GLN I 106 -121.24 -13.67 10.30
C GLN I 106 -120.53 -14.18 9.06
N SER I 107 -119.45 -14.95 9.23
CA SER I 107 -118.64 -15.38 8.10
C SER I 107 -119.40 -16.34 7.19
N ILE I 108 -120.25 -17.19 7.77
CA ILE I 108 -120.89 -18.28 7.04
C ILE I 108 -122.38 -18.05 6.88
N SER I 109 -123.03 -17.44 7.87
CA SER I 109 -124.47 -17.19 7.76
C SER I 109 -124.79 -16.26 6.61
N LEU I 110 -123.96 -15.23 6.40
CA LEU I 110 -124.14 -14.36 5.24
C LEU I 110 -123.94 -15.12 3.94
N LEU I 111 -122.96 -16.04 3.91
CA LEU I 111 -122.74 -16.87 2.72
C LEU I 111 -123.95 -17.75 2.43
N LEU I 112 -124.54 -18.33 3.48
CA LEU I 112 -125.73 -19.15 3.30
C LEU I 112 -126.91 -18.32 2.81
N ASN I 113 -127.07 -17.11 3.35
CA ASN I 113 -128.14 -16.22 2.88
C ASN I 113 -127.93 -15.85 1.42
N PHE I 114 -126.70 -15.56 1.02
CA PHE I 114 -126.43 -15.22 -0.37
C PHE I 114 -126.65 -16.43 -1.28
N LEU I 115 -126.30 -17.63 -0.83
CA LEU I 115 -126.58 -18.83 -1.60
C LEU I 115 -128.07 -19.05 -1.76
N LEU I 116 -128.84 -18.80 -0.70
CA LEU I 116 -130.30 -18.89 -0.80
C LEU I 116 -130.85 -17.87 -1.78
N ALA I 117 -130.30 -16.65 -1.77
CA ALA I 117 -130.73 -15.63 -2.71
C ALA I 117 -130.40 -16.01 -4.14
N ALA I 118 -129.23 -16.62 -4.36
CA ALA I 118 -128.77 -16.95 -5.71
C ALA I 118 -129.50 -18.16 -6.28
N PHE I 119 -129.77 -19.17 -5.46
CA PHE I 119 -130.25 -20.45 -5.97
C PHE I 119 -131.64 -20.84 -5.49
N ASP I 120 -132.18 -20.20 -4.46
CA ASP I 120 -133.50 -20.54 -3.92
C ASP I 120 -134.34 -19.27 -3.80
N PRO I 121 -134.82 -18.74 -4.93
CA PRO I 121 -135.68 -17.54 -4.86
C PRO I 121 -137.07 -17.82 -4.34
N GLU I 122 -137.53 -19.07 -4.40
CA GLU I 122 -138.87 -19.44 -3.94
C GLU I 122 -138.88 -19.92 -2.49
N GLY I 123 -137.73 -19.99 -1.84
CA GLY I 123 -137.66 -20.48 -0.47
C GLY I 123 -138.01 -21.94 -0.32
N HIS I 124 -137.63 -22.77 -1.28
CA HIS I 124 -137.94 -24.19 -1.19
C HIS I 124 -137.10 -24.89 -0.13
N GLY I 125 -135.87 -24.43 0.09
CA GLY I 125 -134.97 -25.07 1.02
C GLY I 125 -134.22 -26.26 0.48
N LYS I 126 -134.37 -26.58 -0.80
CA LYS I 126 -133.70 -27.71 -1.44
C LYS I 126 -132.84 -27.19 -2.58
N ILE I 127 -131.53 -27.29 -2.43
CA ILE I 127 -130.58 -26.86 -3.45
C ILE I 127 -129.77 -28.08 -3.88
N SER I 128 -129.60 -28.24 -5.19
CA SER I 128 -128.83 -29.35 -5.72
C SER I 128 -127.36 -29.22 -5.33
N VAL I 129 -126.67 -30.36 -5.27
CA VAL I 129 -125.26 -30.36 -4.92
C VAL I 129 -124.45 -29.63 -5.99
N PHE I 130 -124.85 -29.74 -7.25
CA PHE I 130 -124.12 -29.12 -8.34
C PHE I 130 -124.09 -27.60 -8.20
N ALA I 131 -125.21 -26.99 -7.83
CA ALA I 131 -125.29 -25.53 -7.74
C ALA I 131 -124.36 -24.99 -6.66
N VAL I 132 -124.46 -25.53 -5.45
CA VAL I 132 -123.62 -25.05 -4.35
C VAL I 132 -122.15 -25.39 -4.61
N LYS I 133 -121.89 -26.56 -5.20
CA LYS I 133 -120.52 -26.95 -5.50
C LYS I 133 -119.88 -26.01 -6.51
N MET I 134 -120.61 -25.65 -7.58
CA MET I 134 -120.09 -24.70 -8.56
C MET I 134 -119.94 -23.31 -7.97
N ALA I 135 -120.87 -22.90 -7.11
CA ALA I 135 -120.76 -21.59 -6.47
C ALA I 135 -119.52 -21.53 -5.58
N LEU I 136 -119.25 -22.58 -4.82
CA LEU I 136 -118.07 -22.61 -3.98
C LEU I 136 -116.78 -22.72 -4.80
N ALA I 137 -116.83 -23.43 -5.93
CA ALA I 137 -115.66 -23.52 -6.80
C ALA I 137 -115.35 -22.17 -7.46
N THR I 138 -116.38 -21.40 -7.80
CA THR I 138 -116.16 -20.14 -8.49
C THR I 138 -115.80 -19.01 -7.53
N LEU I 139 -116.58 -18.83 -6.47
CA LEU I 139 -116.42 -17.69 -5.59
C LEU I 139 -115.23 -17.80 -4.64
N CYS I 140 -114.58 -18.95 -4.56
CA CYS I 140 -113.44 -19.10 -3.68
C CYS I 140 -112.22 -18.37 -4.24
N GLY I 141 -111.29 -18.03 -3.33
CA GLY I 141 -110.08 -17.34 -3.71
C GLY I 141 -109.02 -18.29 -4.26
N GLY I 142 -107.84 -17.73 -4.47
CA GLY I 142 -106.74 -18.50 -5.02
C GLY I 142 -106.45 -18.19 -6.46
N LYS I 143 -106.14 -19.21 -7.26
CA LYS I 143 -105.84 -19.05 -8.67
C LYS I 143 -107.02 -19.53 -9.50
N ILE I 144 -107.41 -18.73 -10.49
CA ILE I 144 -108.55 -19.07 -11.34
C ILE I 144 -108.27 -20.34 -12.14
N MET I 145 -107.00 -20.64 -12.41
CA MET I 145 -106.65 -21.82 -13.19
C MET I 145 -107.05 -23.10 -12.47
N ASP I 146 -106.80 -23.18 -11.16
CA ASP I 146 -107.12 -24.40 -10.42
C ASP I 146 -108.63 -24.61 -10.33
N LYS I 147 -109.38 -23.55 -10.02
CA LYS I 147 -110.83 -23.68 -9.96
C LYS I 147 -111.42 -24.03 -11.32
N LEU I 148 -110.88 -23.44 -12.38
CA LEU I 148 -111.39 -23.75 -13.72
C LEU I 148 -111.05 -25.18 -14.12
N ARG I 149 -109.86 -25.67 -13.73
CA ARG I 149 -109.52 -27.06 -13.99
C ARG I 149 -110.44 -28.00 -13.23
N TYR I 150 -110.77 -27.67 -11.99
CA TYR I 150 -111.72 -28.46 -11.21
C TYR I 150 -113.10 -28.47 -11.88
N ILE I 151 -113.54 -27.31 -12.35
CA ILE I 151 -114.85 -27.21 -13.01
C ILE I 151 -114.86 -28.05 -14.29
N PHE I 152 -113.80 -27.94 -15.10
CA PHE I 152 -113.72 -28.75 -16.30
C PHE I 152 -113.64 -30.24 -15.98
N SER I 153 -113.03 -30.59 -14.85
CA SER I 153 -113.02 -31.99 -14.43
C SER I 153 -114.42 -32.48 -14.09
N MET I 154 -115.23 -31.64 -13.45
CA MET I 154 -116.57 -32.07 -13.05
C MET I 154 -117.62 -31.89 -14.13
N ILE I 155 -117.35 -31.14 -15.20
CA ILE I 155 -118.29 -31.01 -16.30
C ILE I 155 -117.90 -31.89 -17.48
N SER I 156 -116.89 -32.72 -17.33
CA SER I 156 -116.44 -33.62 -18.39
C SER I 156 -116.65 -35.07 -17.96
N ASP I 157 -116.42 -35.97 -18.91
CA ASP I 157 -116.56 -37.40 -18.66
C ASP I 157 -115.21 -37.98 -18.22
N SER I 158 -115.11 -39.31 -18.20
CA SER I 158 -113.86 -39.96 -17.83
C SER I 158 -112.79 -39.80 -18.90
N SER I 159 -113.17 -39.41 -20.12
CA SER I 159 -112.22 -39.23 -21.21
C SER I 159 -111.68 -37.82 -21.31
N GLY I 160 -112.11 -36.91 -20.44
CA GLY I 160 -111.63 -35.54 -20.46
C GLY I 160 -112.32 -34.63 -21.45
N VAL I 161 -113.44 -35.05 -22.02
CA VAL I 161 -114.20 -34.23 -22.97
C VAL I 161 -115.40 -33.65 -22.25
N MET I 162 -115.55 -32.33 -22.32
CA MET I 162 -116.64 -31.66 -21.62
C MET I 162 -117.99 -32.09 -22.20
N VAL I 163 -118.96 -32.29 -21.30
CA VAL I 163 -120.31 -32.68 -21.70
C VAL I 163 -121.13 -31.42 -21.92
N TYR I 164 -121.82 -31.37 -23.06
CA TYR I 164 -122.59 -30.17 -23.40
C TYR I 164 -123.74 -29.95 -22.43
N GLY I 165 -124.39 -31.02 -21.98
CA GLY I 165 -125.42 -30.88 -20.97
C GLY I 165 -124.87 -30.43 -19.62
N ARG I 166 -123.76 -31.02 -19.20
CA ARG I 166 -123.14 -30.61 -17.95
C ARG I 166 -122.63 -29.18 -18.02
N TYR I 167 -122.03 -28.79 -19.15
CA TYR I 167 -121.59 -27.40 -19.31
C TYR I 167 -122.77 -26.44 -19.34
N ASP I 168 -123.88 -26.85 -19.97
CA ASP I 168 -125.08 -26.03 -19.99
C ASP I 168 -125.64 -25.83 -18.59
N GLN I 169 -125.69 -26.90 -17.79
CA GLN I 169 -126.15 -26.77 -16.41
C GLN I 169 -125.19 -25.92 -15.58
N PHE I 170 -123.89 -26.04 -15.84
CA PHE I 170 -122.91 -25.20 -15.16
C PHE I 170 -123.14 -23.73 -15.49
N LEU I 171 -123.38 -23.41 -16.76
CA LEU I 171 -123.68 -22.03 -17.14
C LEU I 171 -124.96 -21.55 -16.49
N ARG I 172 -125.97 -22.42 -16.43
CA ARG I 172 -127.22 -22.07 -15.76
C ARG I 172 -126.98 -21.72 -14.29
N GLU I 173 -126.18 -22.53 -13.61
CA GLU I 173 -125.93 -22.29 -12.19
C GLU I 173 -125.10 -21.03 -11.96
N VAL I 174 -124.10 -20.79 -12.81
CA VAL I 174 -123.22 -19.65 -12.57
C VAL I 174 -123.84 -18.33 -13.03
N LEU I 175 -124.80 -18.36 -13.95
CA LEU I 175 -125.45 -17.13 -14.37
C LEU I 175 -126.59 -16.73 -13.43
N LYS I 176 -126.90 -17.56 -12.43
CA LYS I 176 -127.78 -17.13 -11.35
C LYS I 176 -127.06 -16.20 -10.37
N LEU I 177 -125.73 -16.26 -10.32
CA LEU I 177 -124.99 -15.37 -9.44
C LEU I 177 -125.14 -13.89 -9.80
N PRO I 178 -125.07 -13.47 -11.08
CA PRO I 178 -125.42 -12.06 -11.37
C PRO I 178 -126.83 -11.69 -10.98
N THR I 179 -127.78 -12.63 -11.05
CA THR I 179 -129.13 -12.36 -10.60
C THR I 179 -129.17 -12.10 -9.09
N ALA I 180 -128.26 -12.74 -8.33
CA ALA I 180 -128.22 -12.50 -6.90
C ALA I 180 -127.75 -11.10 -6.57
N VAL I 181 -126.89 -10.52 -7.39
CA VAL I 181 -126.40 -9.16 -7.16
C VAL I 181 -127.12 -8.15 -8.05
N PHE I 182 -128.33 -8.47 -8.50
CA PHE I 182 -129.16 -7.59 -9.32
C PHE I 182 -128.46 -7.20 -10.62
N GLU I 183 -127.98 -8.21 -11.34
CA GLU I 183 -127.37 -8.03 -12.65
C GLU I 183 -127.99 -8.97 -13.68
N GLY I 184 -129.26 -9.31 -13.49
CA GLY I 184 -129.97 -10.20 -14.38
C GLY I 184 -130.10 -9.68 -15.81
N PRO I 185 -130.61 -8.46 -15.99
CA PRO I 185 -130.59 -7.85 -17.33
C PRO I 185 -129.18 -7.66 -17.87
N SER I 186 -128.19 -7.43 -17.01
CA SER I 186 -126.82 -7.26 -17.47
C SER I 186 -126.22 -8.59 -17.92
N PHE I 187 -126.20 -9.58 -17.03
CA PHE I 187 -125.66 -10.91 -17.34
C PHE I 187 -126.69 -11.95 -16.91
N GLY I 188 -127.62 -12.26 -17.82
CA GLY I 188 -128.61 -13.29 -17.56
C GLY I 188 -128.43 -14.48 -18.48
N TYR I 189 -129.03 -15.61 -18.12
CA TYR I 189 -128.88 -16.81 -18.94
C TYR I 189 -129.68 -16.68 -20.23
N THR I 190 -129.05 -17.04 -21.34
CA THR I 190 -129.69 -17.03 -22.65
C THR I 190 -129.47 -18.38 -23.32
N GLU I 191 -130.37 -18.69 -24.26
CA GLU I 191 -130.30 -19.97 -24.96
C GLU I 191 -129.11 -20.06 -25.92
N GLN I 192 -128.51 -18.93 -26.27
CA GLN I 192 -127.42 -18.89 -27.23
C GLN I 192 -126.07 -18.58 -26.58
N SER I 193 -125.99 -18.56 -25.25
CA SER I 193 -124.72 -18.29 -24.58
C SER I 193 -123.75 -19.46 -24.76
N ALA I 194 -124.25 -20.69 -24.61
CA ALA I 194 -123.40 -21.87 -24.79
C ALA I 194 -122.93 -21.99 -26.23
N ARG I 195 -123.80 -21.68 -27.20
CA ARG I 195 -123.41 -21.71 -28.59
C ARG I 195 -122.36 -20.66 -28.90
N SER I 196 -122.50 -19.46 -28.33
CA SER I 196 -121.51 -18.40 -28.54
C SER I 196 -120.17 -18.78 -27.90
N CYS I 197 -120.20 -19.40 -26.72
CA CYS I 197 -118.96 -19.76 -26.05
C CYS I 197 -118.26 -20.91 -26.75
N PHE I 198 -119.00 -21.95 -27.11
CA PHE I 198 -118.42 -23.15 -27.69
C PHE I 198 -119.32 -23.67 -28.82
N SER I 199 -118.70 -24.33 -29.79
CA SER I 199 -119.43 -24.93 -30.88
C SER I 199 -119.78 -26.37 -30.55
N GLN I 200 -120.92 -26.82 -31.09
CA GLN I 200 -121.41 -28.17 -30.82
C GLN I 200 -120.70 -29.24 -31.65
N GLN I 201 -119.91 -28.85 -32.65
CA GLN I 201 -119.21 -29.81 -33.49
C GLN I 201 -117.75 -30.01 -33.06
N LYS I 202 -117.00 -28.91 -32.91
CA LYS I 202 -115.61 -29.01 -32.54
C LYS I 202 -115.47 -29.50 -31.10
N LYS I 203 -114.63 -30.52 -30.90
CA LYS I 203 -114.39 -31.05 -29.57
C LYS I 203 -113.43 -30.14 -28.81
N VAL I 204 -113.77 -29.84 -27.57
CA VAL I 204 -113.00 -28.91 -26.75
C VAL I 204 -112.22 -29.71 -25.71
N THR I 205 -110.90 -29.59 -25.73
CA THR I 205 -110.04 -30.23 -24.74
C THR I 205 -109.84 -29.29 -23.56
N LEU I 206 -109.03 -29.74 -22.59
CA LEU I 206 -108.69 -28.87 -21.47
C LEU I 206 -107.90 -27.66 -21.93
N ASN I 207 -106.95 -27.87 -22.85
CA ASN I 207 -106.21 -26.74 -23.41
C ASN I 207 -107.14 -25.81 -24.18
N GLY I 208 -108.06 -26.37 -24.97
CA GLY I 208 -109.03 -25.55 -25.67
C GLY I 208 -109.96 -24.82 -24.73
N PHE I 209 -110.35 -25.48 -23.63
CA PHE I 209 -111.19 -24.84 -22.63
C PHE I 209 -110.49 -23.64 -22.01
N LEU I 210 -109.22 -23.83 -21.62
CA LEU I 210 -108.45 -22.73 -21.02
C LEU I 210 -108.23 -21.60 -22.01
N ASP I 211 -107.96 -21.93 -23.28
CA ASP I 211 -107.74 -20.89 -24.28
C ASP I 211 -109.04 -20.13 -24.58
N THR I 212 -110.16 -20.83 -24.60
CA THR I 212 -111.43 -20.19 -24.94
C THR I 212 -111.92 -19.28 -23.82
N LEU I 213 -111.87 -19.77 -22.57
CA LEU I 213 -112.39 -18.97 -21.48
C LEU I 213 -111.45 -17.83 -21.08
N MET I 214 -110.14 -18.00 -21.28
CA MET I 214 -109.18 -16.92 -21.07
C MET I 214 -108.77 -16.25 -22.38
N SER I 215 -109.64 -16.28 -23.38
CA SER I 215 -109.36 -15.60 -24.64
C SER I 215 -109.44 -14.09 -24.46
N ASP I 216 -108.90 -13.37 -25.43
CA ASP I 216 -108.90 -11.91 -25.43
C ASP I 216 -109.72 -11.42 -26.61
N PRO I 217 -110.95 -10.93 -26.39
CA PRO I 217 -111.67 -10.80 -25.12
C PRO I 217 -112.36 -12.09 -24.69
N PRO I 218 -112.68 -12.21 -23.40
CA PRO I 218 -113.43 -13.39 -22.92
C PRO I 218 -114.86 -13.36 -23.42
N PRO I 219 -115.58 -14.48 -23.36
CA PRO I 219 -116.98 -14.49 -23.80
C PRO I 219 -117.84 -13.54 -22.98
N GLN I 220 -118.90 -13.03 -23.61
CA GLN I 220 -119.71 -11.97 -23.02
C GLN I 220 -120.39 -12.43 -21.74
N CYS I 221 -120.90 -13.67 -21.71
CA CYS I 221 -121.61 -14.13 -20.53
C CYS I 221 -120.69 -14.47 -19.37
N LEU I 222 -119.37 -14.55 -19.59
CA LEU I 222 -118.42 -14.86 -18.54
C LEU I 222 -117.25 -13.89 -18.51
N VAL I 223 -117.39 -12.71 -19.14
CA VAL I 223 -116.30 -11.75 -19.20
C VAL I 223 -115.96 -11.23 -17.80
N TRP I 224 -116.96 -11.16 -16.92
CA TRP I 224 -116.71 -10.75 -15.53
C TRP I 224 -116.03 -11.85 -14.71
N LEU I 225 -115.98 -13.08 -15.22
CA LEU I 225 -115.39 -14.16 -14.45
C LEU I 225 -113.89 -13.97 -14.20
N PRO I 226 -113.03 -13.68 -15.21
CA PRO I 226 -111.60 -13.48 -14.88
C PRO I 226 -111.35 -12.09 -14.32
N LEU I 227 -112.14 -11.11 -14.78
CA LEU I 227 -111.91 -9.72 -14.40
C LEU I 227 -112.02 -9.53 -12.89
N LEU I 228 -113.03 -10.17 -12.27
CA LEU I 228 -113.15 -10.14 -10.82
C LEU I 228 -111.88 -10.63 -10.15
N HIS I 229 -111.32 -11.75 -10.66
CA HIS I 229 -110.03 -12.21 -10.18
C HIS I 229 -108.97 -11.13 -10.34
N ARG I 230 -108.93 -10.48 -11.51
CA ARG I 230 -108.02 -9.36 -11.71
C ARG I 230 -108.34 -8.23 -10.74
N LEU I 231 -109.64 -8.00 -10.50
CA LEU I 231 -110.03 -6.98 -9.53
C LEU I 231 -109.56 -7.35 -8.14
N ALA I 232 -109.39 -8.65 -7.85
CA ALA I 232 -108.81 -9.06 -6.58
C ALA I 232 -107.31 -8.79 -6.54
N ASN I 233 -106.64 -8.88 -7.69
CA ASN I 233 -105.19 -8.72 -7.72
C ASN I 233 -104.76 -7.26 -7.67
N VAL I 234 -105.53 -6.37 -8.31
CA VAL I 234 -105.15 -4.96 -8.42
C VAL I 234 -105.78 -4.11 -7.32
N GLU I 235 -106.47 -4.72 -6.36
CA GLU I 235 -107.19 -3.95 -5.35
C GLU I 235 -106.26 -3.26 -4.36
N ASN I 236 -104.99 -3.61 -4.31
CA ASN I 236 -104.03 -3.02 -3.37
C ASN I 236 -102.74 -2.66 -4.08
N VAL I 237 -102.85 -1.99 -5.23
CA VAL I 237 -101.71 -1.57 -6.03
C VAL I 237 -101.61 -0.05 -5.95
N PHE I 238 -100.43 0.45 -5.60
CA PHE I 238 -100.19 1.88 -5.40
C PHE I 238 -99.60 2.49 -6.67
N HIS I 239 -100.16 3.62 -7.09
CA HIS I 239 -99.66 4.36 -8.25
C HIS I 239 -99.40 5.80 -7.81
N PRO I 240 -98.14 6.26 -7.85
CA PRO I 240 -97.82 7.66 -7.52
C PRO I 240 -97.99 8.61 -8.70
N VAL I 241 -99.15 8.56 -9.35
CA VAL I 241 -99.46 9.38 -10.51
C VAL I 241 -100.70 10.19 -10.21
N GLU I 242 -100.73 11.43 -10.68
CA GLU I 242 -101.89 12.28 -10.49
C GLU I 242 -103.00 11.91 -11.48
N CYS I 243 -104.22 12.32 -11.16
CA CYS I 243 -105.39 12.08 -12.00
C CYS I 243 -105.73 13.33 -12.80
N SER I 244 -106.84 13.25 -13.54
CA SER I 244 -107.29 14.37 -14.36
C SER I 244 -108.73 14.79 -14.09
N TYR I 245 -109.58 13.93 -13.56
CA TYR I 245 -110.95 14.31 -13.20
C TYR I 245 -111.05 14.66 -11.71
N CYS I 246 -110.71 13.71 -10.84
CA CYS I 246 -110.72 13.95 -9.40
C CYS I 246 -109.43 14.52 -8.88
N HIS I 247 -108.38 14.59 -9.71
CA HIS I 247 -107.07 15.14 -9.35
C HIS I 247 -106.50 14.47 -8.11
N SER I 248 -106.68 13.14 -8.01
CA SER I 248 -106.16 12.40 -6.88
C SER I 248 -104.65 12.30 -6.96
N GLU I 249 -103.97 12.60 -5.85
CA GLU I 249 -102.52 12.49 -5.82
C GLU I 249 -102.07 11.04 -5.97
N SER I 250 -102.78 10.11 -5.32
CA SER I 250 -102.49 8.70 -5.41
C SER I 250 -103.79 7.94 -5.69
N MET I 251 -103.72 6.98 -6.62
CA MET I 251 -104.86 6.18 -7.01
C MET I 251 -104.54 4.70 -6.79
N MET I 252 -105.50 3.98 -6.20
CA MET I 252 -105.36 2.56 -5.94
C MET I 252 -106.39 1.79 -6.76
N GLY I 253 -105.93 0.75 -7.46
CA GLY I 253 -106.80 -0.08 -8.26
C GLY I 253 -106.37 -0.11 -9.72
N PHE I 254 -107.35 -0.28 -10.59
CA PHE I 254 -107.08 -0.30 -12.03
C PHE I 254 -106.62 1.07 -12.51
N ARG I 255 -105.73 1.06 -13.50
CA ARG I 255 -105.28 2.28 -14.16
C ARG I 255 -105.82 2.30 -15.58
N TYR I 256 -106.20 3.49 -16.05
CA TYR I 256 -106.69 3.65 -17.41
C TYR I 256 -106.03 4.87 -18.03
N ARG I 257 -105.45 4.69 -19.21
CA ARG I 257 -104.75 5.76 -19.91
C ARG I 257 -105.36 5.96 -21.29
N CYS I 258 -105.62 7.21 -21.63
CA CYS I 258 -106.12 7.54 -22.97
C CYS I 258 -104.95 7.66 -23.93
N GLN I 259 -105.05 7.00 -25.07
CA GLN I 259 -104.00 7.03 -26.08
C GLN I 259 -104.16 8.18 -27.06
N GLN I 260 -105.17 9.03 -26.88
CA GLN I 260 -105.43 10.14 -27.78
C GLN I 260 -105.04 11.49 -27.18
N CYS I 261 -105.50 11.79 -25.97
CA CYS I 261 -105.22 13.07 -25.36
C CYS I 261 -103.82 13.09 -24.76
N HIS I 262 -103.41 14.24 -24.26
CA HIS I 262 -102.07 14.46 -23.71
C HIS I 262 -102.18 14.79 -22.23
N ASN I 263 -101.42 14.04 -21.41
CA ASN I 263 -101.36 14.25 -19.96
C ASN I 263 -102.73 14.16 -19.32
N TYR I 264 -103.47 13.11 -19.67
CA TYR I 264 -104.80 12.85 -19.12
C TYR I 264 -104.85 11.42 -18.61
N GLN I 265 -105.00 11.25 -17.30
CA GLN I 265 -105.09 9.94 -16.67
C GLN I 265 -106.26 9.93 -15.70
N LEU I 266 -106.90 8.77 -15.60
CA LEU I 266 -108.11 8.63 -14.78
C LEU I 266 -107.99 7.41 -13.87
N CYS I 267 -108.68 7.50 -12.73
CA CYS I 267 -108.69 6.40 -11.77
C CYS I 267 -109.76 5.37 -12.16
N GLN I 268 -109.88 4.32 -11.35
CA GLN I 268 -110.91 3.32 -11.59
C GLN I 268 -112.30 3.87 -11.28
N ASP I 269 -112.42 4.69 -10.23
CA ASP I 269 -113.70 5.26 -9.87
C ASP I 269 -114.20 6.24 -10.93
N CYS I 270 -113.30 7.06 -11.47
CA CYS I 270 -113.70 8.02 -12.50
C CYS I 270 -114.04 7.31 -13.81
N PHE I 271 -113.33 6.20 -14.11
CA PHE I 271 -113.59 5.49 -15.35
C PHE I 271 -114.88 4.69 -15.28
N TRP I 272 -115.15 4.04 -14.15
CA TRP I 272 -116.33 3.18 -14.03
C TRP I 272 -117.61 3.97 -13.88
N ARG I 273 -117.55 5.19 -13.36
CA ARG I 273 -118.74 6.00 -13.12
C ARG I 273 -119.07 6.94 -14.28
N GLY I 274 -118.36 6.82 -15.39
CA GLY I 274 -118.65 7.65 -16.56
C GLY I 274 -118.21 9.09 -16.44
N HIS I 275 -117.25 9.40 -15.57
CA HIS I 275 -116.78 10.76 -15.39
C HIS I 275 -115.85 11.14 -16.53
N ALA I 276 -116.08 12.33 -17.10
CA ALA I 276 -115.26 12.81 -18.20
C ALA I 276 -115.19 14.34 -18.14
N GLY I 277 -114.18 14.89 -18.79
CA GLY I 277 -114.00 16.34 -18.81
C GLY I 277 -112.99 16.74 -19.86
N GLY I 278 -113.00 18.03 -20.17
CA GLY I 278 -112.08 18.59 -21.14
C GLY I 278 -112.48 18.27 -22.57
N SER I 279 -111.54 18.50 -23.49
CA SER I 279 -111.75 18.19 -24.89
C SER I 279 -111.84 16.69 -25.15
N HIS I 280 -111.48 15.87 -24.16
CA HIS I 280 -111.60 14.43 -24.28
C HIS I 280 -113.06 14.02 -24.44
N SER I 281 -113.30 12.99 -25.24
CA SER I 281 -114.63 12.45 -25.47
C SER I 281 -114.72 11.04 -24.91
N ASN I 282 -115.95 10.65 -24.53
CA ASN I 282 -116.16 9.35 -23.89
C ASN I 282 -115.93 8.18 -24.84
N GLN I 283 -116.06 8.38 -26.14
CA GLN I 283 -115.88 7.29 -27.10
C GLN I 283 -114.42 6.96 -27.35
N HIS I 284 -113.49 7.74 -26.82
CA HIS I 284 -112.07 7.45 -26.99
C HIS I 284 -111.69 6.16 -26.29
N GLN I 285 -110.78 5.41 -26.90
CA GLN I 285 -110.35 4.14 -26.35
C GLN I 285 -109.44 4.36 -25.13
N MET I 286 -109.55 3.45 -24.17
CA MET I 286 -108.73 3.45 -22.97
C MET I 286 -107.89 2.18 -22.91
N LYS I 287 -106.63 2.33 -22.54
CA LYS I 287 -105.73 1.20 -22.33
C LYS I 287 -105.62 0.96 -20.82
N GLU I 288 -105.83 -0.30 -20.42
CA GLU I 288 -105.85 -0.65 -19.01
C GLU I 288 -104.46 -1.09 -18.56
N TYR I 289 -103.96 -0.45 -17.50
CA TYR I 289 -102.72 -0.80 -16.85
C TYR I 289 -103.03 -1.36 -15.48
N THR I 290 -102.53 -2.57 -15.21
CA THR I 290 -102.70 -3.21 -13.91
C THR I 290 -101.53 -2.93 -12.97
N SER I 291 -100.55 -2.15 -13.41
CA SER I 291 -99.40 -1.84 -12.57
C SER I 291 -98.81 -0.48 -12.97
#